data_2F5Y
# 
_entry.id   2F5Y 
# 
_audit_conform.dict_name       mmcif_pdbx.dic 
_audit_conform.dict_version    5.397 
_audit_conform.dict_location   http://mmcif.pdb.org/dictionaries/ascii/mmcif_pdbx.dic 
# 
loop_
_database_2.database_id 
_database_2.database_code 
_database_2.pdbx_database_accession 
_database_2.pdbx_DOI 
PDB   2F5Y         pdb_00002f5y 10.2210/pdb2f5y/pdb 
RCSB  RCSB035491   ?            ?                   
WWPDB D_1000035491 ?            ?                   
# 
loop_
_pdbx_audit_revision_history.ordinal 
_pdbx_audit_revision_history.data_content_type 
_pdbx_audit_revision_history.major_revision 
_pdbx_audit_revision_history.minor_revision 
_pdbx_audit_revision_history.revision_date 
1 'Structure model' 1 0 2005-12-13 
2 'Structure model' 1 1 2008-05-01 
3 'Structure model' 1 2 2011-07-13 
4 'Structure model' 1 3 2023-08-23 
5 'Structure model' 1 4 2024-10-16 
# 
_pdbx_audit_revision_details.ordinal             1 
_pdbx_audit_revision_details.revision_ordinal    1 
_pdbx_audit_revision_details.data_content_type   'Structure model' 
_pdbx_audit_revision_details.provider            repository 
_pdbx_audit_revision_details.type                'Initial release' 
_pdbx_audit_revision_details.description         ? 
_pdbx_audit_revision_details.details             ? 
# 
loop_
_pdbx_audit_revision_group.ordinal 
_pdbx_audit_revision_group.revision_ordinal 
_pdbx_audit_revision_group.data_content_type 
_pdbx_audit_revision_group.group 
1 2 'Structure model' 'Version format compliance' 
2 3 'Structure model' Advisory                    
3 3 'Structure model' 'Version format compliance' 
4 4 'Structure model' 'Data collection'           
5 4 'Structure model' 'Database references'       
6 4 'Structure model' 'Derived calculations'      
7 4 'Structure model' 'Refinement description'    
8 5 'Structure model' 'Structure summary'         
# 
loop_
_pdbx_audit_revision_category.ordinal 
_pdbx_audit_revision_category.revision_ordinal 
_pdbx_audit_revision_category.data_content_type 
_pdbx_audit_revision_category.category 
1 4 'Structure model' chem_comp_atom                
2 4 'Structure model' chem_comp_bond                
3 4 'Structure model' database_2                    
4 4 'Structure model' pdbx_initial_refinement_model 
5 4 'Structure model' struct_ncs_dom_lim            
6 4 'Structure model' struct_ref_seq_dif            
7 4 'Structure model' struct_site                   
8 5 'Structure model' pdbx_entry_details            
9 5 'Structure model' pdbx_modification_feature     
# 
loop_
_pdbx_audit_revision_item.ordinal 
_pdbx_audit_revision_item.revision_ordinal 
_pdbx_audit_revision_item.data_content_type 
_pdbx_audit_revision_item.item 
1 4 'Structure model' '_database_2.pdbx_DOI'                 
2 4 'Structure model' '_database_2.pdbx_database_accession'  
3 4 'Structure model' '_struct_ncs_dom_lim.beg_auth_comp_id' 
4 4 'Structure model' '_struct_ncs_dom_lim.end_auth_comp_id' 
5 4 'Structure model' '_struct_ref_seq_dif.details'          
6 4 'Structure model' '_struct_site.pdbx_auth_asym_id'       
7 4 'Structure model' '_struct_site.pdbx_auth_comp_id'       
8 4 'Structure model' '_struct_site.pdbx_auth_seq_id'        
# 
_pdbx_database_status.status_code                     REL 
_pdbx_database_status.entry_id                        2F5Y 
_pdbx_database_status.recvd_initial_deposition_date   2005-11-28 
_pdbx_database_status.deposit_site                    RCSB 
_pdbx_database_status.process_site                    RCSB 
_pdbx_database_status.status_code_sf                  REL 
_pdbx_database_status.status_code_mr                  ? 
_pdbx_database_status.SG_entry                        Y 
_pdbx_database_status.pdb_format_compatible           Y 
_pdbx_database_status.status_code_cs                  ? 
_pdbx_database_status.status_code_nmr_data            ? 
_pdbx_database_status.methods_development_category    ? 
# 
loop_
_pdbx_database_related.db_name 
_pdbx_database_related.db_id 
_pdbx_database_related.details 
_pdbx_database_related.content_type 
PDB 1I92 'Structural Basis of the Nherf Pdz1-Cftr Interaction'                                         unspecified 
PDB 1QAU 'Unexpected Modes of Pdz Domain Scaffolding Revealed by Structure of Nnos-Syntrophin Complex' unspecified 
# 
loop_
_audit_author.name 
_audit_author.pdbx_ordinal 
'Ugochukwu, E.'                        1  
'Berridge, G.'                         2  
'Johansson, C.'                        3  
'Smee, C.'                             4  
'Savitsky, P.'                         5  
'Burgess, N.'                          6  
'Colebrook, S.'                        7  
'Yang, X.'                             8  
'Elkins, J.'                           9  
'Doyle, D.'                            10 
'Turnbull, A.'                         11 
'Papagrigoriou, E.'                    12 
'Debreczeni, J.'                       13 
'Bunkoczi, G.'                         14 
'Gorrec, F.'                           15 
'von Delft, F.'                        16 
'Arrowsmith, C.'                       17 
'Sundstrom, M.'                        18 
'Weigelt, J.'                          19 
'Edwards, A.'                          20 
'Structural Genomics Consortium (SGC)' 21 
# 
_citation.id                        primary 
_citation.title                     'Crystal Structure of the PDZ Domain from Human RGS-3' 
_citation.journal_abbrev            'To be Published' 
_citation.journal_volume            ? 
_citation.page_first                ? 
_citation.page_last                 ? 
_citation.year                      ? 
_citation.journal_id_ASTM           ? 
_citation.country                   ? 
_citation.journal_id_ISSN           ? 
_citation.journal_id_CSD            0353 
_citation.book_publisher            ? 
_citation.pdbx_database_id_PubMed   ? 
_citation.pdbx_database_id_DOI      ? 
# 
loop_
_citation_author.citation_id 
_citation_author.name 
_citation_author.ordinal 
_citation_author.identifier_ORCID 
primary 'Ugochukwu, E.'     1  ? 
primary 'Berridge, G.'      2  ? 
primary 'Johansson, C.'     3  ? 
primary 'Smee, C.'          4  ? 
primary 'Savitsky, P.'      5  ? 
primary 'Burgess, N.'       6  ? 
primary 'Colebrook, S.'     7  ? 
primary 'Yang, X.'          8  ? 
primary 'Elkins, J.'        9  ? 
primary 'Doyle, D.'         10 ? 
primary 'Turnbull, A.'      11 ? 
primary 'Papagrigoriou, E.' 12 ? 
primary 'Debreczeni, J.'    13 ? 
primary 'Bunkoczi, G.'      14 ? 
primary 'Gorrec, F.'        15 ? 
primary 'von Delft, F.'     16 ? 
primary 'Arrowsmith, C.'    17 ? 
primary 'Sundstrom, M.'     18 ? 
primary 'Weigelt, J.'       19 ? 
primary 'Edwards, A.'       20 ? 
# 
loop_
_entity.id 
_entity.type 
_entity.src_method 
_entity.pdbx_description 
_entity.formula_weight 
_entity.pdbx_number_of_molecules 
_entity.pdbx_ec 
_entity.pdbx_mutation 
_entity.pdbx_fragment 
_entity.details 
1 polymer     man 'regulator of G-protein signalling 3 isoform 1' 10239.818 2  ? ? 'PDZ Domain (residues 15-103)' ? 
2 non-polymer syn 'SULFATE ION'                                   96.063    2  ? ? ?                              ? 
3 water       nat water                                           18.015    42 ? ? ?                              ? 
# 
_entity_poly.entity_id                      1 
_entity_poly.type                           'polypeptide(L)' 
_entity_poly.nstd_linkage                   no 
_entity_poly.nstd_monomer                   no 
_entity_poly.pdbx_seq_one_letter_code       
;SMRYRQITIPRGKDGFGFTICCDSPVRVQAVDSGGPAERAGLQQLDTVLQLNERPVEHWKCVELAHEIRSCPSEIILLVW
RMVPQVKPGPD
;
_entity_poly.pdbx_seq_one_letter_code_can   
;SMRYRQITIPRGKDGFGFTICCDSPVRVQAVDSGGPAERAGLQQLDTVLQLNERPVEHWKCVELAHEIRSCPSEIILLVW
RMVPQVKPGPD
;
_entity_poly.pdbx_strand_id                 A,B 
_entity_poly.pdbx_target_identifier         ? 
# 
loop_
_pdbx_entity_nonpoly.entity_id 
_pdbx_entity_nonpoly.name 
_pdbx_entity_nonpoly.comp_id 
2 'SULFATE ION' SO4 
3 water         HOH 
# 
loop_
_entity_poly_seq.entity_id 
_entity_poly_seq.num 
_entity_poly_seq.mon_id 
_entity_poly_seq.hetero 
1 1  SER n 
1 2  MET n 
1 3  ARG n 
1 4  TYR n 
1 5  ARG n 
1 6  GLN n 
1 7  ILE n 
1 8  THR n 
1 9  ILE n 
1 10 PRO n 
1 11 ARG n 
1 12 GLY n 
1 13 LYS n 
1 14 ASP n 
1 15 GLY n 
1 16 PHE n 
1 17 GLY n 
1 18 PHE n 
1 19 THR n 
1 20 ILE n 
1 21 CYS n 
1 22 CYS n 
1 23 ASP n 
1 24 SER n 
1 25 PRO n 
1 26 VAL n 
1 27 ARG n 
1 28 VAL n 
1 29 GLN n 
1 30 ALA n 
1 31 VAL n 
1 32 ASP n 
1 33 SER n 
1 34 GLY n 
1 35 GLY n 
1 36 PRO n 
1 37 ALA n 
1 38 GLU n 
1 39 ARG n 
1 40 ALA n 
1 41 GLY n 
1 42 LEU n 
1 43 GLN n 
1 44 GLN n 
1 45 LEU n 
1 46 ASP n 
1 47 THR n 
1 48 VAL n 
1 49 LEU n 
1 50 GLN n 
1 51 LEU n 
1 52 ASN n 
1 53 GLU n 
1 54 ARG n 
1 55 PRO n 
1 56 VAL n 
1 57 GLU n 
1 58 HIS n 
1 59 TRP n 
1 60 LYS n 
1 61 CYS n 
1 62 VAL n 
1 63 GLU n 
1 64 LEU n 
1 65 ALA n 
1 66 HIS n 
1 67 GLU n 
1 68 ILE n 
1 69 ARG n 
1 70 SER n 
1 71 CYS n 
1 72 PRO n 
1 73 SER n 
1 74 GLU n 
1 75 ILE n 
1 76 ILE n 
1 77 LEU n 
1 78 LEU n 
1 79 VAL n 
1 80 TRP n 
1 81 ARG n 
1 82 MET n 
1 83 VAL n 
1 84 PRO n 
1 85 GLN n 
1 86 VAL n 
1 87 LYS n 
1 88 PRO n 
1 89 GLY n 
1 90 PRO n 
1 91 ASP n 
# 
_entity_src_gen.entity_id                          1 
_entity_src_gen.pdbx_src_id                        1 
_entity_src_gen.pdbx_alt_source_flag               sample 
_entity_src_gen.pdbx_seq_type                      ? 
_entity_src_gen.pdbx_beg_seq_num                   ? 
_entity_src_gen.pdbx_end_seq_num                   ? 
_entity_src_gen.gene_src_common_name               human 
_entity_src_gen.gene_src_genus                     Homo 
_entity_src_gen.pdbx_gene_src_gene                 RGS3 
_entity_src_gen.gene_src_species                   ? 
_entity_src_gen.gene_src_strain                    'BL21 (DE3)' 
_entity_src_gen.gene_src_tissue                    ? 
_entity_src_gen.gene_src_tissue_fraction           ? 
_entity_src_gen.gene_src_details                   ? 
_entity_src_gen.pdbx_gene_src_fragment             ? 
_entity_src_gen.pdbx_gene_src_scientific_name      'Homo sapiens' 
_entity_src_gen.pdbx_gene_src_ncbi_taxonomy_id     9606 
_entity_src_gen.pdbx_gene_src_variant              ? 
_entity_src_gen.pdbx_gene_src_cell_line            ? 
_entity_src_gen.pdbx_gene_src_atcc                 ? 
_entity_src_gen.pdbx_gene_src_organ                ? 
_entity_src_gen.pdbx_gene_src_organelle            ? 
_entity_src_gen.pdbx_gene_src_cell                 ? 
_entity_src_gen.pdbx_gene_src_cellular_location    ? 
_entity_src_gen.host_org_common_name               ? 
_entity_src_gen.pdbx_host_org_scientific_name      'Escherichia coli' 
_entity_src_gen.pdbx_host_org_ncbi_taxonomy_id     562 
_entity_src_gen.host_org_genus                     Escherichia 
_entity_src_gen.pdbx_host_org_gene                 ? 
_entity_src_gen.pdbx_host_org_organ                ? 
_entity_src_gen.host_org_species                   ? 
_entity_src_gen.pdbx_host_org_tissue               ? 
_entity_src_gen.pdbx_host_org_tissue_fraction      ? 
_entity_src_gen.pdbx_host_org_strain               ? 
_entity_src_gen.pdbx_host_org_variant              ? 
_entity_src_gen.pdbx_host_org_cell_line            ? 
_entity_src_gen.pdbx_host_org_atcc                 ? 
_entity_src_gen.pdbx_host_org_culture_collection   ? 
_entity_src_gen.pdbx_host_org_cell                 ? 
_entity_src_gen.pdbx_host_org_organelle            ? 
_entity_src_gen.pdbx_host_org_cellular_location    ? 
_entity_src_gen.pdbx_host_org_vector_type          plasmid 
_entity_src_gen.pdbx_host_org_vector               ? 
_entity_src_gen.host_org_details                   ? 
_entity_src_gen.expression_system_id               ? 
_entity_src_gen.plasmid_name                       pNIC28-Bsa4 
_entity_src_gen.plasmid_details                    ? 
_entity_src_gen.pdbx_description                   ? 
# 
loop_
_chem_comp.id 
_chem_comp.type 
_chem_comp.mon_nstd_flag 
_chem_comp.name 
_chem_comp.pdbx_synonyms 
_chem_comp.formula 
_chem_comp.formula_weight 
ALA 'L-peptide linking' y ALANINE         ? 'C3 H7 N O2'     89.093  
ARG 'L-peptide linking' y ARGININE        ? 'C6 H15 N4 O2 1' 175.209 
ASN 'L-peptide linking' y ASPARAGINE      ? 'C4 H8 N2 O3'    132.118 
ASP 'L-peptide linking' y 'ASPARTIC ACID' ? 'C4 H7 N O4'     133.103 
CYS 'L-peptide linking' y CYSTEINE        ? 'C3 H7 N O2 S'   121.158 
GLN 'L-peptide linking' y GLUTAMINE       ? 'C5 H10 N2 O3'   146.144 
GLU 'L-peptide linking' y 'GLUTAMIC ACID' ? 'C5 H9 N O4'     147.129 
GLY 'peptide linking'   y GLYCINE         ? 'C2 H5 N O2'     75.067  
HIS 'L-peptide linking' y HISTIDINE       ? 'C6 H10 N3 O2 1' 156.162 
HOH non-polymer         . WATER           ? 'H2 O'           18.015  
ILE 'L-peptide linking' y ISOLEUCINE      ? 'C6 H13 N O2'    131.173 
LEU 'L-peptide linking' y LEUCINE         ? 'C6 H13 N O2'    131.173 
LYS 'L-peptide linking' y LYSINE          ? 'C6 H15 N2 O2 1' 147.195 
MET 'L-peptide linking' y METHIONINE      ? 'C5 H11 N O2 S'  149.211 
PHE 'L-peptide linking' y PHENYLALANINE   ? 'C9 H11 N O2'    165.189 
PRO 'L-peptide linking' y PROLINE         ? 'C5 H9 N O2'     115.130 
SER 'L-peptide linking' y SERINE          ? 'C3 H7 N O3'     105.093 
SO4 non-polymer         . 'SULFATE ION'   ? 'O4 S -2'        96.063  
THR 'L-peptide linking' y THREONINE       ? 'C4 H9 N O3'     119.119 
TRP 'L-peptide linking' y TRYPTOPHAN      ? 'C11 H12 N2 O2'  204.225 
TYR 'L-peptide linking' y TYROSINE        ? 'C9 H11 N O3'    181.189 
VAL 'L-peptide linking' y VALINE          ? 'C5 H11 N O2'    117.146 
# 
loop_
_pdbx_poly_seq_scheme.asym_id 
_pdbx_poly_seq_scheme.entity_id 
_pdbx_poly_seq_scheme.seq_id 
_pdbx_poly_seq_scheme.mon_id 
_pdbx_poly_seq_scheme.ndb_seq_num 
_pdbx_poly_seq_scheme.pdb_seq_num 
_pdbx_poly_seq_scheme.auth_seq_num 
_pdbx_poly_seq_scheme.pdb_mon_id 
_pdbx_poly_seq_scheme.auth_mon_id 
_pdbx_poly_seq_scheme.pdb_strand_id 
_pdbx_poly_seq_scheme.pdb_ins_code 
_pdbx_poly_seq_scheme.hetero 
A 1 1  SER 1  13  ?  ?   ?   A . n 
A 1 2  MET 2  14  14 MET MET A . n 
A 1 3  ARG 3  15  15 ARG ARG A . n 
A 1 4  TYR 4  16  16 TYR TYR A . n 
A 1 5  ARG 5  17  17 ARG ARG A . n 
A 1 6  GLN 6  18  18 GLN GLN A . n 
A 1 7  ILE 7  19  19 ILE ILE A . n 
A 1 8  THR 8  20  20 THR THR A . n 
A 1 9  ILE 9  21  21 ILE ILE A . n 
A 1 10 PRO 10 22  22 PRO PRO A . n 
A 1 11 ARG 11 23  23 ARG ARG A . n 
A 1 12 GLY 12 24  24 GLY GLY A . n 
A 1 13 LYS 13 25  25 LYS LYS A . n 
A 1 14 ASP 14 26  26 ASP ASP A . n 
A 1 15 GLY 15 27  27 GLY GLY A . n 
A 1 16 PHE 16 28  28 PHE PHE A . n 
A 1 17 GLY 17 29  29 GLY GLY A . n 
A 1 18 PHE 18 30  30 PHE PHE A . n 
A 1 19 THR 19 31  31 THR THR A . n 
A 1 20 ILE 20 32  32 ILE ILE A . n 
A 1 21 CYS 21 33  33 CYS CYS A . n 
A 1 22 CYS 22 34  34 CYS CYS A . n 
A 1 23 ASP 23 35  35 ASP ASP A . n 
A 1 24 SER 24 36  36 SER SER A . n 
A 1 25 PRO 25 37  37 PRO PRO A . n 
A 1 26 VAL 26 38  38 VAL VAL A . n 
A 1 27 ARG 27 39  39 ARG ARG A . n 
A 1 28 VAL 28 40  40 VAL VAL A . n 
A 1 29 GLN 29 41  41 GLN GLN A . n 
A 1 30 ALA 30 42  42 ALA ALA A . n 
A 1 31 VAL 31 43  43 VAL VAL A . n 
A 1 32 ASP 32 44  44 ASP ASP A . n 
A 1 33 SER 33 45  45 SER SER A . n 
A 1 34 GLY 34 46  46 GLY GLY A . n 
A 1 35 GLY 35 47  47 GLY GLY A . n 
A 1 36 PRO 36 48  48 PRO PRO A . n 
A 1 37 ALA 37 49  49 ALA ALA A . n 
A 1 38 GLU 38 50  50 GLU GLU A . n 
A 1 39 ARG 39 51  51 ARG ARG A . n 
A 1 40 ALA 40 52  52 ALA ALA A . n 
A 1 41 GLY 41 53  53 GLY GLY A . n 
A 1 42 LEU 42 54  54 LEU LEU A . n 
A 1 43 GLN 43 55  55 GLN GLN A . n 
A 1 44 GLN 44 56  56 GLN GLN A . n 
A 1 45 LEU 45 57  57 LEU LEU A . n 
A 1 46 ASP 46 58  58 ASP ASP A . n 
A 1 47 THR 47 59  59 THR THR A . n 
A 1 48 VAL 48 60  60 VAL VAL A . n 
A 1 49 LEU 49 61  61 LEU LEU A . n 
A 1 50 GLN 50 62  62 GLN GLN A . n 
A 1 51 LEU 51 63  63 LEU LEU A . n 
A 1 52 ASN 52 64  64 ASN ASN A . n 
A 1 53 GLU 53 65  65 GLU GLU A . n 
A 1 54 ARG 54 66  66 ARG ARG A . n 
A 1 55 PRO 55 67  67 PRO PRO A . n 
A 1 56 VAL 56 68  68 VAL VAL A . n 
A 1 57 GLU 57 69  69 GLU GLU A . n 
A 1 58 HIS 58 70  70 HIS HIS A . n 
A 1 59 TRP 59 71  71 TRP TRP A . n 
A 1 60 LYS 60 72  72 LYS LYS A . n 
A 1 61 CYS 61 73  73 CYS CYS A . n 
A 1 62 VAL 62 74  74 VAL VAL A . n 
A 1 63 GLU 63 75  75 GLU GLU A . n 
A 1 64 LEU 64 76  76 LEU LEU A . n 
A 1 65 ALA 65 77  77 ALA ALA A . n 
A 1 66 HIS 66 78  78 HIS HIS A . n 
A 1 67 GLU 67 79  79 GLU GLU A . n 
A 1 68 ILE 68 80  80 ILE ILE A . n 
A 1 69 ARG 69 81  81 ARG ARG A . n 
A 1 70 SER 70 82  82 SER SER A . n 
A 1 71 CYS 71 83  83 CYS CYS A . n 
A 1 72 PRO 72 84  84 PRO PRO A . n 
A 1 73 SER 73 85  85 SER SER A . n 
A 1 74 GLU 74 86  86 GLU GLU A . n 
A 1 75 ILE 75 87  87 ILE ILE A . n 
A 1 76 ILE 76 88  88 ILE ILE A . n 
A 1 77 LEU 77 89  89 LEU LEU A . n 
A 1 78 LEU 78 90  90 LEU LEU A . n 
A 1 79 VAL 79 91  91 VAL VAL A . n 
A 1 80 TRP 80 92  92 TRP TRP A . n 
A 1 81 ARG 81 93  93 ARG ARG A . n 
A 1 82 MET 82 94  94 MET MET A . n 
A 1 83 VAL 83 95  95 VAL VAL A . n 
A 1 84 PRO 84 96  ?  ?   ?   A . n 
A 1 85 GLN 85 97  ?  ?   ?   A . n 
A 1 86 VAL 86 98  ?  ?   ?   A . n 
A 1 87 LYS 87 99  ?  ?   ?   A . n 
A 1 88 PRO 88 100 ?  ?   ?   A . n 
A 1 89 GLY 89 101 ?  ?   ?   A . n 
A 1 90 PRO 90 102 ?  ?   ?   A . n 
A 1 91 ASP 91 103 ?  ?   ?   A . n 
B 1 1  SER 1  13  ?  ?   ?   B . n 
B 1 2  MET 2  14  14 MET MET B . n 
B 1 3  ARG 3  15  15 ARG ARG B . n 
B 1 4  TYR 4  16  16 TYR TYR B . n 
B 1 5  ARG 5  17  17 ARG ARG B . n 
B 1 6  GLN 6  18  18 GLN GLN B . n 
B 1 7  ILE 7  19  19 ILE ILE B . n 
B 1 8  THR 8  20  20 THR THR B . n 
B 1 9  ILE 9  21  21 ILE ILE B . n 
B 1 10 PRO 10 22  22 PRO PRO B . n 
B 1 11 ARG 11 23  23 ARG ARG B . n 
B 1 12 GLY 12 24  24 GLY GLY B . n 
B 1 13 LYS 13 25  25 LYS LYS B . n 
B 1 14 ASP 14 26  26 ASP ASP B . n 
B 1 15 GLY 15 27  27 GLY GLY B . n 
B 1 16 PHE 16 28  28 PHE PHE B . n 
B 1 17 GLY 17 29  29 GLY GLY B . n 
B 1 18 PHE 18 30  30 PHE PHE B . n 
B 1 19 THR 19 31  31 THR THR B . n 
B 1 20 ILE 20 32  32 ILE ILE B . n 
B 1 21 CYS 21 33  33 CYS CYS B . n 
B 1 22 CYS 22 34  34 CYS CYS B . n 
B 1 23 ASP 23 35  35 ASP ASP B . n 
B 1 24 SER 24 36  36 SER SER B . n 
B 1 25 PRO 25 37  37 PRO PRO B . n 
B 1 26 VAL 26 38  38 VAL VAL B . n 
B 1 27 ARG 27 39  39 ARG ARG B . n 
B 1 28 VAL 28 40  40 VAL VAL B . n 
B 1 29 GLN 29 41  41 GLN GLN B . n 
B 1 30 ALA 30 42  42 ALA ALA B . n 
B 1 31 VAL 31 43  43 VAL VAL B . n 
B 1 32 ASP 32 44  44 ASP ASP B . n 
B 1 33 SER 33 45  45 SER SER B . n 
B 1 34 GLY 34 46  46 GLY GLY B . n 
B 1 35 GLY 35 47  47 GLY GLY B . n 
B 1 36 PRO 36 48  48 PRO PRO B . n 
B 1 37 ALA 37 49  49 ALA ALA B . n 
B 1 38 GLU 38 50  50 GLU GLU B . n 
B 1 39 ARG 39 51  51 ARG ARG B . n 
B 1 40 ALA 40 52  52 ALA ALA B . n 
B 1 41 GLY 41 53  53 GLY GLY B . n 
B 1 42 LEU 42 54  54 LEU LEU B . n 
B 1 43 GLN 43 55  55 GLN GLN B . n 
B 1 44 GLN 44 56  56 GLN GLN B . n 
B 1 45 LEU 45 57  57 LEU LEU B . n 
B 1 46 ASP 46 58  58 ASP ASP B . n 
B 1 47 THR 47 59  59 THR THR B . n 
B 1 48 VAL 48 60  60 VAL VAL B . n 
B 1 49 LEU 49 61  61 LEU LEU B . n 
B 1 50 GLN 50 62  62 GLN GLN B . n 
B 1 51 LEU 51 63  63 LEU LEU B . n 
B 1 52 ASN 52 64  64 ASN ASN B . n 
B 1 53 GLU 53 65  65 GLU GLU B . n 
B 1 54 ARG 54 66  66 ARG ARG B . n 
B 1 55 PRO 55 67  67 PRO PRO B . n 
B 1 56 VAL 56 68  68 VAL VAL B . n 
B 1 57 GLU 57 69  69 GLU GLU B . n 
B 1 58 HIS 58 70  70 HIS HIS B . n 
B 1 59 TRP 59 71  71 TRP TRP B . n 
B 1 60 LYS 60 72  72 LYS LYS B . n 
B 1 61 CYS 61 73  73 CYS CYS B . n 
B 1 62 VAL 62 74  74 VAL VAL B . n 
B 1 63 GLU 63 75  75 GLU GLU B . n 
B 1 64 LEU 64 76  76 LEU LEU B . n 
B 1 65 ALA 65 77  77 ALA ALA B . n 
B 1 66 HIS 66 78  78 HIS HIS B . n 
B 1 67 GLU 67 79  79 GLU GLU B . n 
B 1 68 ILE 68 80  80 ILE ILE B . n 
B 1 69 ARG 69 81  81 ARG ARG B . n 
B 1 70 SER 70 82  82 SER SER B . n 
B 1 71 CYS 71 83  83 CYS CYS B . n 
B 1 72 PRO 72 84  84 PRO PRO B . n 
B 1 73 SER 73 85  85 SER SER B . n 
B 1 74 GLU 74 86  86 GLU GLU B . n 
B 1 75 ILE 75 87  87 ILE ILE B . n 
B 1 76 ILE 76 88  88 ILE ILE B . n 
B 1 77 LEU 77 89  89 LEU LEU B . n 
B 1 78 LEU 78 90  90 LEU LEU B . n 
B 1 79 VAL 79 91  91 VAL VAL B . n 
B 1 80 TRP 80 92  92 TRP TRP B . n 
B 1 81 ARG 81 93  93 ARG ARG B . n 
B 1 82 MET 82 94  94 MET MET B . n 
B 1 83 VAL 83 95  95 VAL VAL B . n 
B 1 84 PRO 84 96  ?  ?   ?   B . n 
B 1 85 GLN 85 97  ?  ?   ?   B . n 
B 1 86 VAL 86 98  ?  ?   ?   B . n 
B 1 87 LYS 87 99  ?  ?   ?   B . n 
B 1 88 PRO 88 100 ?  ?   ?   B . n 
B 1 89 GLY 89 101 ?  ?   ?   B . n 
B 1 90 PRO 90 102 ?  ?   ?   B . n 
B 1 91 ASP 91 103 ?  ?   ?   B . n 
# 
loop_
_pdbx_nonpoly_scheme.asym_id 
_pdbx_nonpoly_scheme.entity_id 
_pdbx_nonpoly_scheme.mon_id 
_pdbx_nonpoly_scheme.ndb_seq_num 
_pdbx_nonpoly_scheme.pdb_seq_num 
_pdbx_nonpoly_scheme.auth_seq_num 
_pdbx_nonpoly_scheme.pdb_mon_id 
_pdbx_nonpoly_scheme.auth_mon_id 
_pdbx_nonpoly_scheme.pdb_strand_id 
_pdbx_nonpoly_scheme.pdb_ins_code 
C 2 SO4 1  1   1  SO4 SO4 A . 
D 2 SO4 1  2   2  SO4 SO4 A . 
E 3 HOH 1  104 4  HOH HOH A . 
E 3 HOH 2  105 8  HOH HOH A . 
E 3 HOH 3  106 9  HOH HOH A . 
E 3 HOH 4  107 11 HOH HOH A . 
E 3 HOH 5  108 13 HOH HOH A . 
E 3 HOH 6  109 16 HOH HOH A . 
E 3 HOH 7  110 17 HOH HOH A . 
E 3 HOH 8  111 19 HOH HOH A . 
E 3 HOH 9  112 21 HOH HOH A . 
E 3 HOH 10 113 22 HOH HOH A . 
E 3 HOH 11 114 24 HOH HOH A . 
E 3 HOH 12 115 26 HOH HOH A . 
E 3 HOH 13 116 28 HOH HOH A . 
E 3 HOH 14 117 31 HOH HOH A . 
E 3 HOH 15 118 32 HOH HOH A . 
E 3 HOH 16 119 33 HOH HOH A . 
E 3 HOH 17 120 36 HOH HOH A . 
E 3 HOH 18 121 37 HOH HOH A . 
E 3 HOH 19 122 39 HOH HOH A . 
E 3 HOH 20 123 40 HOH HOH A . 
E 3 HOH 21 124 47 HOH HOH A . 
F 3 HOH 1  104 5  HOH HOH B . 
F 3 HOH 2  105 6  HOH HOH B . 
F 3 HOH 3  106 7  HOH HOH B . 
F 3 HOH 4  107 10 HOH HOH B . 
F 3 HOH 5  108 12 HOH HOH B . 
F 3 HOH 6  109 14 HOH HOH B . 
F 3 HOH 7  110 15 HOH HOH B . 
F 3 HOH 8  111 18 HOH HOH B . 
F 3 HOH 9  112 20 HOH HOH B . 
F 3 HOH 10 113 23 HOH HOH B . 
F 3 HOH 11 114 25 HOH HOH B . 
F 3 HOH 12 115 27 HOH HOH B . 
F 3 HOH 13 116 29 HOH HOH B . 
F 3 HOH 14 117 30 HOH HOH B . 
F 3 HOH 15 118 34 HOH HOH B . 
F 3 HOH 16 119 35 HOH HOH B . 
F 3 HOH 17 120 38 HOH HOH B . 
F 3 HOH 18 121 41 HOH HOH B . 
F 3 HOH 19 122 42 HOH HOH B . 
F 3 HOH 20 123 44 HOH HOH B . 
F 3 HOH 21 124 48 HOH HOH B . 
# 
loop_
_pdbx_unobs_or_zero_occ_atoms.id 
_pdbx_unobs_or_zero_occ_atoms.PDB_model_num 
_pdbx_unobs_or_zero_occ_atoms.polymer_flag 
_pdbx_unobs_or_zero_occ_atoms.occupancy_flag 
_pdbx_unobs_or_zero_occ_atoms.auth_asym_id 
_pdbx_unobs_or_zero_occ_atoms.auth_comp_id 
_pdbx_unobs_or_zero_occ_atoms.auth_seq_id 
_pdbx_unobs_or_zero_occ_atoms.PDB_ins_code 
_pdbx_unobs_or_zero_occ_atoms.auth_atom_id 
_pdbx_unobs_or_zero_occ_atoms.label_alt_id 
_pdbx_unobs_or_zero_occ_atoms.label_asym_id 
_pdbx_unobs_or_zero_occ_atoms.label_comp_id 
_pdbx_unobs_or_zero_occ_atoms.label_seq_id 
_pdbx_unobs_or_zero_occ_atoms.label_atom_id 
1  1 Y 1 A GLU 65 ? CG  ? A GLU 53 CG  
2  1 Y 1 A GLU 65 ? CD  ? A GLU 53 CD  
3  1 Y 1 A GLU 65 ? OE1 ? A GLU 53 OE1 
4  1 Y 1 A GLU 65 ? OE2 ? A GLU 53 OE2 
5  1 Y 1 A LYS 72 ? NZ  ? A LYS 60 NZ  
6  1 Y 1 A MET 94 ? CE  ? A MET 82 CE  
7  1 Y 1 B ARG 17 ? NE  ? B ARG 5  NE  
8  1 Y 1 B ARG 17 ? CZ  ? B ARG 5  CZ  
9  1 Y 1 B ARG 17 ? NH1 ? B ARG 5  NH1 
10 1 Y 1 B ARG 17 ? NH2 ? B ARG 5  NH2 
11 1 Y 1 B LYS 25 ? CG  ? B LYS 13 CG  
12 1 Y 1 B LYS 25 ? CD  ? B LYS 13 CD  
13 1 Y 1 B LYS 25 ? CE  ? B LYS 13 CE  
14 1 Y 1 B LYS 25 ? NZ  ? B LYS 13 NZ  
15 1 Y 1 B ASP 26 ? CG  ? B ASP 14 CG  
16 1 Y 1 B ASP 26 ? OD1 ? B ASP 14 OD1 
17 1 Y 1 B ASP 26 ? OD2 ? B ASP 14 OD2 
18 1 Y 1 B GLN 56 ? OE1 ? B GLN 44 OE1 
19 1 Y 1 B GLN 56 ? NE2 ? B GLN 44 NE2 
20 1 Y 1 B GLU 65 ? CG  ? B GLU 53 CG  
21 1 Y 1 B GLU 65 ? CD  ? B GLU 53 CD  
22 1 Y 1 B GLU 65 ? OE1 ? B GLU 53 OE1 
23 1 Y 1 B GLU 65 ? OE2 ? B GLU 53 OE2 
24 1 Y 1 B GLU 86 ? OE1 ? B GLU 74 OE1 
25 1 Y 1 B GLU 86 ? OE2 ? B GLU 74 OE2 
26 1 Y 1 B TRP 92 ? CG  ? B TRP 80 CG  
27 1 Y 1 B TRP 92 ? CD1 ? B TRP 80 CD1 
28 1 Y 1 B TRP 92 ? CD2 ? B TRP 80 CD2 
29 1 Y 1 B TRP 92 ? NE1 ? B TRP 80 NE1 
30 1 Y 1 B TRP 92 ? CE2 ? B TRP 80 CE2 
31 1 Y 1 B TRP 92 ? CE3 ? B TRP 80 CE3 
32 1 Y 1 B TRP 92 ? CZ2 ? B TRP 80 CZ2 
33 1 Y 1 B TRP 92 ? CZ3 ? B TRP 80 CZ3 
34 1 Y 1 B TRP 92 ? CH2 ? B TRP 80 CH2 
35 1 Y 1 B MET 94 ? CE  ? B MET 82 CE  
# 
loop_
_software.name 
_software.classification 
_software.version 
_software.citation_id 
_software.pdbx_ordinal 
REFMAC    refinement       5.2.0019 ? 1 
HKL-2000  'data reduction' .        ? 2 
SCALEPACK 'data scaling'   .        ? 3 
PHASER    phasing          .        ? 4 
# 
_cell.entry_id           2F5Y 
_cell.length_a           91.110 
_cell.length_b           44.140 
_cell.length_c           49.857 
_cell.angle_alpha        90.00 
_cell.angle_beta         90.00 
_cell.angle_gamma        90.00 
_cell.Z_PDB              8 
_cell.pdbx_unique_axis   ? 
# 
_symmetry.entry_id                         2F5Y 
_symmetry.space_group_name_H-M             'P 21 21 2' 
_symmetry.pdbx_full_space_group_name_H-M   ? 
_symmetry.cell_setting                     ? 
_symmetry.Int_Tables_number                18 
_symmetry.space_group_name_Hall            ? 
# 
_exptl.entry_id          2F5Y 
_exptl.method            'X-RAY DIFFRACTION' 
_exptl.crystals_number   1 
# 
_exptl_crystal.id                    1 
_exptl_crystal.density_meas          ? 
_exptl_crystal.density_Matthews      2.45 
_exptl_crystal.density_percent_sol   49.71 
_exptl_crystal.description           ? 
_exptl_crystal.F_000                 ? 
_exptl_crystal.preparation           ? 
# 
_exptl_crystal_grow.crystal_id      1 
_exptl_crystal_grow.method          'VAPOR DIFFUSION, SITTING DROP' 
_exptl_crystal_grow.temp            293 
_exptl_crystal_grow.temp_details    ? 
_exptl_crystal_grow.pH              6.5 
_exptl_crystal_grow.pdbx_details    
'1.6M ammonium sulphate, 0.1M MES, 10% dioxane, pH 6.5, VAPOR DIFFUSION, SITTING DROP, temperature 293K' 
_exptl_crystal_grow.pdbx_pH_range   . 
# 
_diffrn.id                     1 
_diffrn.ambient_temp           100 
_diffrn.ambient_temp_details   ? 
_diffrn.crystal_id             1 
# 
_diffrn_detector.diffrn_id              1 
_diffrn_detector.detector               CCD 
_diffrn_detector.type                   'MARMOSAIC 225 mm CCD' 
_diffrn_detector.pdbx_collection_date   2005-10-22 
_diffrn_detector.details                ? 
# 
_diffrn_radiation.diffrn_id                        1 
_diffrn_radiation.wavelength_id                    1 
_diffrn_radiation.pdbx_monochromatic_or_laue_m_l   M 
_diffrn_radiation.monochromator                    ? 
_diffrn_radiation.pdbx_diffrn_protocol             'SINGLE WAVELENGTH' 
_diffrn_radiation.pdbx_scattering_type             x-ray 
# 
_diffrn_radiation_wavelength.id           1 
_diffrn_radiation_wavelength.wavelength   0.9788 
_diffrn_radiation_wavelength.wt           1.0 
# 
_diffrn_source.diffrn_id                   1 
_diffrn_source.source                      SYNCHROTRON 
_diffrn_source.type                        'SLS BEAMLINE X10SA' 
_diffrn_source.pdbx_synchrotron_site       SLS 
_diffrn_source.pdbx_synchrotron_beamline   X10SA 
_diffrn_source.pdbx_wavelength             ? 
_diffrn_source.pdbx_wavelength_list        0.9788 
# 
_reflns.entry_id                     2F5Y 
_reflns.observed_criterion_sigma_I   0 
_reflns.observed_criterion_sigma_F   0 
_reflns.d_resolution_low             49.86 
_reflns.d_resolution_high            2.39 
_reflns.number_obs                   8381 
_reflns.number_all                   ? 
_reflns.percent_possible_obs         99.7 
_reflns.pdbx_Rmerge_I_obs            ? 
_reflns.pdbx_Rsym_value              ? 
_reflns.pdbx_netI_over_sigmaI        ? 
_reflns.B_iso_Wilson_estimate        ? 
_reflns.pdbx_redundancy              ? 
_reflns.R_free_details               ? 
_reflns.limit_h_max                  ? 
_reflns.limit_h_min                  ? 
_reflns.limit_k_max                  ? 
_reflns.limit_k_min                  ? 
_reflns.limit_l_max                  ? 
_reflns.limit_l_min                  ? 
_reflns.observed_criterion_F_max     ? 
_reflns.observed_criterion_F_min     ? 
_reflns.pdbx_chi_squared             ? 
_reflns.pdbx_scaling_rejects         ? 
_reflns.pdbx_ordinal                 1 
_reflns.pdbx_diffrn_id               1 
# 
_reflns_shell.d_res_high             2.4 
_reflns_shell.d_res_low              2.49 
_reflns_shell.percent_possible_all   98.8 
_reflns_shell.Rmerge_I_obs           ? 
_reflns_shell.pdbx_Rsym_value        ? 
_reflns_shell.meanI_over_sigI_obs    ? 
_reflns_shell.pdbx_redundancy        ? 
_reflns_shell.percent_possible_obs   ? 
_reflns_shell.number_unique_all      ? 
_reflns_shell.number_measured_all    ? 
_reflns_shell.number_measured_obs    ? 
_reflns_shell.number_unique_obs      ? 
_reflns_shell.pdbx_chi_squared       ? 
_reflns_shell.pdbx_ordinal           1 
_reflns_shell.pdbx_diffrn_id         1 
# 
_refine.entry_id                                 2F5Y 
_refine.ls_number_reflns_obs                     7967 
_refine.ls_number_reflns_all                     7967 
_refine.pdbx_ls_sigma_I                          ? 
_refine.pdbx_ls_sigma_F                          0 
_refine.pdbx_data_cutoff_high_absF               ? 
_refine.pdbx_data_cutoff_low_absF                ? 
_refine.pdbx_data_cutoff_high_rms_absF           ? 
_refine.ls_d_res_low                             49.88 
_refine.ls_d_res_high                            2.39 
_refine.ls_percent_reflns_obs                    99.65 
_refine.ls_R_factor_obs                          0.21698 
_refine.ls_R_factor_all                          0.21698 
_refine.ls_R_factor_R_work                       0.21481 
_refine.ls_R_factor_R_free                       0.26429 
_refine.ls_R_factor_R_free_error                 ? 
_refine.ls_R_factor_R_free_error_details         ? 
_refine.ls_percent_reflns_R_free                 4.6 
_refine.ls_number_reflns_R_free                  386 
_refine.ls_number_parameters                     ? 
_refine.ls_number_restraints                     ? 
_refine.occupancy_min                            ? 
_refine.occupancy_max                            ? 
_refine.correlation_coeff_Fo_to_Fc               0.940 
_refine.correlation_coeff_Fo_to_Fc_free          0.899 
_refine.B_iso_mean                               40.859 
_refine.aniso_B[1][1]                            -2.18 
_refine.aniso_B[2][2]                            4.63 
_refine.aniso_B[3][3]                            -2.45 
_refine.aniso_B[1][2]                            0.00 
_refine.aniso_B[1][3]                            0.00 
_refine.aniso_B[2][3]                            0.00 
_refine.solvent_model_details                    'BABINET MODEL WITH MASK' 
_refine.solvent_model_param_ksol                 ? 
_refine.solvent_model_param_bsol                 ? 
_refine.pdbx_solvent_vdw_probe_radii             1.20 
_refine.pdbx_solvent_ion_probe_radii             0.80 
_refine.pdbx_solvent_shrinkage_radii             0.80 
_refine.pdbx_ls_cross_valid_method               THROUGHOUT 
_refine.details                                  'HYDROGENS HAVE BEEN ADDED IN THE RIDING POSITIONS' 
_refine.pdbx_starting_model                      '1I92.pdb, 1QAU.pdb' 
_refine.pdbx_method_to_determine_struct          'MOLECULAR REPLACEMENT' 
_refine.pdbx_isotropic_thermal_model             ? 
_refine.pdbx_stereochemistry_target_values       'MAXIMUM LIKELIHOOD' 
_refine.pdbx_stereochem_target_val_spec_case     ? 
_refine.pdbx_R_Free_selection_details            RANDOM 
_refine.pdbx_overall_ESU_R                       0.369 
_refine.pdbx_overall_ESU_R_Free                  0.263 
_refine.overall_SU_ML                            0.177 
_refine.overall_SU_B                             15.045 
_refine.ls_redundancy_reflns_obs                 ? 
_refine.B_iso_min                                ? 
_refine.B_iso_max                                ? 
_refine.overall_SU_R_Cruickshank_DPI             ? 
_refine.overall_SU_R_free                        ? 
_refine.ls_wR_factor_R_free                      ? 
_refine.ls_wR_factor_R_work                      ? 
_refine.overall_FOM_free_R_set                   ? 
_refine.overall_FOM_work_R_set                   ? 
_refine.pdbx_refine_id                           'X-RAY DIFFRACTION' 
_refine.pdbx_TLS_residual_ADP_flag               'LIKELY RESIDUAL' 
_refine.pdbx_diffrn_id                           1 
_refine.pdbx_overall_phase_error                 ? 
_refine.pdbx_overall_SU_R_free_Cruickshank_DPI   ? 
_refine.pdbx_overall_SU_R_Blow_DPI               ? 
_refine.pdbx_overall_SU_R_free_Blow_DPI          ? 
# 
_refine_hist.pdbx_refine_id                   'X-RAY DIFFRACTION' 
_refine_hist.cycle_id                         LAST 
_refine_hist.pdbx_number_atoms_protein        1267 
_refine_hist.pdbx_number_atoms_nucleic_acid   0 
_refine_hist.pdbx_number_atoms_ligand         10 
_refine_hist.number_atoms_solvent             42 
_refine_hist.number_atoms_total               1319 
_refine_hist.d_res_high                       2.39 
_refine_hist.d_res_low                        49.88 
# 
loop_
_refine_ls_restr.type 
_refine_ls_restr.dev_ideal 
_refine_ls_restr.dev_ideal_target 
_refine_ls_restr.weight 
_refine_ls_restr.number 
_refine_ls_restr.pdbx_refine_id 
_refine_ls_restr.pdbx_restraint_function 
r_bond_refined_d         0.011  0.022  ? 1310 'X-RAY DIFFRACTION' ? 
r_bond_other_d           0.003  0.020  ? 921  'X-RAY DIFFRACTION' ? 
r_angle_refined_deg      1.484  1.968  ? 1779 'X-RAY DIFFRACTION' ? 
r_angle_other_deg        1.524  3.004  ? 2223 'X-RAY DIFFRACTION' ? 
r_dihedral_angle_1_deg   10.573 5.000  ? 164  'X-RAY DIFFRACTION' ? 
r_dihedral_angle_2_deg   36.290 21.964 ? 56   'X-RAY DIFFRACTION' ? 
r_dihedral_angle_3_deg   15.598 15.000 ? 223  'X-RAY DIFFRACTION' ? 
r_dihedral_angle_4_deg   13.663 15.000 ? 16   'X-RAY DIFFRACTION' ? 
r_chiral_restr           0.203  0.200  ? 201  'X-RAY DIFFRACTION' ? 
r_gen_planes_refined     0.004  0.020  ? 1437 'X-RAY DIFFRACTION' ? 
r_gen_planes_other       0.001  0.020  ? 268  'X-RAY DIFFRACTION' ? 
r_nbd_refined            0.200  0.200  ? 223  'X-RAY DIFFRACTION' ? 
r_nbd_other              0.201  0.200  ? 1020 'X-RAY DIFFRACTION' ? 
r_nbtor_refined          0.166  0.200  ? 612  'X-RAY DIFFRACTION' ? 
r_nbtor_other            0.088  0.200  ? 763  'X-RAY DIFFRACTION' ? 
r_xyhbond_nbd_refined    0.147  0.200  ? 54   'X-RAY DIFFRACTION' ? 
r_symmetry_vdw_refined   0.137  0.200  ? 18   'X-RAY DIFFRACTION' ? 
r_symmetry_vdw_other     0.272  0.200  ? 26   'X-RAY DIFFRACTION' ? 
r_symmetry_hbond_refined 0.093  0.200  ? 4    'X-RAY DIFFRACTION' ? 
r_mcbond_it              3.122  3.000  ? 856  'X-RAY DIFFRACTION' ? 
r_mcbond_other           1.058  3.000  ? 331  'X-RAY DIFFRACTION' ? 
r_mcangle_it             4.152  5.000  ? 1327 'X-RAY DIFFRACTION' ? 
r_scbond_it              6.807  7.000  ? 523  'X-RAY DIFFRACTION' ? 
r_scangle_it             8.990  11.000 ? 451  'X-RAY DIFFRACTION' ? 
# 
loop_
_refine_ls_restr_ncs.dom_id 
_refine_ls_restr_ncs.pdbx_auth_asym_id 
_refine_ls_restr_ncs.pdbx_number 
_refine_ls_restr_ncs.rms_dev_position 
_refine_ls_restr_ncs.weight_position 
_refine_ls_restr_ncs.pdbx_type 
_refine_ls_restr_ncs.pdbx_ens_id 
_refine_ls_restr_ncs.pdbx_refine_id 
_refine_ls_restr_ncs.pdbx_ordinal 
_refine_ls_restr_ncs.ncs_model_details 
_refine_ls_restr_ncs.rms_dev_B_iso 
_refine_ls_restr_ncs.weight_B_iso 
_refine_ls_restr_ncs.pdbx_asym_id 
_refine_ls_restr_ncs.pdbx_rms 
_refine_ls_restr_ncs.pdbx_weight 
1 A 1042 0.55 0.50 'medium positional' 1 'X-RAY DIFFRACTION' 1 ? ? ? ? ? ? 
1 A 1042 0.83 2.00 'medium thermal'    1 'X-RAY DIFFRACTION' 2 ? ? ? ? ? ? 
# 
_refine_ls_shell.pdbx_total_number_of_bins_used   20 
_refine_ls_shell.d_res_high                       2.394 
_refine_ls_shell.d_res_low                        2.456 
_refine_ls_shell.number_reflns_R_work             559 
_refine_ls_shell.R_factor_R_work                  0.244 
_refine_ls_shell.percent_reflns_obs               97.20 
_refine_ls_shell.R_factor_R_free                  0.364 
_refine_ls_shell.R_factor_R_free_error            ? 
_refine_ls_shell.percent_reflns_R_free            ? 
_refine_ls_shell.number_reflns_R_free             31 
_refine_ls_shell.number_reflns_all                ? 
_refine_ls_shell.R_factor_all                     ? 
_refine_ls_shell.number_reflns_obs                ? 
_refine_ls_shell.redundancy_reflns_obs            ? 
_refine_ls_shell.pdbx_refine_id                   'X-RAY DIFFRACTION' 
# 
loop_
_struct_ncs_dom.pdbx_ens_id 
_struct_ncs_dom.id 
_struct_ncs_dom.details 
1 1 A 
1 2 B 
# 
loop_
_struct_ncs_dom_lim.pdbx_ens_id 
_struct_ncs_dom_lim.dom_id 
_struct_ncs_dom_lim.pdbx_component_id 
_struct_ncs_dom_lim.beg_label_asym_id 
_struct_ncs_dom_lim.beg_label_comp_id 
_struct_ncs_dom_lim.beg_label_seq_id 
_struct_ncs_dom_lim.beg_label_alt_id 
_struct_ncs_dom_lim.end_label_asym_id 
_struct_ncs_dom_lim.end_label_comp_id 
_struct_ncs_dom_lim.end_label_seq_id 
_struct_ncs_dom_lim.end_label_alt_id 
_struct_ncs_dom_lim.beg_auth_asym_id 
_struct_ncs_dom_lim.beg_auth_comp_id 
_struct_ncs_dom_lim.beg_auth_seq_id 
_struct_ncs_dom_lim.end_auth_asym_id 
_struct_ncs_dom_lim.end_auth_comp_id 
_struct_ncs_dom_lim.end_auth_seq_id 
_struct_ncs_dom_lim.pdbx_refine_code 
_struct_ncs_dom_lim.selection_details 
1 1 1 A MET 2 . A VAL 83 . A MET 14 A VAL 95 4 ? 
1 2 1 B MET 2 . B VAL 83 . B MET 14 B VAL 95 4 ? 
# 
_struct_ncs_ens.id        1 
_struct_ncs_ens.details   ? 
# 
_struct.entry_id                  2F5Y 
_struct.title                     'Crystal Structure of the PDZ Domain from Human RGS-3' 
_struct.pdbx_model_details        ? 
_struct.pdbx_CASP_flag            ? 
_struct.pdbx_model_type_details   ? 
# 
_struct_keywords.entry_id        2F5Y 
_struct_keywords.pdbx_keywords   'SIGNALING PROTEIN' 
_struct_keywords.text            
'PDZ Domain, RGS-3, Human, Structural Genomics, Structural Genomics Consortium, SGC, SIGNALING PROTEIN' 
# 
loop_
_struct_asym.id 
_struct_asym.pdbx_blank_PDB_chainid_flag 
_struct_asym.pdbx_modified 
_struct_asym.entity_id 
_struct_asym.details 
A N N 1 ? 
B N N 1 ? 
C N N 2 ? 
D N N 2 ? 
E N N 3 ? 
F N N 3 ? 
# 
_struct_ref.id                         1 
_struct_ref.db_name                    UNP 
_struct_ref.db_code                    RGS3_HUMAN 
_struct_ref.pdbx_db_accession          P49796 
_struct_ref.entity_id                  1 
_struct_ref.pdbx_seq_one_letter_code   
;RYRQITIPRGKDGFGFTICCDSPVRVQAVDSGGPAERAGLQQLDTVLQLNERPVEHWKCVELAHEIRSCPSEIILLVWRM
VPQVKPGPD
;
_struct_ref.pdbx_align_begin           15 
_struct_ref.pdbx_db_isoform            ? 
# 
loop_
_struct_ref_seq.align_id 
_struct_ref_seq.ref_id 
_struct_ref_seq.pdbx_PDB_id_code 
_struct_ref_seq.pdbx_strand_id 
_struct_ref_seq.seq_align_beg 
_struct_ref_seq.pdbx_seq_align_beg_ins_code 
_struct_ref_seq.seq_align_end 
_struct_ref_seq.pdbx_seq_align_end_ins_code 
_struct_ref_seq.pdbx_db_accession 
_struct_ref_seq.db_align_beg 
_struct_ref_seq.pdbx_db_align_beg_ins_code 
_struct_ref_seq.db_align_end 
_struct_ref_seq.pdbx_db_align_end_ins_code 
_struct_ref_seq.pdbx_auth_seq_align_beg 
_struct_ref_seq.pdbx_auth_seq_align_end 
1 1 2F5Y A 3 ? 91 ? P49796 15 ? 103 ? 15 103 
2 1 2F5Y B 3 ? 91 ? P49796 15 ? 103 ? 15 103 
# 
loop_
_struct_ref_seq_dif.align_id 
_struct_ref_seq_dif.pdbx_pdb_id_code 
_struct_ref_seq_dif.mon_id 
_struct_ref_seq_dif.pdbx_pdb_strand_id 
_struct_ref_seq_dif.seq_num 
_struct_ref_seq_dif.pdbx_pdb_ins_code 
_struct_ref_seq_dif.pdbx_seq_db_name 
_struct_ref_seq_dif.pdbx_seq_db_accession_code 
_struct_ref_seq_dif.db_mon_id 
_struct_ref_seq_dif.pdbx_seq_db_seq_num 
_struct_ref_seq_dif.details 
_struct_ref_seq_dif.pdbx_auth_seq_num 
_struct_ref_seq_dif.pdbx_ordinal 
1 2F5Y SER A 1 ? UNP P49796 ? ? 'cloning artifact' 13 1 
1 2F5Y MET A 2 ? UNP P49796 ? ? 'cloning artifact' 14 2 
2 2F5Y SER B 1 ? UNP P49796 ? ? 'cloning artifact' 13 3 
2 2F5Y MET B 2 ? UNP P49796 ? ? 'cloning artifact' 14 4 
# 
loop_
_pdbx_struct_assembly.id 
_pdbx_struct_assembly.details 
_pdbx_struct_assembly.method_details 
_pdbx_struct_assembly.oligomeric_details 
_pdbx_struct_assembly.oligomeric_count 
1 author_defined_assembly ? monomeric 1 
2 author_defined_assembly ? monomeric 1 
# 
loop_
_pdbx_struct_assembly_gen.assembly_id 
_pdbx_struct_assembly_gen.oper_expression 
_pdbx_struct_assembly_gen.asym_id_list 
1 1 A,C,D,E 
2 1 B,F     
# 
_pdbx_struct_oper_list.id                   1 
_pdbx_struct_oper_list.type                 'identity operation' 
_pdbx_struct_oper_list.name                 1_555 
_pdbx_struct_oper_list.symmetry_operation   x,y,z 
_pdbx_struct_oper_list.matrix[1][1]         1.0000000000 
_pdbx_struct_oper_list.matrix[1][2]         0.0000000000 
_pdbx_struct_oper_list.matrix[1][3]         0.0000000000 
_pdbx_struct_oper_list.vector[1]            0.0000000000 
_pdbx_struct_oper_list.matrix[2][1]         0.0000000000 
_pdbx_struct_oper_list.matrix[2][2]         1.0000000000 
_pdbx_struct_oper_list.matrix[2][3]         0.0000000000 
_pdbx_struct_oper_list.vector[2]            0.0000000000 
_pdbx_struct_oper_list.matrix[3][1]         0.0000000000 
_pdbx_struct_oper_list.matrix[3][2]         0.0000000000 
_pdbx_struct_oper_list.matrix[3][3]         1.0000000000 
_pdbx_struct_oper_list.vector[3]            0.0000000000 
# 
_struct_biol.id   1 
# 
loop_
_struct_conf.conf_type_id 
_struct_conf.id 
_struct_conf.pdbx_PDB_helix_id 
_struct_conf.beg_label_comp_id 
_struct_conf.beg_label_asym_id 
_struct_conf.beg_label_seq_id 
_struct_conf.pdbx_beg_PDB_ins_code 
_struct_conf.end_label_comp_id 
_struct_conf.end_label_asym_id 
_struct_conf.end_label_seq_id 
_struct_conf.pdbx_end_PDB_ins_code 
_struct_conf.beg_auth_comp_id 
_struct_conf.beg_auth_asym_id 
_struct_conf.beg_auth_seq_id 
_struct_conf.end_auth_comp_id 
_struct_conf.end_auth_asym_id 
_struct_conf.end_auth_seq_id 
_struct_conf.pdbx_PDB_helix_class 
_struct_conf.details 
_struct_conf.pdbx_PDB_helix_length 
HELX_P HELX_P1 1 GLY A 35 ? GLY A 41 ? GLY A 47 GLY A 53 1 ? 7  
HELX_P HELX_P2 2 LYS A 60 ? SER A 70 ? LYS A 72 SER A 82 1 ? 11 
HELX_P HELX_P3 3 GLY B 35 ? GLY B 41 ? GLY B 47 GLY B 53 1 ? 7  
HELX_P HELX_P4 4 LYS B 60 ? SER B 70 ? LYS B 72 SER B 82 1 ? 11 
# 
_struct_conf_type.id          HELX_P 
_struct_conf_type.criteria    ? 
_struct_conf_type.reference   ? 
# 
loop_
_struct_conn.id 
_struct_conn.conn_type_id 
_struct_conn.pdbx_leaving_atom_flag 
_struct_conn.pdbx_PDB_id 
_struct_conn.ptnr1_label_asym_id 
_struct_conn.ptnr1_label_comp_id 
_struct_conn.ptnr1_label_seq_id 
_struct_conn.ptnr1_label_atom_id 
_struct_conn.pdbx_ptnr1_label_alt_id 
_struct_conn.pdbx_ptnr1_PDB_ins_code 
_struct_conn.pdbx_ptnr1_standard_comp_id 
_struct_conn.ptnr1_symmetry 
_struct_conn.ptnr2_label_asym_id 
_struct_conn.ptnr2_label_comp_id 
_struct_conn.ptnr2_label_seq_id 
_struct_conn.ptnr2_label_atom_id 
_struct_conn.pdbx_ptnr2_label_alt_id 
_struct_conn.pdbx_ptnr2_PDB_ins_code 
_struct_conn.ptnr1_auth_asym_id 
_struct_conn.ptnr1_auth_comp_id 
_struct_conn.ptnr1_auth_seq_id 
_struct_conn.ptnr2_auth_asym_id 
_struct_conn.ptnr2_auth_comp_id 
_struct_conn.ptnr2_auth_seq_id 
_struct_conn.ptnr2_symmetry 
_struct_conn.pdbx_ptnr3_label_atom_id 
_struct_conn.pdbx_ptnr3_label_seq_id 
_struct_conn.pdbx_ptnr3_label_comp_id 
_struct_conn.pdbx_ptnr3_label_asym_id 
_struct_conn.pdbx_ptnr3_label_alt_id 
_struct_conn.pdbx_ptnr3_PDB_ins_code 
_struct_conn.details 
_struct_conn.pdbx_dist_value 
_struct_conn.pdbx_value_order 
_struct_conn.pdbx_role 
disulf1 disulf ? ? A CYS 21 SG ? ? ? 1_555 B CYS 22 SG ? ? A CYS 33 B CYS 34 1_555 ? ? ? ? ? ? ? 2.032 ? ? 
disulf2 disulf ? ? A CYS 22 SG ? ? ? 1_555 B CYS 21 SG ? ? A CYS 34 B CYS 33 1_555 ? ? ? ? ? ? ? 2.035 ? ? 
disulf3 disulf ? ? A CYS 22 SG ? ? ? 1_555 B CYS 22 SG ? ? A CYS 34 B CYS 34 1_555 ? ? ? ? ? ? ? 2.726 ? ? 
# 
_struct_conn_type.id          disulf 
_struct_conn_type.criteria    ? 
_struct_conn_type.reference   ? 
# 
loop_
_pdbx_modification_feature.ordinal 
_pdbx_modification_feature.label_comp_id 
_pdbx_modification_feature.label_asym_id 
_pdbx_modification_feature.label_seq_id 
_pdbx_modification_feature.label_alt_id 
_pdbx_modification_feature.modified_residue_label_comp_id 
_pdbx_modification_feature.modified_residue_label_asym_id 
_pdbx_modification_feature.modified_residue_label_seq_id 
_pdbx_modification_feature.modified_residue_label_alt_id 
_pdbx_modification_feature.auth_comp_id 
_pdbx_modification_feature.auth_asym_id 
_pdbx_modification_feature.auth_seq_id 
_pdbx_modification_feature.PDB_ins_code 
_pdbx_modification_feature.symmetry 
_pdbx_modification_feature.modified_residue_auth_comp_id 
_pdbx_modification_feature.modified_residue_auth_asym_id 
_pdbx_modification_feature.modified_residue_auth_seq_id 
_pdbx_modification_feature.modified_residue_PDB_ins_code 
_pdbx_modification_feature.modified_residue_symmetry 
_pdbx_modification_feature.comp_id_linking_atom 
_pdbx_modification_feature.modified_residue_id_linking_atom 
_pdbx_modification_feature.modified_residue_id 
_pdbx_modification_feature.ref_pcm_id 
_pdbx_modification_feature.ref_comp_id 
_pdbx_modification_feature.type 
_pdbx_modification_feature.category 
1 CYS A 21 ? CYS B 22 ? CYS A 33 ? 1_555 CYS B 34 ? 1_555 SG SG . . . None 'Disulfide bridge' 
2 CYS A 22 ? CYS B 21 ? CYS A 34 ? 1_555 CYS B 33 ? 1_555 SG SG . . . None 'Disulfide bridge' 
3 CYS A 22 ? CYS B 22 ? CYS A 34 ? 1_555 CYS B 34 ? 1_555 SG SG . . . None 'Disulfide bridge' 
# 
loop_
_struct_mon_prot_cis.pdbx_id 
_struct_mon_prot_cis.label_comp_id 
_struct_mon_prot_cis.label_seq_id 
_struct_mon_prot_cis.label_asym_id 
_struct_mon_prot_cis.label_alt_id 
_struct_mon_prot_cis.pdbx_PDB_ins_code 
_struct_mon_prot_cis.auth_comp_id 
_struct_mon_prot_cis.auth_seq_id 
_struct_mon_prot_cis.auth_asym_id 
_struct_mon_prot_cis.pdbx_label_comp_id_2 
_struct_mon_prot_cis.pdbx_label_seq_id_2 
_struct_mon_prot_cis.pdbx_label_asym_id_2 
_struct_mon_prot_cis.pdbx_PDB_ins_code_2 
_struct_mon_prot_cis.pdbx_auth_comp_id_2 
_struct_mon_prot_cis.pdbx_auth_seq_id_2 
_struct_mon_prot_cis.pdbx_auth_asym_id_2 
_struct_mon_prot_cis.pdbx_PDB_model_num 
_struct_mon_prot_cis.pdbx_omega_angle 
1 SER 24 A . ? SER 36 A PRO 25 A ? PRO 37 A 1 -0.18 
2 SER 24 B . ? SER 36 B PRO 25 B ? PRO 37 B 1 -1.41 
3 MET 82 B . ? MET 94 B VAL 83 B ? VAL 95 B 1 -4.97 
# 
loop_
_struct_sheet.id 
_struct_sheet.type 
_struct_sheet.number_strands 
_struct_sheet.details 
A ? 4 ? 
B ? 2 ? 
C ? 5 ? 
D ? 4 ? 
# 
loop_
_struct_sheet_order.sheet_id 
_struct_sheet_order.range_id_1 
_struct_sheet_order.range_id_2 
_struct_sheet_order.offset 
_struct_sheet_order.sense 
A 1 2 ? anti-parallel 
A 2 3 ? anti-parallel 
A 3 4 ? anti-parallel 
B 1 2 ? anti-parallel 
C 1 2 ? anti-parallel 
C 2 3 ? anti-parallel 
C 3 4 ? anti-parallel 
C 4 5 ? anti-parallel 
D 1 2 ? anti-parallel 
D 2 3 ? anti-parallel 
D 3 4 ? anti-parallel 
# 
loop_
_struct_sheet_range.sheet_id 
_struct_sheet_range.id 
_struct_sheet_range.beg_label_comp_id 
_struct_sheet_range.beg_label_asym_id 
_struct_sheet_range.beg_label_seq_id 
_struct_sheet_range.pdbx_beg_PDB_ins_code 
_struct_sheet_range.end_label_comp_id 
_struct_sheet_range.end_label_asym_id 
_struct_sheet_range.end_label_seq_id 
_struct_sheet_range.pdbx_end_PDB_ins_code 
_struct_sheet_range.beg_auth_comp_id 
_struct_sheet_range.beg_auth_asym_id 
_struct_sheet_range.beg_auth_seq_id 
_struct_sheet_range.end_auth_comp_id 
_struct_sheet_range.end_auth_asym_id 
_struct_sheet_range.end_auth_seq_id 
A 1 ARG A 3  ? PRO A 10 ? ARG A 15 PRO A 22 
A 2 GLU A 74 ? ARG A 81 ? GLU A 86 ARG A 93 
A 3 THR A 47 ? LEU A 51 ? THR A 59 LEU A 63 
A 4 ARG A 54 ? PRO A 55 ? ARG A 66 PRO A 67 
B 1 PHE A 18 ? CYS A 21 ? PHE A 30 CYS A 33 
B 2 ARG A 27 ? VAL A 31 ? ARG A 39 VAL A 43 
C 1 ARG B 3  ? PRO B 10 ? ARG B 15 PRO B 22 
C 2 GLU B 74 ? ARG B 81 ? GLU B 86 ARG B 93 
C 3 THR B 47 ? LEU B 51 ? THR B 59 LEU B 63 
C 4 VAL B 26 ? VAL B 31 ? VAL B 38 VAL B 43 
C 5 PHE B 18 ? CYS B 21 ? PHE B 30 CYS B 33 
D 1 ARG B 3  ? PRO B 10 ? ARG B 15 PRO B 22 
D 2 GLU B 74 ? ARG B 81 ? GLU B 86 ARG B 93 
D 3 THR B 47 ? LEU B 51 ? THR B 59 LEU B 63 
D 4 ARG B 54 ? PRO B 55 ? ARG B 66 PRO B 67 
# 
loop_
_pdbx_struct_sheet_hbond.sheet_id 
_pdbx_struct_sheet_hbond.range_id_1 
_pdbx_struct_sheet_hbond.range_id_2 
_pdbx_struct_sheet_hbond.range_1_label_atom_id 
_pdbx_struct_sheet_hbond.range_1_label_comp_id 
_pdbx_struct_sheet_hbond.range_1_label_asym_id 
_pdbx_struct_sheet_hbond.range_1_label_seq_id 
_pdbx_struct_sheet_hbond.range_1_PDB_ins_code 
_pdbx_struct_sheet_hbond.range_1_auth_atom_id 
_pdbx_struct_sheet_hbond.range_1_auth_comp_id 
_pdbx_struct_sheet_hbond.range_1_auth_asym_id 
_pdbx_struct_sheet_hbond.range_1_auth_seq_id 
_pdbx_struct_sheet_hbond.range_2_label_atom_id 
_pdbx_struct_sheet_hbond.range_2_label_comp_id 
_pdbx_struct_sheet_hbond.range_2_label_asym_id 
_pdbx_struct_sheet_hbond.range_2_label_seq_id 
_pdbx_struct_sheet_hbond.range_2_PDB_ins_code 
_pdbx_struct_sheet_hbond.range_2_auth_atom_id 
_pdbx_struct_sheet_hbond.range_2_auth_comp_id 
_pdbx_struct_sheet_hbond.range_2_auth_asym_id 
_pdbx_struct_sheet_hbond.range_2_auth_seq_id 
A 1 2 N ARG A 5  ? N ARG A 17 O VAL A 79 ? O VAL A 91 
A 2 3 O TRP A 80 ? O TRP A 92 N THR A 47 ? N THR A 59 
A 3 4 N LEU A 51 ? N LEU A 63 O ARG A 54 ? O ARG A 66 
B 1 2 N CYS A 21 ? N CYS A 33 O ARG A 27 ? O ARG A 39 
C 1 2 N ILE B 9  ? N ILE B 21 O ILE B 75 ? O ILE B 87 
C 2 3 O LEU B 78 ? O LEU B 90 N LEU B 49 ? N LEU B 61 
C 3 4 O VAL B 48 ? O VAL B 60 N VAL B 26 ? N VAL B 38 
C 4 5 O ARG B 27 ? O ARG B 39 N CYS B 21 ? N CYS B 33 
D 1 2 N ILE B 9  ? N ILE B 21 O ILE B 75 ? O ILE B 87 
D 2 3 O LEU B 78 ? O LEU B 90 N LEU B 49 ? N LEU B 61 
D 3 4 N LEU B 51 ? N LEU B 63 O ARG B 54 ? O ARG B 66 
# 
loop_
_struct_site.id 
_struct_site.pdbx_evidence_code 
_struct_site.pdbx_auth_asym_id 
_struct_site.pdbx_auth_comp_id 
_struct_site.pdbx_auth_seq_id 
_struct_site.pdbx_auth_ins_code 
_struct_site.pdbx_num_residues 
_struct_site.details 
AC1 Software A SO4 1 ? 7 'BINDING SITE FOR RESIDUE SO4 A 1' 
AC2 Software A SO4 2 ? 6 'BINDING SITE FOR RESIDUE SO4 A 2' 
# 
loop_
_struct_site_gen.id 
_struct_site_gen.site_id 
_struct_site_gen.pdbx_num_res 
_struct_site_gen.label_comp_id 
_struct_site_gen.label_asym_id 
_struct_site_gen.label_seq_id 
_struct_site_gen.pdbx_auth_ins_code 
_struct_site_gen.auth_comp_id 
_struct_site_gen.auth_asym_id 
_struct_site_gen.auth_seq_id 
_struct_site_gen.label_atom_id 
_struct_site_gen.label_alt_id 
_struct_site_gen.symmetry 
_struct_site_gen.details 
1  AC1 7 GLY A 12 ? GLY A 24  . ? 1_555 ? 
2  AC1 7 LYS A 13 ? LYS A 25  . ? 1_555 ? 
3  AC1 7 PRO A 36 ? PRO A 48  . ? 1_555 ? 
4  AC1 7 ARG A 39 ? ARG A 51  . ? 1_555 ? 
5  AC1 7 GLY B 12 ? GLY B 24  . ? 1_556 ? 
6  AC1 7 LYS B 13 ? LYS B 25  . ? 1_556 ? 
7  AC1 7 ASP B 14 ? ASP B 26  . ? 1_556 ? 
8  AC2 6 VAL A 62 ? VAL A 74  . ? 1_555 ? 
9  AC2 6 ALA A 65 ? ALA A 77  . ? 1_555 ? 
10 AC2 6 HIS A 66 ? HIS A 78  . ? 1_555 ? 
11 AC2 6 ARG A 69 ? ARG A 81  . ? 1_555 ? 
12 AC2 6 HOH E .  ? HOH A 122 . ? 1_555 ? 
13 AC2 6 LYS B 60 ? LYS B 72  . ? 3_554 ? 
# 
_pdbx_entry_details.entry_id                   2F5Y 
_pdbx_entry_details.compound_details           ? 
_pdbx_entry_details.source_details             ? 
_pdbx_entry_details.nonpolymer_details         ? 
_pdbx_entry_details.sequence_details           ? 
_pdbx_entry_details.has_ligand_of_interest     ? 
_pdbx_entry_details.has_protein_modification   Y 
# 
loop_
_pdbx_validate_torsion.id 
_pdbx_validate_torsion.PDB_model_num 
_pdbx_validate_torsion.auth_comp_id 
_pdbx_validate_torsion.auth_asym_id 
_pdbx_validate_torsion.auth_seq_id 
_pdbx_validate_torsion.PDB_ins_code 
_pdbx_validate_torsion.label_alt_id 
_pdbx_validate_torsion.phi 
_pdbx_validate_torsion.psi 
1 1 CYS A 34 ? ? 72.56   159.42  
2 1 LEU A 57 ? ? 78.19   -9.31   
3 1 ASN A 64 ? ? 53.20   -124.76 
4 1 HIS A 70 ? ? -160.35 -14.28  
5 1 CYS B 34 ? ? 80.97   161.48  
6 1 LEU B 57 ? ? 75.27   -3.28   
7 1 SER B 85 ? ? -108.14 -61.50  
# 
_pdbx_validate_peptide_omega.id               1 
_pdbx_validate_peptide_omega.PDB_model_num    1 
_pdbx_validate_peptide_omega.auth_comp_id_1   GLU 
_pdbx_validate_peptide_omega.auth_asym_id_1   A 
_pdbx_validate_peptide_omega.auth_seq_id_1    69 
_pdbx_validate_peptide_omega.PDB_ins_code_1   ? 
_pdbx_validate_peptide_omega.label_alt_id_1   ? 
_pdbx_validate_peptide_omega.auth_comp_id_2   HIS 
_pdbx_validate_peptide_omega.auth_asym_id_2   A 
_pdbx_validate_peptide_omega.auth_seq_id_2    70 
_pdbx_validate_peptide_omega.PDB_ins_code_2   ? 
_pdbx_validate_peptide_omega.label_alt_id_2   ? 
_pdbx_validate_peptide_omega.omega            -105.46 
# 
_pdbx_validate_chiral.id              1 
_pdbx_validate_chiral.PDB_model_num   1 
_pdbx_validate_chiral.auth_atom_id    CA 
_pdbx_validate_chiral.label_alt_id    ? 
_pdbx_validate_chiral.auth_asym_id    B 
_pdbx_validate_chiral.auth_comp_id    VAL 
_pdbx_validate_chiral.auth_seq_id     95 
_pdbx_validate_chiral.PDB_ins_code    ? 
_pdbx_validate_chiral.details         PLANAR 
_pdbx_validate_chiral.omega           . 
# 
_pdbx_SG_project.id                    1 
_pdbx_SG_project.project_name          ? 
_pdbx_SG_project.full_name_of_center   'Structural Genomics Consortium' 
_pdbx_SG_project.initial_of_center     SGC 
# 
loop_
_pdbx_refine_tls.id 
_pdbx_refine_tls.details 
_pdbx_refine_tls.method 
_pdbx_refine_tls.origin_x 
_pdbx_refine_tls.origin_y 
_pdbx_refine_tls.origin_z 
_pdbx_refine_tls.T[1][1] 
_pdbx_refine_tls.T[2][2] 
_pdbx_refine_tls.T[3][3] 
_pdbx_refine_tls.T[1][2] 
_pdbx_refine_tls.T[1][3] 
_pdbx_refine_tls.T[2][3] 
_pdbx_refine_tls.L[1][1] 
_pdbx_refine_tls.L[2][2] 
_pdbx_refine_tls.L[3][3] 
_pdbx_refine_tls.L[1][2] 
_pdbx_refine_tls.L[1][3] 
_pdbx_refine_tls.L[2][3] 
_pdbx_refine_tls.S[1][1] 
_pdbx_refine_tls.S[1][2] 
_pdbx_refine_tls.S[1][3] 
_pdbx_refine_tls.S[2][1] 
_pdbx_refine_tls.S[2][2] 
_pdbx_refine_tls.S[2][3] 
_pdbx_refine_tls.S[3][1] 
_pdbx_refine_tls.S[3][2] 
_pdbx_refine_tls.S[3][3] 
_pdbx_refine_tls.pdbx_refine_id 
1 ? refined -7.4648 7.4690  -6.7142 -0.1781 -0.2056 -0.2318 -0.0196 -0.0034 -0.0183 6.4059 3.6916 5.2017 -1.0679 1.9752 -1.2527 -0.2137 0.1406  0.1582 -0.1010 0.0741 0.0202  0.0133 0.0758 0.1396  'X-RAY DIFFRACTION' 
2 ? refined 7.9039  -7.0150 6.9295  -0.1879 -0.1066 -0.1875 -0.0031 -0.0160 -0.0293 6.6590 4.9922 5.6046 -2.1152 0.1696 -0.1643 -0.0580 -0.7226 0.2928 0.4234  0.1141 -0.1764 0.0153 0.0534 -0.0561 'X-RAY DIFFRACTION' 
# 
loop_
_pdbx_refine_tls_group.id 
_pdbx_refine_tls_group.refine_tls_id 
_pdbx_refine_tls_group.beg_auth_asym_id 
_pdbx_refine_tls_group.beg_auth_seq_id 
_pdbx_refine_tls_group.beg_label_asym_id 
_pdbx_refine_tls_group.beg_label_seq_id 
_pdbx_refine_tls_group.end_auth_asym_id 
_pdbx_refine_tls_group.end_auth_seq_id 
_pdbx_refine_tls_group.end_label_asym_id 
_pdbx_refine_tls_group.end_label_seq_id 
_pdbx_refine_tls_group.selection 
_pdbx_refine_tls_group.pdbx_refine_id 
_pdbx_refine_tls_group.selection_details 
1 1 A 14 A 2 A 95 A 83 ? 'X-RAY DIFFRACTION' ? 
2 2 B 14 B 2 B 95 B 83 ? 'X-RAY DIFFRACTION' ? 
# 
loop_
_pdbx_unobs_or_zero_occ_residues.id 
_pdbx_unobs_or_zero_occ_residues.PDB_model_num 
_pdbx_unobs_or_zero_occ_residues.polymer_flag 
_pdbx_unobs_or_zero_occ_residues.occupancy_flag 
_pdbx_unobs_or_zero_occ_residues.auth_asym_id 
_pdbx_unobs_or_zero_occ_residues.auth_comp_id 
_pdbx_unobs_or_zero_occ_residues.auth_seq_id 
_pdbx_unobs_or_zero_occ_residues.PDB_ins_code 
_pdbx_unobs_or_zero_occ_residues.label_asym_id 
_pdbx_unobs_or_zero_occ_residues.label_comp_id 
_pdbx_unobs_or_zero_occ_residues.label_seq_id 
1  1 Y 1 A SER 13  ? A SER 1  
2  1 Y 1 A PRO 96  ? A PRO 84 
3  1 Y 1 A GLN 97  ? A GLN 85 
4  1 Y 1 A VAL 98  ? A VAL 86 
5  1 Y 1 A LYS 99  ? A LYS 87 
6  1 Y 1 A PRO 100 ? A PRO 88 
7  1 Y 1 A GLY 101 ? A GLY 89 
8  1 Y 1 A PRO 102 ? A PRO 90 
9  1 Y 1 A ASP 103 ? A ASP 91 
10 1 Y 1 B SER 13  ? B SER 1  
11 1 Y 1 B PRO 96  ? B PRO 84 
12 1 Y 1 B GLN 97  ? B GLN 85 
13 1 Y 1 B VAL 98  ? B VAL 86 
14 1 Y 1 B LYS 99  ? B LYS 87 
15 1 Y 1 B PRO 100 ? B PRO 88 
16 1 Y 1 B GLY 101 ? B GLY 89 
17 1 Y 1 B PRO 102 ? B PRO 90 
18 1 Y 1 B ASP 103 ? B ASP 91 
# 
loop_
_chem_comp_atom.comp_id 
_chem_comp_atom.atom_id 
_chem_comp_atom.type_symbol 
_chem_comp_atom.pdbx_aromatic_flag 
_chem_comp_atom.pdbx_stereo_config 
_chem_comp_atom.pdbx_ordinal 
ALA N    N N N 1   
ALA CA   C N S 2   
ALA C    C N N 3   
ALA O    O N N 4   
ALA CB   C N N 5   
ALA OXT  O N N 6   
ALA H    H N N 7   
ALA H2   H N N 8   
ALA HA   H N N 9   
ALA HB1  H N N 10  
ALA HB2  H N N 11  
ALA HB3  H N N 12  
ALA HXT  H N N 13  
ARG N    N N N 14  
ARG CA   C N S 15  
ARG C    C N N 16  
ARG O    O N N 17  
ARG CB   C N N 18  
ARG CG   C N N 19  
ARG CD   C N N 20  
ARG NE   N N N 21  
ARG CZ   C N N 22  
ARG NH1  N N N 23  
ARG NH2  N N N 24  
ARG OXT  O N N 25  
ARG H    H N N 26  
ARG H2   H N N 27  
ARG HA   H N N 28  
ARG HB2  H N N 29  
ARG HB3  H N N 30  
ARG HG2  H N N 31  
ARG HG3  H N N 32  
ARG HD2  H N N 33  
ARG HD3  H N N 34  
ARG HE   H N N 35  
ARG HH11 H N N 36  
ARG HH12 H N N 37  
ARG HH21 H N N 38  
ARG HH22 H N N 39  
ARG HXT  H N N 40  
ASN N    N N N 41  
ASN CA   C N S 42  
ASN C    C N N 43  
ASN O    O N N 44  
ASN CB   C N N 45  
ASN CG   C N N 46  
ASN OD1  O N N 47  
ASN ND2  N N N 48  
ASN OXT  O N N 49  
ASN H    H N N 50  
ASN H2   H N N 51  
ASN HA   H N N 52  
ASN HB2  H N N 53  
ASN HB3  H N N 54  
ASN HD21 H N N 55  
ASN HD22 H N N 56  
ASN HXT  H N N 57  
ASP N    N N N 58  
ASP CA   C N S 59  
ASP C    C N N 60  
ASP O    O N N 61  
ASP CB   C N N 62  
ASP CG   C N N 63  
ASP OD1  O N N 64  
ASP OD2  O N N 65  
ASP OXT  O N N 66  
ASP H    H N N 67  
ASP H2   H N N 68  
ASP HA   H N N 69  
ASP HB2  H N N 70  
ASP HB3  H N N 71  
ASP HD2  H N N 72  
ASP HXT  H N N 73  
CYS N    N N N 74  
CYS CA   C N R 75  
CYS C    C N N 76  
CYS O    O N N 77  
CYS CB   C N N 78  
CYS SG   S N N 79  
CYS OXT  O N N 80  
CYS H    H N N 81  
CYS H2   H N N 82  
CYS HA   H N N 83  
CYS HB2  H N N 84  
CYS HB3  H N N 85  
CYS HG   H N N 86  
CYS HXT  H N N 87  
GLN N    N N N 88  
GLN CA   C N S 89  
GLN C    C N N 90  
GLN O    O N N 91  
GLN CB   C N N 92  
GLN CG   C N N 93  
GLN CD   C N N 94  
GLN OE1  O N N 95  
GLN NE2  N N N 96  
GLN OXT  O N N 97  
GLN H    H N N 98  
GLN H2   H N N 99  
GLN HA   H N N 100 
GLN HB2  H N N 101 
GLN HB3  H N N 102 
GLN HG2  H N N 103 
GLN HG3  H N N 104 
GLN HE21 H N N 105 
GLN HE22 H N N 106 
GLN HXT  H N N 107 
GLU N    N N N 108 
GLU CA   C N S 109 
GLU C    C N N 110 
GLU O    O N N 111 
GLU CB   C N N 112 
GLU CG   C N N 113 
GLU CD   C N N 114 
GLU OE1  O N N 115 
GLU OE2  O N N 116 
GLU OXT  O N N 117 
GLU H    H N N 118 
GLU H2   H N N 119 
GLU HA   H N N 120 
GLU HB2  H N N 121 
GLU HB3  H N N 122 
GLU HG2  H N N 123 
GLU HG3  H N N 124 
GLU HE2  H N N 125 
GLU HXT  H N N 126 
GLY N    N N N 127 
GLY CA   C N N 128 
GLY C    C N N 129 
GLY O    O N N 130 
GLY OXT  O N N 131 
GLY H    H N N 132 
GLY H2   H N N 133 
GLY HA2  H N N 134 
GLY HA3  H N N 135 
GLY HXT  H N N 136 
HIS N    N N N 137 
HIS CA   C N S 138 
HIS C    C N N 139 
HIS O    O N N 140 
HIS CB   C N N 141 
HIS CG   C Y N 142 
HIS ND1  N Y N 143 
HIS CD2  C Y N 144 
HIS CE1  C Y N 145 
HIS NE2  N Y N 146 
HIS OXT  O N N 147 
HIS H    H N N 148 
HIS H2   H N N 149 
HIS HA   H N N 150 
HIS HB2  H N N 151 
HIS HB3  H N N 152 
HIS HD1  H N N 153 
HIS HD2  H N N 154 
HIS HE1  H N N 155 
HIS HE2  H N N 156 
HIS HXT  H N N 157 
HOH O    O N N 158 
HOH H1   H N N 159 
HOH H2   H N N 160 
ILE N    N N N 161 
ILE CA   C N S 162 
ILE C    C N N 163 
ILE O    O N N 164 
ILE CB   C N S 165 
ILE CG1  C N N 166 
ILE CG2  C N N 167 
ILE CD1  C N N 168 
ILE OXT  O N N 169 
ILE H    H N N 170 
ILE H2   H N N 171 
ILE HA   H N N 172 
ILE HB   H N N 173 
ILE HG12 H N N 174 
ILE HG13 H N N 175 
ILE HG21 H N N 176 
ILE HG22 H N N 177 
ILE HG23 H N N 178 
ILE HD11 H N N 179 
ILE HD12 H N N 180 
ILE HD13 H N N 181 
ILE HXT  H N N 182 
LEU N    N N N 183 
LEU CA   C N S 184 
LEU C    C N N 185 
LEU O    O N N 186 
LEU CB   C N N 187 
LEU CG   C N N 188 
LEU CD1  C N N 189 
LEU CD2  C N N 190 
LEU OXT  O N N 191 
LEU H    H N N 192 
LEU H2   H N N 193 
LEU HA   H N N 194 
LEU HB2  H N N 195 
LEU HB3  H N N 196 
LEU HG   H N N 197 
LEU HD11 H N N 198 
LEU HD12 H N N 199 
LEU HD13 H N N 200 
LEU HD21 H N N 201 
LEU HD22 H N N 202 
LEU HD23 H N N 203 
LEU HXT  H N N 204 
LYS N    N N N 205 
LYS CA   C N S 206 
LYS C    C N N 207 
LYS O    O N N 208 
LYS CB   C N N 209 
LYS CG   C N N 210 
LYS CD   C N N 211 
LYS CE   C N N 212 
LYS NZ   N N N 213 
LYS OXT  O N N 214 
LYS H    H N N 215 
LYS H2   H N N 216 
LYS HA   H N N 217 
LYS HB2  H N N 218 
LYS HB3  H N N 219 
LYS HG2  H N N 220 
LYS HG3  H N N 221 
LYS HD2  H N N 222 
LYS HD3  H N N 223 
LYS HE2  H N N 224 
LYS HE3  H N N 225 
LYS HZ1  H N N 226 
LYS HZ2  H N N 227 
LYS HZ3  H N N 228 
LYS HXT  H N N 229 
MET N    N N N 230 
MET CA   C N S 231 
MET C    C N N 232 
MET O    O N N 233 
MET CB   C N N 234 
MET CG   C N N 235 
MET SD   S N N 236 
MET CE   C N N 237 
MET OXT  O N N 238 
MET H    H N N 239 
MET H2   H N N 240 
MET HA   H N N 241 
MET HB2  H N N 242 
MET HB3  H N N 243 
MET HG2  H N N 244 
MET HG3  H N N 245 
MET HE1  H N N 246 
MET HE2  H N N 247 
MET HE3  H N N 248 
MET HXT  H N N 249 
PHE N    N N N 250 
PHE CA   C N S 251 
PHE C    C N N 252 
PHE O    O N N 253 
PHE CB   C N N 254 
PHE CG   C Y N 255 
PHE CD1  C Y N 256 
PHE CD2  C Y N 257 
PHE CE1  C Y N 258 
PHE CE2  C Y N 259 
PHE CZ   C Y N 260 
PHE OXT  O N N 261 
PHE H    H N N 262 
PHE H2   H N N 263 
PHE HA   H N N 264 
PHE HB2  H N N 265 
PHE HB3  H N N 266 
PHE HD1  H N N 267 
PHE HD2  H N N 268 
PHE HE1  H N N 269 
PHE HE2  H N N 270 
PHE HZ   H N N 271 
PHE HXT  H N N 272 
PRO N    N N N 273 
PRO CA   C N S 274 
PRO C    C N N 275 
PRO O    O N N 276 
PRO CB   C N N 277 
PRO CG   C N N 278 
PRO CD   C N N 279 
PRO OXT  O N N 280 
PRO H    H N N 281 
PRO HA   H N N 282 
PRO HB2  H N N 283 
PRO HB3  H N N 284 
PRO HG2  H N N 285 
PRO HG3  H N N 286 
PRO HD2  H N N 287 
PRO HD3  H N N 288 
PRO HXT  H N N 289 
SER N    N N N 290 
SER CA   C N S 291 
SER C    C N N 292 
SER O    O N N 293 
SER CB   C N N 294 
SER OG   O N N 295 
SER OXT  O N N 296 
SER H    H N N 297 
SER H2   H N N 298 
SER HA   H N N 299 
SER HB2  H N N 300 
SER HB3  H N N 301 
SER HG   H N N 302 
SER HXT  H N N 303 
SO4 S    S N N 304 
SO4 O1   O N N 305 
SO4 O2   O N N 306 
SO4 O3   O N N 307 
SO4 O4   O N N 308 
THR N    N N N 309 
THR CA   C N S 310 
THR C    C N N 311 
THR O    O N N 312 
THR CB   C N R 313 
THR OG1  O N N 314 
THR CG2  C N N 315 
THR OXT  O N N 316 
THR H    H N N 317 
THR H2   H N N 318 
THR HA   H N N 319 
THR HB   H N N 320 
THR HG1  H N N 321 
THR HG21 H N N 322 
THR HG22 H N N 323 
THR HG23 H N N 324 
THR HXT  H N N 325 
TRP N    N N N 326 
TRP CA   C N S 327 
TRP C    C N N 328 
TRP O    O N N 329 
TRP CB   C N N 330 
TRP CG   C Y N 331 
TRP CD1  C Y N 332 
TRP CD2  C Y N 333 
TRP NE1  N Y N 334 
TRP CE2  C Y N 335 
TRP CE3  C Y N 336 
TRP CZ2  C Y N 337 
TRP CZ3  C Y N 338 
TRP CH2  C Y N 339 
TRP OXT  O N N 340 
TRP H    H N N 341 
TRP H2   H N N 342 
TRP HA   H N N 343 
TRP HB2  H N N 344 
TRP HB3  H N N 345 
TRP HD1  H N N 346 
TRP HE1  H N N 347 
TRP HE3  H N N 348 
TRP HZ2  H N N 349 
TRP HZ3  H N N 350 
TRP HH2  H N N 351 
TRP HXT  H N N 352 
TYR N    N N N 353 
TYR CA   C N S 354 
TYR C    C N N 355 
TYR O    O N N 356 
TYR CB   C N N 357 
TYR CG   C Y N 358 
TYR CD1  C Y N 359 
TYR CD2  C Y N 360 
TYR CE1  C Y N 361 
TYR CE2  C Y N 362 
TYR CZ   C Y N 363 
TYR OH   O N N 364 
TYR OXT  O N N 365 
TYR H    H N N 366 
TYR H2   H N N 367 
TYR HA   H N N 368 
TYR HB2  H N N 369 
TYR HB3  H N N 370 
TYR HD1  H N N 371 
TYR HD2  H N N 372 
TYR HE1  H N N 373 
TYR HE2  H N N 374 
TYR HH   H N N 375 
TYR HXT  H N N 376 
VAL N    N N N 377 
VAL CA   C N S 378 
VAL C    C N N 379 
VAL O    O N N 380 
VAL CB   C N N 381 
VAL CG1  C N N 382 
VAL CG2  C N N 383 
VAL OXT  O N N 384 
VAL H    H N N 385 
VAL H2   H N N 386 
VAL HA   H N N 387 
VAL HB   H N N 388 
VAL HG11 H N N 389 
VAL HG12 H N N 390 
VAL HG13 H N N 391 
VAL HG21 H N N 392 
VAL HG22 H N N 393 
VAL HG23 H N N 394 
VAL HXT  H N N 395 
# 
loop_
_chem_comp_bond.comp_id 
_chem_comp_bond.atom_id_1 
_chem_comp_bond.atom_id_2 
_chem_comp_bond.value_order 
_chem_comp_bond.pdbx_aromatic_flag 
_chem_comp_bond.pdbx_stereo_config 
_chem_comp_bond.pdbx_ordinal 
ALA N   CA   sing N N 1   
ALA N   H    sing N N 2   
ALA N   H2   sing N N 3   
ALA CA  C    sing N N 4   
ALA CA  CB   sing N N 5   
ALA CA  HA   sing N N 6   
ALA C   O    doub N N 7   
ALA C   OXT  sing N N 8   
ALA CB  HB1  sing N N 9   
ALA CB  HB2  sing N N 10  
ALA CB  HB3  sing N N 11  
ALA OXT HXT  sing N N 12  
ARG N   CA   sing N N 13  
ARG N   H    sing N N 14  
ARG N   H2   sing N N 15  
ARG CA  C    sing N N 16  
ARG CA  CB   sing N N 17  
ARG CA  HA   sing N N 18  
ARG C   O    doub N N 19  
ARG C   OXT  sing N N 20  
ARG CB  CG   sing N N 21  
ARG CB  HB2  sing N N 22  
ARG CB  HB3  sing N N 23  
ARG CG  CD   sing N N 24  
ARG CG  HG2  sing N N 25  
ARG CG  HG3  sing N N 26  
ARG CD  NE   sing N N 27  
ARG CD  HD2  sing N N 28  
ARG CD  HD3  sing N N 29  
ARG NE  CZ   sing N N 30  
ARG NE  HE   sing N N 31  
ARG CZ  NH1  sing N N 32  
ARG CZ  NH2  doub N N 33  
ARG NH1 HH11 sing N N 34  
ARG NH1 HH12 sing N N 35  
ARG NH2 HH21 sing N N 36  
ARG NH2 HH22 sing N N 37  
ARG OXT HXT  sing N N 38  
ASN N   CA   sing N N 39  
ASN N   H    sing N N 40  
ASN N   H2   sing N N 41  
ASN CA  C    sing N N 42  
ASN CA  CB   sing N N 43  
ASN CA  HA   sing N N 44  
ASN C   O    doub N N 45  
ASN C   OXT  sing N N 46  
ASN CB  CG   sing N N 47  
ASN CB  HB2  sing N N 48  
ASN CB  HB3  sing N N 49  
ASN CG  OD1  doub N N 50  
ASN CG  ND2  sing N N 51  
ASN ND2 HD21 sing N N 52  
ASN ND2 HD22 sing N N 53  
ASN OXT HXT  sing N N 54  
ASP N   CA   sing N N 55  
ASP N   H    sing N N 56  
ASP N   H2   sing N N 57  
ASP CA  C    sing N N 58  
ASP CA  CB   sing N N 59  
ASP CA  HA   sing N N 60  
ASP C   O    doub N N 61  
ASP C   OXT  sing N N 62  
ASP CB  CG   sing N N 63  
ASP CB  HB2  sing N N 64  
ASP CB  HB3  sing N N 65  
ASP CG  OD1  doub N N 66  
ASP CG  OD2  sing N N 67  
ASP OD2 HD2  sing N N 68  
ASP OXT HXT  sing N N 69  
CYS N   CA   sing N N 70  
CYS N   H    sing N N 71  
CYS N   H2   sing N N 72  
CYS CA  C    sing N N 73  
CYS CA  CB   sing N N 74  
CYS CA  HA   sing N N 75  
CYS C   O    doub N N 76  
CYS C   OXT  sing N N 77  
CYS CB  SG   sing N N 78  
CYS CB  HB2  sing N N 79  
CYS CB  HB3  sing N N 80  
CYS SG  HG   sing N N 81  
CYS OXT HXT  sing N N 82  
GLN N   CA   sing N N 83  
GLN N   H    sing N N 84  
GLN N   H2   sing N N 85  
GLN CA  C    sing N N 86  
GLN CA  CB   sing N N 87  
GLN CA  HA   sing N N 88  
GLN C   O    doub N N 89  
GLN C   OXT  sing N N 90  
GLN CB  CG   sing N N 91  
GLN CB  HB2  sing N N 92  
GLN CB  HB3  sing N N 93  
GLN CG  CD   sing N N 94  
GLN CG  HG2  sing N N 95  
GLN CG  HG3  sing N N 96  
GLN CD  OE1  doub N N 97  
GLN CD  NE2  sing N N 98  
GLN NE2 HE21 sing N N 99  
GLN NE2 HE22 sing N N 100 
GLN OXT HXT  sing N N 101 
GLU N   CA   sing N N 102 
GLU N   H    sing N N 103 
GLU N   H2   sing N N 104 
GLU CA  C    sing N N 105 
GLU CA  CB   sing N N 106 
GLU CA  HA   sing N N 107 
GLU C   O    doub N N 108 
GLU C   OXT  sing N N 109 
GLU CB  CG   sing N N 110 
GLU CB  HB2  sing N N 111 
GLU CB  HB3  sing N N 112 
GLU CG  CD   sing N N 113 
GLU CG  HG2  sing N N 114 
GLU CG  HG3  sing N N 115 
GLU CD  OE1  doub N N 116 
GLU CD  OE2  sing N N 117 
GLU OE2 HE2  sing N N 118 
GLU OXT HXT  sing N N 119 
GLY N   CA   sing N N 120 
GLY N   H    sing N N 121 
GLY N   H2   sing N N 122 
GLY CA  C    sing N N 123 
GLY CA  HA2  sing N N 124 
GLY CA  HA3  sing N N 125 
GLY C   O    doub N N 126 
GLY C   OXT  sing N N 127 
GLY OXT HXT  sing N N 128 
HIS N   CA   sing N N 129 
HIS N   H    sing N N 130 
HIS N   H2   sing N N 131 
HIS CA  C    sing N N 132 
HIS CA  CB   sing N N 133 
HIS CA  HA   sing N N 134 
HIS C   O    doub N N 135 
HIS C   OXT  sing N N 136 
HIS CB  CG   sing N N 137 
HIS CB  HB2  sing N N 138 
HIS CB  HB3  sing N N 139 
HIS CG  ND1  sing Y N 140 
HIS CG  CD2  doub Y N 141 
HIS ND1 CE1  doub Y N 142 
HIS ND1 HD1  sing N N 143 
HIS CD2 NE2  sing Y N 144 
HIS CD2 HD2  sing N N 145 
HIS CE1 NE2  sing Y N 146 
HIS CE1 HE1  sing N N 147 
HIS NE2 HE2  sing N N 148 
HIS OXT HXT  sing N N 149 
HOH O   H1   sing N N 150 
HOH O   H2   sing N N 151 
ILE N   CA   sing N N 152 
ILE N   H    sing N N 153 
ILE N   H2   sing N N 154 
ILE CA  C    sing N N 155 
ILE CA  CB   sing N N 156 
ILE CA  HA   sing N N 157 
ILE C   O    doub N N 158 
ILE C   OXT  sing N N 159 
ILE CB  CG1  sing N N 160 
ILE CB  CG2  sing N N 161 
ILE CB  HB   sing N N 162 
ILE CG1 CD1  sing N N 163 
ILE CG1 HG12 sing N N 164 
ILE CG1 HG13 sing N N 165 
ILE CG2 HG21 sing N N 166 
ILE CG2 HG22 sing N N 167 
ILE CG2 HG23 sing N N 168 
ILE CD1 HD11 sing N N 169 
ILE CD1 HD12 sing N N 170 
ILE CD1 HD13 sing N N 171 
ILE OXT HXT  sing N N 172 
LEU N   CA   sing N N 173 
LEU N   H    sing N N 174 
LEU N   H2   sing N N 175 
LEU CA  C    sing N N 176 
LEU CA  CB   sing N N 177 
LEU CA  HA   sing N N 178 
LEU C   O    doub N N 179 
LEU C   OXT  sing N N 180 
LEU CB  CG   sing N N 181 
LEU CB  HB2  sing N N 182 
LEU CB  HB3  sing N N 183 
LEU CG  CD1  sing N N 184 
LEU CG  CD2  sing N N 185 
LEU CG  HG   sing N N 186 
LEU CD1 HD11 sing N N 187 
LEU CD1 HD12 sing N N 188 
LEU CD1 HD13 sing N N 189 
LEU CD2 HD21 sing N N 190 
LEU CD2 HD22 sing N N 191 
LEU CD2 HD23 sing N N 192 
LEU OXT HXT  sing N N 193 
LYS N   CA   sing N N 194 
LYS N   H    sing N N 195 
LYS N   H2   sing N N 196 
LYS CA  C    sing N N 197 
LYS CA  CB   sing N N 198 
LYS CA  HA   sing N N 199 
LYS C   O    doub N N 200 
LYS C   OXT  sing N N 201 
LYS CB  CG   sing N N 202 
LYS CB  HB2  sing N N 203 
LYS CB  HB3  sing N N 204 
LYS CG  CD   sing N N 205 
LYS CG  HG2  sing N N 206 
LYS CG  HG3  sing N N 207 
LYS CD  CE   sing N N 208 
LYS CD  HD2  sing N N 209 
LYS CD  HD3  sing N N 210 
LYS CE  NZ   sing N N 211 
LYS CE  HE2  sing N N 212 
LYS CE  HE3  sing N N 213 
LYS NZ  HZ1  sing N N 214 
LYS NZ  HZ2  sing N N 215 
LYS NZ  HZ3  sing N N 216 
LYS OXT HXT  sing N N 217 
MET N   CA   sing N N 218 
MET N   H    sing N N 219 
MET N   H2   sing N N 220 
MET CA  C    sing N N 221 
MET CA  CB   sing N N 222 
MET CA  HA   sing N N 223 
MET C   O    doub N N 224 
MET C   OXT  sing N N 225 
MET CB  CG   sing N N 226 
MET CB  HB2  sing N N 227 
MET CB  HB3  sing N N 228 
MET CG  SD   sing N N 229 
MET CG  HG2  sing N N 230 
MET CG  HG3  sing N N 231 
MET SD  CE   sing N N 232 
MET CE  HE1  sing N N 233 
MET CE  HE2  sing N N 234 
MET CE  HE3  sing N N 235 
MET OXT HXT  sing N N 236 
PHE N   CA   sing N N 237 
PHE N   H    sing N N 238 
PHE N   H2   sing N N 239 
PHE CA  C    sing N N 240 
PHE CA  CB   sing N N 241 
PHE CA  HA   sing N N 242 
PHE C   O    doub N N 243 
PHE C   OXT  sing N N 244 
PHE CB  CG   sing N N 245 
PHE CB  HB2  sing N N 246 
PHE CB  HB3  sing N N 247 
PHE CG  CD1  doub Y N 248 
PHE CG  CD2  sing Y N 249 
PHE CD1 CE1  sing Y N 250 
PHE CD1 HD1  sing N N 251 
PHE CD2 CE2  doub Y N 252 
PHE CD2 HD2  sing N N 253 
PHE CE1 CZ   doub Y N 254 
PHE CE1 HE1  sing N N 255 
PHE CE2 CZ   sing Y N 256 
PHE CE2 HE2  sing N N 257 
PHE CZ  HZ   sing N N 258 
PHE OXT HXT  sing N N 259 
PRO N   CA   sing N N 260 
PRO N   CD   sing N N 261 
PRO N   H    sing N N 262 
PRO CA  C    sing N N 263 
PRO CA  CB   sing N N 264 
PRO CA  HA   sing N N 265 
PRO C   O    doub N N 266 
PRO C   OXT  sing N N 267 
PRO CB  CG   sing N N 268 
PRO CB  HB2  sing N N 269 
PRO CB  HB3  sing N N 270 
PRO CG  CD   sing N N 271 
PRO CG  HG2  sing N N 272 
PRO CG  HG3  sing N N 273 
PRO CD  HD2  sing N N 274 
PRO CD  HD3  sing N N 275 
PRO OXT HXT  sing N N 276 
SER N   CA   sing N N 277 
SER N   H    sing N N 278 
SER N   H2   sing N N 279 
SER CA  C    sing N N 280 
SER CA  CB   sing N N 281 
SER CA  HA   sing N N 282 
SER C   O    doub N N 283 
SER C   OXT  sing N N 284 
SER CB  OG   sing N N 285 
SER CB  HB2  sing N N 286 
SER CB  HB3  sing N N 287 
SER OG  HG   sing N N 288 
SER OXT HXT  sing N N 289 
SO4 S   O1   doub N N 290 
SO4 S   O2   doub N N 291 
SO4 S   O3   sing N N 292 
SO4 S   O4   sing N N 293 
THR N   CA   sing N N 294 
THR N   H    sing N N 295 
THR N   H2   sing N N 296 
THR CA  C    sing N N 297 
THR CA  CB   sing N N 298 
THR CA  HA   sing N N 299 
THR C   O    doub N N 300 
THR C   OXT  sing N N 301 
THR CB  OG1  sing N N 302 
THR CB  CG2  sing N N 303 
THR CB  HB   sing N N 304 
THR OG1 HG1  sing N N 305 
THR CG2 HG21 sing N N 306 
THR CG2 HG22 sing N N 307 
THR CG2 HG23 sing N N 308 
THR OXT HXT  sing N N 309 
TRP N   CA   sing N N 310 
TRP N   H    sing N N 311 
TRP N   H2   sing N N 312 
TRP CA  C    sing N N 313 
TRP CA  CB   sing N N 314 
TRP CA  HA   sing N N 315 
TRP C   O    doub N N 316 
TRP C   OXT  sing N N 317 
TRP CB  CG   sing N N 318 
TRP CB  HB2  sing N N 319 
TRP CB  HB3  sing N N 320 
TRP CG  CD1  doub Y N 321 
TRP CG  CD2  sing Y N 322 
TRP CD1 NE1  sing Y N 323 
TRP CD1 HD1  sing N N 324 
TRP CD2 CE2  doub Y N 325 
TRP CD2 CE3  sing Y N 326 
TRP NE1 CE2  sing Y N 327 
TRP NE1 HE1  sing N N 328 
TRP CE2 CZ2  sing Y N 329 
TRP CE3 CZ3  doub Y N 330 
TRP CE3 HE3  sing N N 331 
TRP CZ2 CH2  doub Y N 332 
TRP CZ2 HZ2  sing N N 333 
TRP CZ3 CH2  sing Y N 334 
TRP CZ3 HZ3  sing N N 335 
TRP CH2 HH2  sing N N 336 
TRP OXT HXT  sing N N 337 
TYR N   CA   sing N N 338 
TYR N   H    sing N N 339 
TYR N   H2   sing N N 340 
TYR CA  C    sing N N 341 
TYR CA  CB   sing N N 342 
TYR CA  HA   sing N N 343 
TYR C   O    doub N N 344 
TYR C   OXT  sing N N 345 
TYR CB  CG   sing N N 346 
TYR CB  HB2  sing N N 347 
TYR CB  HB3  sing N N 348 
TYR CG  CD1  doub Y N 349 
TYR CG  CD2  sing Y N 350 
TYR CD1 CE1  sing Y N 351 
TYR CD1 HD1  sing N N 352 
TYR CD2 CE2  doub Y N 353 
TYR CD2 HD2  sing N N 354 
TYR CE1 CZ   doub Y N 355 
TYR CE1 HE1  sing N N 356 
TYR CE2 CZ   sing Y N 357 
TYR CE2 HE2  sing N N 358 
TYR CZ  OH   sing N N 359 
TYR OH  HH   sing N N 360 
TYR OXT HXT  sing N N 361 
VAL N   CA   sing N N 362 
VAL N   H    sing N N 363 
VAL N   H2   sing N N 364 
VAL CA  C    sing N N 365 
VAL CA  CB   sing N N 366 
VAL CA  HA   sing N N 367 
VAL C   O    doub N N 368 
VAL C   OXT  sing N N 369 
VAL CB  CG1  sing N N 370 
VAL CB  CG2  sing N N 371 
VAL CB  HB   sing N N 372 
VAL CG1 HG11 sing N N 373 
VAL CG1 HG12 sing N N 374 
VAL CG1 HG13 sing N N 375 
VAL CG2 HG21 sing N N 376 
VAL CG2 HG22 sing N N 377 
VAL CG2 HG23 sing N N 378 
VAL OXT HXT  sing N N 379 
# 
loop_
_pdbx_initial_refinement_model.id 
_pdbx_initial_refinement_model.entity_id_list 
_pdbx_initial_refinement_model.type 
_pdbx_initial_refinement_model.source_name 
_pdbx_initial_refinement_model.accession_code 
_pdbx_initial_refinement_model.details 
1 ? 'experimental model' PDB 1I92 '1I92.pdb, 1QAU.pdb' 
2 ? 'experimental model' PDB 1QAU '1I92.pdb, 1QAU.pdb' 
# 
_atom_sites.entry_id                    2F5Y 
_atom_sites.fract_transf_matrix[1][1]   -0.00208005 
_atom_sites.fract_transf_matrix[1][2]   -0.00836503 
_atom_sites.fract_transf_matrix[1][3]   -0.00679502 
_atom_sites.fract_transf_matrix[2][1]   -0.02191201 
_atom_sites.fract_transf_matrix[2][2]   0.00082228 
_atom_sites.fract_transf_matrix[2][3]   0.00569531 
_atom_sites.fract_transf_matrix[3][1]   -0.00339208 
_atom_sites.fract_transf_matrix[3][2]   0.01296520 
_atom_sites.fract_transf_matrix[3][3]   -0.01492249 
_atom_sites.fract_transf_vector[1]      0.127565 
_atom_sites.fract_transf_vector[2]      -0.236419 
_atom_sites.fract_transf_vector[3]      -0.657972 
# 
loop_
_atom_type.symbol 
C 
N 
O 
S 
# 
loop_
_atom_site.group_PDB 
_atom_site.id 
_atom_site.type_symbol 
_atom_site.label_atom_id 
_atom_site.label_alt_id 
_atom_site.label_comp_id 
_atom_site.label_asym_id 
_atom_site.label_entity_id 
_atom_site.label_seq_id 
_atom_site.pdbx_PDB_ins_code 
_atom_site.Cartn_x 
_atom_site.Cartn_y 
_atom_site.Cartn_z 
_atom_site.occupancy 
_atom_site.B_iso_or_equiv 
_atom_site.pdbx_formal_charge 
_atom_site.auth_seq_id 
_atom_site.auth_comp_id 
_atom_site.auth_asym_id 
_atom_site.auth_atom_id 
_atom_site.pdbx_PDB_model_num 
ATOM   1    N N   . MET A 1 2  ? 2.830   14.872  5.940   1.00 56.33  ? 14  MET A N   1 
ATOM   2    C CA  . MET A 1 2  ? 1.822   13.774  5.796   1.00 61.32  ? 14  MET A CA  1 
ATOM   3    C C   . MET A 1 2  ? 0.380   14.295  5.606   1.00 61.64  ? 14  MET A C   1 
ATOM   4    O O   . MET A 1 2  ? -0.451  14.226  6.522   1.00 65.75  ? 14  MET A O   1 
ATOM   5    C CB  . MET A 1 2  ? 1.906   12.837  7.005   1.00 59.89  ? 14  MET A CB  1 
ATOM   6    C CG  . MET A 1 2  ? 1.221   11.490  6.778   1.00 60.98  ? 14  MET A CG  1 
ATOM   7    S SD  . MET A 1 2  ? 1.993   10.536  5.447   1.00 65.07  ? 14  MET A SD  1 
ATOM   8    C CE  . MET A 1 2  ? 0.625   9.542   4.871   1.00 54.88  ? 14  MET A CE  1 
ATOM   9    N N   . ARG A 1 3  ? 0.083   14.765  4.394   1.00 57.72  ? 15  ARG A N   1 
ATOM   10   C CA  . ARG A 1 3  ? -1.056  15.657  4.158   1.00 52.69  ? 15  ARG A CA  1 
ATOM   11   C C   . ARG A 1 3  ? -2.184  15.063  3.313   1.00 47.39  ? 15  ARG A C   1 
ATOM   12   O O   . ARG A 1 3  ? -2.079  13.948  2.799   1.00 47.22  ? 15  ARG A O   1 
ATOM   13   C CB  . ARG A 1 3  ? -0.550  16.938  3.490   1.00 53.44  ? 15  ARG A CB  1 
ATOM   14   C CG  . ARG A 1 3  ? -0.409  16.848  1.978   1.00 59.84  ? 15  ARG A CG  1 
ATOM   15   C CD  . ARG A 1 3  ? -0.288  18.215  1.339   1.00 66.15  ? 15  ARG A CD  1 
ATOM   16   N NE  . ARG A 1 3  ? 0.952   18.891  1.703   1.00 76.73  ? 15  ARG A NE  1 
ATOM   17   C CZ  . ARG A 1 3  ? 1.430   19.967  1.081   1.00 86.49  ? 15  ARG A CZ  1 
ATOM   18   N NH1 . ARG A 1 3  ? 2.569   20.518  1.489   1.00 85.71  ? 15  ARG A NH1 1 
ATOM   19   N NH2 . ARG A 1 3  ? 0.781   20.499  0.047   1.00 86.17  ? 15  ARG A NH2 1 
ATOM   20   N N   . TYR A 1 4  ? -3.254  15.843  3.171   1.00 39.76  ? 16  TYR A N   1 
ATOM   21   C CA  . TYR A 1 4  ? -4.406  15.483  2.361   1.00 39.35  ? 16  TYR A CA  1 
ATOM   22   C C   . TYR A 1 4  ? -4.461  16.353  1.106   1.00 39.07  ? 16  TYR A C   1 
ATOM   23   O O   . TYR A 1 4  ? -4.360  17.578  1.183   1.00 40.36  ? 16  TYR A O   1 
ATOM   24   C CB  . TYR A 1 4  ? -5.711  15.692  3.125   1.00 35.98  ? 16  TYR A CB  1 
ATOM   25   C CG  . TYR A 1 4  ? -5.816  15.033  4.480   1.00 37.67  ? 16  TYR A CG  1 
ATOM   26   C CD1 . TYR A 1 4  ? -5.326  15.660  5.626   1.00 42.25  ? 16  TYR A CD1 1 
ATOM   27   C CD2 . TYR A 1 4  ? -6.450  13.805  4.627   1.00 40.44  ? 16  TYR A CD2 1 
ATOM   28   C CE1 . TYR A 1 4  ? -5.446  15.074  6.871   1.00 39.62  ? 16  TYR A CE1 1 
ATOM   29   C CE2 . TYR A 1 4  ? -6.578  13.206  5.872   1.00 41.86  ? 16  TYR A CE2 1 
ATOM   30   C CZ  . TYR A 1 4  ? -6.074  13.833  6.984   1.00 45.31  ? 16  TYR A CZ  1 
ATOM   31   O OH  . TYR A 1 4  ? -6.216  13.224  8.201   1.00 40.48  ? 16  TYR A OH  1 
ATOM   32   N N   . ARG A 1 5  ? -4.652  15.714  -0.041  1.00 40.62  ? 17  ARG A N   1 
ATOM   33   C CA  . ARG A 1 5  ? -4.869  16.410  -1.289  1.00 41.51  ? 17  ARG A CA  1 
ATOM   34   C C   . ARG A 1 5  ? -6.145  15.893  -1.935  1.00 41.63  ? 17  ARG A C   1 
ATOM   35   O O   . ARG A 1 5  ? -6.444  14.697  -1.906  1.00 42.20  ? 17  ARG A O   1 
ATOM   36   C CB  . ARG A 1 5  ? -3.684  16.203  -2.245  1.00 48.92  ? 17  ARG A CB  1 
ATOM   37   C CG  . ARG A 1 5  ? -2.343  16.777  -1.751  1.00 49.60  ? 17  ARG A CG  1 
ATOM   38   C CD  . ARG A 1 5  ? -2.299  18.304  -1.729  1.00 65.67  ? 17  ARG A CD  1 
ATOM   39   N NE  . ARG A 1 5  ? -2.119  18.909  -3.051  1.00 75.64  ? 17  ARG A NE  1 
ATOM   40   C CZ  . ARG A 1 5  ? -3.086  19.435  -3.810  1.00 95.62  ? 17  ARG A CZ  1 
ATOM   41   N NH1 . ARG A 1 5  ? -2.770  19.956  -4.991  1.00 94.41  ? 17  ARG A NH1 1 
ATOM   42   N NH2 . ARG A 1 5  ? -4.365  19.448  -3.416  1.00 100.21 ? 17  ARG A NH2 1 
ATOM   43   N N   . GLN A 1 6  ? -6.904  16.811  -2.510  1.00 36.40  ? 18  GLN A N   1 
ATOM   44   C CA  . GLN A 1 6  ? -8.046  16.453  -3.315  1.00 36.44  ? 18  GLN A CA  1 
ATOM   45   C C   . GLN A 1 6  ? -7.621  16.546  -4.786  1.00 38.97  ? 18  GLN A C   1 
ATOM   46   O O   . GLN A 1 6  ? -7.205  17.606  -5.236  1.00 41.69  ? 18  GLN A O   1 
ATOM   47   C CB  . GLN A 1 6  ? -9.188  17.417  -3.026  1.00 36.49  ? 18  GLN A CB  1 
ATOM   48   C CG  . GLN A 1 6  ? -10.406 17.205  -3.900  1.00 38.57  ? 18  GLN A CG  1 
ATOM   49   C CD  . GLN A 1 6  ? -11.442 18.261  -3.668  1.00 45.34  ? 18  GLN A CD  1 
ATOM   50   O OE1 . GLN A 1 6  ? -11.337 19.369  -4.196  1.00 51.75  ? 18  GLN A OE1 1 
ATOM   51   N NE2 . GLN A 1 6  ? -12.444 17.939  -2.856  1.00 36.16  ? 18  GLN A NE2 1 
ATOM   52   N N   . ILE A 1 7  ? -7.750  15.447  -5.519  1.00 41.75  ? 19  ILE A N   1 
ATOM   53   C CA  . ILE A 1 7  ? -7.274  15.339  -6.897  1.00 43.24  ? 19  ILE A CA  1 
ATOM   54   C C   . ILE A 1 7  ? -8.476  15.053  -7.801  1.00 46.71  ? 19  ILE A C   1 
ATOM   55   O O   . ILE A 1 7  ? -9.184  14.057  -7.591  1.00 41.24  ? 19  ILE A O   1 
ATOM   56   C CB  . ILE A 1 7  ? -6.273  14.168  -7.043  1.00 46.74  ? 19  ILE A CB  1 
ATOM   57   C CG1 . ILE A 1 7  ? -5.115  14.292  -6.041  1.00 39.65  ? 19  ILE A CG1 1 
ATOM   58   C CG2 . ILE A 1 7  ? -5.735  14.068  -8.491  1.00 50.05  ? 19  ILE A CG2 1 
ATOM   59   C CD1 . ILE A 1 7  ? -4.235  15.506  -6.233  1.00 38.51  ? 19  ILE A CD1 1 
ATOM   60   N N   . THR A 1 8  ? -8.693  15.914  -8.803  1.00 46.37  ? 20  THR A N   1 
ATOM   61   C CA  . THR A 1 8  ? -9.852  15.812  -9.715  1.00 48.48  ? 20  THR A CA  1 
ATOM   62   C C   . THR A 1 8  ? -9.366  15.336  -11.087 1.00 47.36  ? 20  THR A C   1 
ATOM   63   O O   . THR A 1 8  ? -8.614  16.026  -11.762 1.00 52.56  ? 20  THR A O   1 
ATOM   64   C CB  . THR A 1 8  ? -10.607 17.179  -9.880  1.00 46.94  ? 20  THR A CB  1 
ATOM   65   O OG1 . THR A 1 8  ? -11.129 17.613  -8.613  1.00 53.53  ? 20  THR A OG1 1 
ATOM   66   C CG2 . THR A 1 8  ? -11.765 17.055  -10.856 1.00 49.40  ? 20  THR A CG2 1 
ATOM   67   N N   . ILE A 1 9  ? -9.803  14.152  -11.494 1.00 47.30  ? 21  ILE A N   1 
ATOM   68   C CA  . ILE A 1 9  ? -9.306  13.543  -12.711 1.00 46.44  ? 21  ILE A CA  1 
ATOM   69   C C   . ILE A 1 9  ? -10.455 13.312  -13.649 1.00 47.31  ? 21  ILE A C   1 
ATOM   70   O O   . ILE A 1 9  ? -11.269 12.432  -13.402 1.00 48.15  ? 21  ILE A O   1 
ATOM   71   C CB  . ILE A 1 9  ? -8.663  12.190  -12.453 1.00 46.06  ? 21  ILE A CB  1 
ATOM   72   C CG1 . ILE A 1 9  ? -7.697  12.271  -11.272 1.00 46.03  ? 21  ILE A CG1 1 
ATOM   73   C CG2 . ILE A 1 9  ? -7.972  11.697  -13.742 1.00 42.62  ? 21  ILE A CG2 1 
ATOM   74   C CD1 . ILE A 1 9  ? -7.329  10.910  -10.698 1.00 48.02  ? 21  ILE A CD1 1 
ATOM   75   N N   . PRO A 1 10 ? -10.534 14.104  -14.727 1.00 48.07  ? 22  PRO A N   1 
ATOM   76   C CA  . PRO A 1 10 ? -11.498 13.799  -15.791 1.00 46.52  ? 22  PRO A CA  1 
ATOM   77   C C   . PRO A 1 10 ? -11.096 12.530  -16.537 1.00 48.21  ? 22  PRO A C   1 
ATOM   78   O O   . PRO A 1 10 ? -9.913  12.209  -16.629 1.00 55.25  ? 22  PRO A O   1 
ATOM   79   C CB  . PRO A 1 10 ? -11.445 15.031  -16.707 1.00 41.83  ? 22  PRO A CB  1 
ATOM   80   C CG  . PRO A 1 10 ? -10.683 16.083  -15.930 1.00 47.48  ? 22  PRO A CG  1 
ATOM   81   C CD  . PRO A 1 10 ? -9.767  15.326  -15.002 1.00 48.28  ? 22  PRO A CD  1 
ATOM   82   N N   . ARG A 1 11 ? -12.091 11.806  -17.022 1.00 45.01  ? 23  ARG A N   1 
ATOM   83   C CA  . ARG A 1 11 ? -11.885 10.594  -17.781 1.00 43.55  ? 23  ARG A CA  1 
ATOM   84   C C   . ARG A 1 11 ? -11.196 10.926  -19.109 1.00 44.37  ? 23  ARG A C   1 
ATOM   85   O O   . ARG A 1 11 ? -11.595 11.859  -19.811 1.00 45.14  ? 23  ARG A O   1 
ATOM   86   C CB  . ARG A 1 11 ? -13.244 9.921   -18.010 1.00 45.24  ? 23  ARG A CB  1 
ATOM   87   C CG  . ARG A 1 11 ? -13.234 8.715   -18.896 1.00 46.96  ? 23  ARG A CG  1 
ATOM   88   C CD  . ARG A 1 11 ? -14.602 8.079   -18.936 1.00 55.07  ? 23  ARG A CD  1 
ATOM   89   N NE  . ARG A 1 11 ? -14.871 7.273   -17.748 1.00 57.93  ? 23  ARG A NE  1 
ATOM   90   C CZ  . ARG A 1 11 ? -14.411 6.041   -17.559 1.00 56.20  ? 23  ARG A CZ  1 
ATOM   91   N NH1 . ARG A 1 11 ? -14.716 5.380   -16.446 1.00 53.57  ? 23  ARG A NH1 1 
ATOM   92   N NH2 . ARG A 1 11 ? -13.637 5.464   -18.467 1.00 71.04  ? 23  ARG A NH2 1 
ATOM   93   N N   . GLY A 1 12 ? -10.165 10.158  -19.444 1.00 40.25  ? 24  GLY A N   1 
ATOM   94   C CA  . GLY A 1 12 ? -9.456  10.305  -20.697 1.00 39.60  ? 24  GLY A CA  1 
ATOM   95   C C   . GLY A 1 12 ? -9.866  9.268   -21.727 1.00 40.96  ? 24  GLY A C   1 
ATOM   96   O O   . GLY A 1 12 ? -10.925 8.652   -21.620 1.00 45.47  ? 24  GLY A O   1 
ATOM   97   N N   . LYS A 1 13 ? -9.014  9.084   -22.729 1.00 42.67  ? 25  LYS A N   1 
ATOM   98   C CA  . LYS A 1 13 ? -9.276  8.165   -23.832 1.00 45.51  ? 25  LYS A CA  1 
ATOM   99   C C   . LYS A 1 13 ? -9.362  6.704   -23.376 1.00 49.68  ? 25  LYS A C   1 
ATOM   100  O O   . LYS A 1 13 ? -10.151 5.927   -23.926 1.00 52.50  ? 25  LYS A O   1 
ATOM   101  C CB  . LYS A 1 13 ? -8.191  8.318   -24.908 1.00 42.61  ? 25  LYS A CB  1 
ATOM   102  C CG  . LYS A 1 13 ? -8.316  7.379   -26.093 1.00 40.14  ? 25  LYS A CG  1 
ATOM   103  C CD  . LYS A 1 13 ? -9.532  7.700   -26.947 1.00 52.06  ? 25  LYS A CD  1 
ATOM   104  C CE  . LYS A 1 13 ? -9.469  6.995   -28.299 1.00 52.01  ? 25  LYS A CE  1 
ATOM   105  N NZ  . LYS A 1 13 ? -10.353 7.644   -29.314 1.00 60.80  ? 25  LYS A NZ  1 
ATOM   106  N N   . ASP A 1 14 ? -8.544  6.333   -22.396 1.00 50.90  ? 26  ASP A N   1 
ATOM   107  C CA  . ASP A 1 14 ? -8.564  4.975   -21.861 1.00 54.33  ? 26  ASP A CA  1 
ATOM   108  C C   . ASP A 1 14 ? -8.530  5.008   -20.337 1.00 55.15  ? 26  ASP A C   1 
ATOM   109  O O   . ASP A 1 14 ? -7.560  4.587   -19.698 1.00 58.12  ? 26  ASP A O   1 
ATOM   110  C CB  . ASP A 1 14 ? -7.398  4.160   -22.430 1.00 57.41  ? 26  ASP A CB  1 
ATOM   111  C CG  . ASP A 1 14 ? -7.620  2.654   -22.310 1.00 70.39  ? 26  ASP A CG  1 
ATOM   112  O OD1 . ASP A 1 14 ? -7.731  2.147   -21.174 1.00 77.61  ? 26  ASP A OD1 1 
ATOM   113  O OD2 . ASP A 1 14 ? -7.675  1.973   -23.357 1.00 87.59  ? 26  ASP A OD2 1 
ATOM   114  N N   . GLY A 1 15 ? -9.604  5.518   -19.752 1.00 50.94  ? 27  GLY A N   1 
ATOM   115  C CA  . GLY A 1 15 ? -9.711  5.561   -18.309 1.00 47.50  ? 27  GLY A CA  1 
ATOM   116  C C   . GLY A 1 15 ? -8.956  6.732   -17.716 1.00 43.02  ? 27  GLY A C   1 
ATOM   117  O O   . GLY A 1 15 ? -8.840  7.776   -18.340 1.00 44.27  ? 27  GLY A O   1 
ATOM   118  N N   . PHE A 1 16 ? -8.427  6.535   -16.513 1.00 44.67  ? 28  PHE A N   1 
ATOM   119  C CA  . PHE A 1 16 ? -7.872  7.615   -15.698 1.00 46.63  ? 28  PHE A CA  1 
ATOM   120  C C   . PHE A 1 16 ? -6.355  7.565   -15.523 1.00 44.92  ? 28  PHE A C   1 
ATOM   121  O O   . PHE A 1 16 ? -5.791  8.421   -14.847 1.00 50.24  ? 28  PHE A O   1 
ATOM   122  C CB  . PHE A 1 16 ? -8.560  7.614   -14.319 1.00 45.84  ? 28  PHE A CB  1 
ATOM   123  C CG  . PHE A 1 16 ? -10.065 7.753   -14.395 1.00 46.46  ? 28  PHE A CG  1 
ATOM   124  C CD1 . PHE A 1 16 ? -10.870 6.635   -14.536 1.00 46.78  ? 28  PHE A CD1 1 
ATOM   125  C CD2 . PHE A 1 16 ? -10.665 9.006   -14.351 1.00 48.52  ? 28  PHE A CD2 1 
ATOM   126  C CE1 . PHE A 1 16 ? -12.245 6.756   -14.620 1.00 41.25  ? 28  PHE A CE1 1 
ATOM   127  C CE2 . PHE A 1 16 ? -12.043 9.143   -14.424 1.00 46.23  ? 28  PHE A CE2 1 
ATOM   128  C CZ  . PHE A 1 16 ? -12.835 8.022   -14.563 1.00 49.52  ? 28  PHE A CZ  1 
ATOM   129  N N   . GLY A 1 17 ? -5.704  6.557   -16.091 1.00 43.79  ? 29  GLY A N   1 
ATOM   130  C CA  . GLY A 1 17 ? -4.239  6.518   -16.187 1.00 42.71  ? 29  GLY A CA  1 
ATOM   131  C C   . GLY A 1 17 ? -3.469  6.276   -14.899 1.00 42.59  ? 29  GLY A C   1 
ATOM   132  O O   . GLY A 1 17 ? -2.405  6.865   -14.683 1.00 39.13  ? 29  GLY A O   1 
ATOM   133  N N   . PHE A 1 18 ? -4.000  5.419   -14.035 1.00 46.63  ? 30  PHE A N   1 
ATOM   134  C CA  . PHE A 1 18 ? -3.273  4.996   -12.837 1.00 47.19  ? 30  PHE A CA  1 
ATOM   135  C C   . PHE A 1 18 ? -3.652  3.601   -12.368 1.00 49.70  ? 30  PHE A C   1 
ATOM   136  O O   . PHE A 1 18 ? -4.710  3.077   -12.727 1.00 48.39  ? 30  PHE A O   1 
ATOM   137  C CB  . PHE A 1 18 ? -3.446  5.994   -11.690 1.00 47.26  ? 30  PHE A CB  1 
ATOM   138  C CG  . PHE A 1 18 ? -4.816  5.986   -11.052 1.00 45.87  ? 30  PHE A CG  1 
ATOM   139  C CD1 . PHE A 1 18 ? -5.859  6.726   -11.600 1.00 46.98  ? 30  PHE A CD1 1 
ATOM   140  C CD2 . PHE A 1 18 ? -5.051  5.273   -9.879  1.00 47.15  ? 30  PHE A CD2 1 
ATOM   141  C CE1 . PHE A 1 18 ? -7.107  6.729   -11.005 1.00 51.84  ? 30  PHE A CE1 1 
ATOM   142  C CE2 . PHE A 1 18 ? -6.317  5.270   -9.286  1.00 48.73  ? 30  PHE A CE2 1 
ATOM   143  C CZ  . PHE A 1 18 ? -7.327  6.009   -9.840  1.00 46.38  ? 30  PHE A CZ  1 
ATOM   144  N N   . THR A 1 19 ? -2.776  3.042   -11.536 1.00 48.73  ? 31  THR A N   1 
ATOM   145  C CA  . THR A 1 19 ? -2.909  1.694   -10.998 1.00 49.44  ? 31  THR A CA  1 
ATOM   146  C C   . THR A 1 19 ? -3.004  1.742   -9.482  1.00 44.66  ? 31  THR A C   1 
ATOM   147  O O   . THR A 1 19 ? -2.444  2.635   -8.846  1.00 46.64  ? 31  THR A O   1 
ATOM   148  C CB  . THR A 1 19 ? -1.692  0.814   -11.405 1.00 46.03  ? 31  THR A CB  1 
ATOM   149  O OG1 . THR A 1 19 ? -1.830  0.428   -12.781 1.00 47.04  ? 31  THR A OG1 1 
ATOM   150  C CG2 . THR A 1 19 ? -1.644  -0.443  -10.573 1.00 66.46  ? 31  THR A CG2 1 
ATOM   151  N N   . ILE A 1 20 ? -3.716  0.779   -8.906  1.00 46.30  ? 32  ILE A N   1 
ATOM   152  C CA  . ILE A 1 20 ? -3.845  0.664   -7.445  1.00 48.48  ? 32  ILE A CA  1 
ATOM   153  C C   . ILE A 1 20 ? -3.383  -0.711  -6.918  1.00 46.74  ? 32  ILE A C   1 
ATOM   154  O O   . ILE A 1 20 ? -3.199  -1.659  -7.675  1.00 50.42  ? 32  ILE A O   1 
ATOM   155  C CB  . ILE A 1 20 ? -5.277  0.966   -6.990  1.00 48.07  ? 32  ILE A CB  1 
ATOM   156  C CG1 . ILE A 1 20 ? -6.286  0.137   -7.786  1.00 56.35  ? 32  ILE A CG1 1 
ATOM   157  C CG2 . ILE A 1 20 ? -5.565  2.446   -7.161  1.00 47.51  ? 32  ILE A CG2 1 
ATOM   158  C CD1 . ILE A 1 20 ? -7.666  0.068   -7.174  1.00 52.05  ? 32  ILE A CD1 1 
ATOM   159  N N   . CYS A 1 21 ? -3.183  -0.783  -5.611  1.00 46.74  ? 33  CYS A N   1 
ATOM   160  C CA  . CYS A 1 21 ? -2.808  -2.011  -4.912  1.00 49.20  ? 33  CYS A CA  1 
ATOM   161  C C   . CYS A 1 21 ? -3.270  -1.910  -3.466  1.00 47.16  ? 33  CYS A C   1 
ATOM   162  O O   . CYS A 1 21 ? -3.592  -0.813  -2.994  1.00 48.21  ? 33  CYS A O   1 
ATOM   163  C CB  . CYS A 1 21 ? -1.288  -2.247  -4.942  1.00 49.66  ? 33  CYS A CB  1 
ATOM   164  S SG  . CYS A 1 21 ? -0.268  -0.885  -4.203  1.00 58.43  ? 33  CYS A SG  1 
ATOM   165  N N   . CYS A 1 22 ? -3.314  -3.057  -2.788  1.00 44.73  ? 34  CYS A N   1 
ATOM   166  C CA  . CYS A 1 22 ? -3.714  -3.185  -1.372  1.00 46.56  ? 34  CYS A CA  1 
ATOM   167  C C   . CYS A 1 22 ? -5.202  -3.000  -1.123  1.00 44.52  ? 34  CYS A C   1 
ATOM   168  O O   . CYS A 1 22 ? -5.897  -2.412  -1.934  1.00 39.96  ? 34  CYS A O   1 
ATOM   169  C CB  . CYS A 1 22 ? -2.928  -2.231  -0.445  1.00 46.86  ? 34  CYS A CB  1 
ATOM   170  S SG  . CYS A 1 22 ? -1.203  -2.672  -0.211  1.00 61.45  ? 34  CYS A SG  1 
ATOM   171  N N   . ASP A 1 23 ? -5.650  -3.521  0.025   1.00 42.11  ? 35  ASP A N   1 
ATOM   172  C CA  . ASP A 1 23 ? -7.005  -3.379  0.512   1.00 46.51  ? 35  ASP A CA  1 
ATOM   173  C C   . ASP A 1 23 ? -7.034  -2.612  1.844   1.00 45.67  ? 35  ASP A C   1 
ATOM   174  O O   . ASP A 1 23 ? -6.156  -2.799  2.691   1.00 39.09  ? 35  ASP A O   1 
ATOM   175  C CB  . ASP A 1 23 ? -7.620  -4.758  0.779   1.00 47.48  ? 35  ASP A CB  1 
ATOM   176  C CG  . ASP A 1 23 ? -7.695  -5.646  -0.457  1.00 53.87  ? 35  ASP A CG  1 
ATOM   177  O OD1 . ASP A 1 23 ? -7.839  -6.870  -0.259  1.00 60.00  ? 35  ASP A OD1 1 
ATOM   178  O OD2 . ASP A 1 23 ? -7.633  -5.147  -1.602  1.00 51.82  ? 35  ASP A OD2 1 
ATOM   179  N N   . SER A 1 24 ? -8.063  -1.782  2.026   1.00 41.63  ? 36  SER A N   1 
ATOM   180  C CA  . SER A 1 24 ? -8.430  -1.253  3.343   1.00 46.91  ? 36  SER A CA  1 
ATOM   181  C C   . SER A 1 24 ? -7.292  -0.565  4.119   1.00 45.51  ? 36  SER A C   1 
ATOM   182  O O   . SER A 1 24 ? -6.898  -1.043  5.186   1.00 46.50  ? 36  SER A O   1 
ATOM   183  C CB  . SER A 1 24 ? -8.998  -2.392  4.209   1.00 45.27  ? 36  SER A CB  1 
ATOM   184  O OG  . SER A 1 24 ? -10.107 -3.015  3.586   1.00 55.41  ? 36  SER A OG  1 
ATOM   185  N N   . PRO A 1 25 ? -6.766  0.559   3.606   1.00 45.10  ? 37  PRO A N   1 
ATOM   186  C CA  . PRO A 1 25 ? -7.094  1.280   2.383   1.00 43.38  ? 37  PRO A CA  1 
ATOM   187  C C   . PRO A 1 25 ? -6.296  0.878   1.149   1.00 43.17  ? 37  PRO A C   1 
ATOM   188  O O   . PRO A 1 25 ? -5.289  0.176   1.220   1.00 47.76  ? 37  PRO A O   1 
ATOM   189  C CB  . PRO A 1 25 ? -6.766  2.729   2.750   1.00 46.75  ? 37  PRO A CB  1 
ATOM   190  C CG  . PRO A 1 25 ? -5.618  2.613   3.691   1.00 45.03  ? 37  PRO A CG  1 
ATOM   191  C CD  . PRO A 1 25 ? -5.718  1.260   4.370   1.00 49.42  ? 37  PRO A CD  1 
ATOM   192  N N   . VAL A 1 26 ? -6.774  1.359   0.019   1.00 40.21  ? 38  VAL A N   1 
ATOM   193  C CA  . VAL A 1 26 ? -6.175  1.112   -1.262  1.00 42.21  ? 38  VAL A CA  1 
ATOM   194  C C   . VAL A 1 26 ? -5.106  2.171   -1.475  1.00 39.84  ? 38  VAL A C   1 
ATOM   195  O O   . VAL A 1 26 ? -5.231  3.294   -1.000  1.00 45.66  ? 38  VAL A O   1 
ATOM   196  C CB  . VAL A 1 26 ? -7.273  1.147   -2.362  1.00 47.77  ? 38  VAL A CB  1 
ATOM   197  C CG1 . VAL A 1 26 ? -6.683  0.931   -3.757  1.00 38.42  ? 38  VAL A CG1 1 
ATOM   198  C CG2 . VAL A 1 26 ? -8.389  0.107   -2.031  1.00 38.15  ? 38  VAL A CG2 1 
ATOM   199  N N   . ARG A 1 27 ? -4.027  1.796   -2.139  1.00 43.22  ? 39  ARG A N   1 
ATOM   200  C CA  . ARG A 1 27 ? -2.917  2.727   -2.415  1.00 47.95  ? 39  ARG A CA  1 
ATOM   201  C C   . ARG A 1 27 ? -2.705  2.850   -3.918  1.00 44.89  ? 39  ARG A C   1 
ATOM   202  O O   . ARG A 1 27 ? -2.984  1.923   -4.676  1.00 44.62  ? 39  ARG A O   1 
ATOM   203  C CB  . ARG A 1 27 ? -1.630  2.233   -1.753  1.00 44.44  ? 39  ARG A CB  1 
ATOM   204  C CG  . ARG A 1 27 ? -0.560  3.302   -1.640  1.00 55.08  ? 39  ARG A CG  1 
ATOM   205  C CD  . ARG A 1 27 ? 0.756   2.741   -1.096  1.00 47.76  ? 39  ARG A CD  1 
ATOM   206  N NE  . ARG A 1 27 ? 1.568   2.156   -2.155  1.00 48.98  ? 39  ARG A NE  1 
ATOM   207  C CZ  . ARG A 1 27 ? 2.612   1.357   -1.963  1.00 49.37  ? 39  ARG A CZ  1 
ATOM   208  N NH1 . ARG A 1 27 ? 2.992   1.040   -0.737  1.00 38.29  ? 39  ARG A NH1 1 
ATOM   209  N NH2 . ARG A 1 27 ? 3.279   0.875   -3.006  1.00 52.10  ? 39  ARG A NH2 1 
ATOM   210  N N   . VAL A 1 28 ? -2.212  3.998   -4.356  1.00 51.35  ? 40  VAL A N   1 
ATOM   211  C CA  . VAL A 1 28 ? -1.873  4.184   -5.770  1.00 47.43  ? 40  VAL A CA  1 
ATOM   212  C C   . VAL A 1 28 ? -0.531  3.511   -6.032  1.00 47.59  ? 40  VAL A C   1 
ATOM   213  O O   . VAL A 1 28 ? 0.473   3.817   -5.377  1.00 46.63  ? 40  VAL A O   1 
ATOM   214  C CB  . VAL A 1 28 ? -1.816  5.667   -6.146  1.00 48.86  ? 40  VAL A CB  1 
ATOM   215  C CG1 . VAL A 1 28 ? -1.478  5.830   -7.639  1.00 42.68  ? 40  VAL A CG1 1 
ATOM   216  C CG2 . VAL A 1 28 ? -3.152  6.357   -5.806  1.00 37.54  ? 40  VAL A CG2 1 
ATOM   217  N N   . GLN A 1 29 ? -0.532  2.567   -6.973  1.00 49.16  ? 41  GLN A N   1 
ATOM   218  C CA  . GLN A 1 29 ? 0.674   1.848   -7.351  1.00 47.47  ? 41  GLN A CA  1 
ATOM   219  C C   . GLN A 1 29 ? 1.534   2.732   -8.223  1.00 44.14  ? 41  GLN A C   1 
ATOM   220  O O   . GLN A 1 29 ? 2.696   2.945   -7.939  1.00 46.14  ? 41  GLN A O   1 
ATOM   221  C CB  . GLN A 1 29 ? 0.351   0.587   -8.156  1.00 49.86  ? 41  GLN A CB  1 
ATOM   222  C CG  . GLN A 1 29 ? 0.495   -0.711  -7.440  1.00 59.11  ? 41  GLN A CG  1 
ATOM   223  C CD  . GLN A 1 29 ? 1.927   -1.124  -7.082  1.00 58.98  ? 41  GLN A CD  1 
ATOM   224  O OE1 . GLN A 1 29 ? 2.848   -0.306  -6.947  1.00 49.32  ? 41  GLN A OE1 1 
ATOM   225  N NE2 . GLN A 1 29 ? 2.098   -2.427  -6.894  1.00 52.57  ? 41  GLN A NE2 1 
ATOM   226  N N   . ALA A 1 30 ? 0.942   3.202   -9.310  1.00 40.53  ? 42  ALA A N   1 
ATOM   227  C CA  . ALA A 1 30 ? 1.642   3.999   -10.299 1.00 43.69  ? 42  ALA A CA  1 
ATOM   228  C C   . ALA A 1 30 ? 0.655   4.890   -11.024 1.00 42.06  ? 42  ALA A C   1 
ATOM   229  O O   . ALA A 1 30 ? -0.577  4.769   -10.865 1.00 42.93  ? 42  ALA A O   1 
ATOM   230  C CB  . ALA A 1 30 ? 2.401   3.095   -11.305 1.00 39.51  ? 42  ALA A CB  1 
ATOM   231  N N   . VAL A 1 31 ? 1.230   5.786   -11.810 1.00 43.49  ? 43  VAL A N   1 
ATOM   232  C CA  . VAL A 1 31 ? 0.516   6.807   -12.548 1.00 46.40  ? 43  VAL A CA  1 
ATOM   233  C C   . VAL A 1 31 ? 1.187   6.795   -13.918 1.00 48.09  ? 43  VAL A C   1 
ATOM   234  O O   . VAL A 1 31 ? 2.408   6.766   -13.989 1.00 41.89  ? 43  VAL A O   1 
ATOM   235  C CB  . VAL A 1 31 ? 0.694   8.188   -11.836 1.00 49.34  ? 43  VAL A CB  1 
ATOM   236  C CG1 . VAL A 1 31 ? 0.634   9.323   -12.809 1.00 55.92  ? 43  VAL A CG1 1 
ATOM   237  C CG2 . VAL A 1 31 ? -0.355  8.374   -10.723 1.00 42.12  ? 43  VAL A CG2 1 
ATOM   238  N N   . ASP A 1 32 ? 0.403   6.780   -14.992 1.00 46.68  ? 44  ASP A N   1 
ATOM   239  C CA  . ASP A 1 32 ? 0.958   6.691   -16.339 1.00 48.15  ? 44  ASP A CA  1 
ATOM   240  C C   . ASP A 1 32 ? 1.517   8.041   -16.754 1.00 48.14  ? 44  ASP A C   1 
ATOM   241  O O   . ASP A 1 32 ? 0.896   9.075   -16.519 1.00 52.14  ? 44  ASP A O   1 
ATOM   242  C CB  . ASP A 1 32 ? -0.112  6.255   -17.343 1.00 53.20  ? 44  ASP A CB  1 
ATOM   243  C CG  . ASP A 1 32 ? -0.809  4.955   -16.946 1.00 57.57  ? 44  ASP A CG  1 
ATOM   244  O OD1 . ASP A 1 32 ? -0.544  4.427   -15.841 1.00 75.18  ? 44  ASP A OD1 1 
ATOM   245  O OD2 . ASP A 1 32 ? -1.626  4.462   -17.751 1.00 69.87  ? 44  ASP A OD2 1 
ATOM   246  N N   . SER A 1 33 ? 2.685   8.036   -17.374 1.00 46.84  ? 45  SER A N   1 
ATOM   247  C CA  . SER A 1 33 ? 3.316   9.291   -17.784 1.00 51.43  ? 45  SER A CA  1 
ATOM   248  C C   . SER A 1 33 ? 2.463   10.025  -18.818 1.00 48.23  ? 45  SER A C   1 
ATOM   249  O O   . SER A 1 33 ? 2.213   9.514   -19.907 1.00 45.15  ? 45  SER A O   1 
ATOM   250  C CB  . SER A 1 33 ? 4.730   9.067   -18.325 1.00 49.49  ? 45  SER A CB  1 
ATOM   251  O OG  . SER A 1 33 ? 5.585   10.088  -17.841 1.00 56.57  ? 45  SER A OG  1 
ATOM   252  N N   . GLY A 1 34 ? 2.005   11.215  -18.448 1.00 49.37  ? 46  GLY A N   1 
ATOM   253  C CA  . GLY A 1 34 ? 1.179   12.040  -19.316 1.00 50.86  ? 46  GLY A CA  1 
ATOM   254  C C   . GLY A 1 34 ? -0.282  11.630  -19.403 1.00 49.77  ? 46  GLY A C   1 
ATOM   255  O O   . GLY A 1 34 ? -0.987  12.097  -20.284 1.00 51.73  ? 46  GLY A O   1 
ATOM   256  N N   . GLY A 1 35 ? -0.748  10.765  -18.502 1.00 49.71  ? 47  GLY A N   1 
ATOM   257  C CA  . GLY A 1 35 ? -2.153  10.342  -18.494 1.00 45.01  ? 47  GLY A CA  1 
ATOM   258  C C   . GLY A 1 35 ? -2.985  11.295  -17.662 1.00 44.99  ? 47  GLY A C   1 
ATOM   259  O O   . GLY A 1 35 ? -2.435  12.202  -17.046 1.00 40.63  ? 47  GLY A O   1 
ATOM   260  N N   . PRO A 1 36 ? -4.317  11.083  -17.614 1.00 49.29  ? 48  PRO A N   1 
ATOM   261  C CA  . PRO A 1 36 ? -5.186  11.951  -16.826 1.00 43.59  ? 48  PRO A CA  1 
ATOM   262  C C   . PRO A 1 36 ? -4.734  12.158  -15.387 1.00 42.59  ? 48  PRO A C   1 
ATOM   263  O O   . PRO A 1 36 ? -4.711  13.287  -14.927 1.00 45.39  ? 48  PRO A O   1 
ATOM   264  C CB  . PRO A 1 36 ? -6.527  11.230  -16.879 1.00 44.86  ? 48  PRO A CB  1 
ATOM   265  C CG  . PRO A 1 36 ? -6.493  10.483  -18.154 1.00 45.35  ? 48  PRO A CG  1 
ATOM   266  C CD  . PRO A 1 36 ? -5.093  10.032  -18.303 1.00 47.10  ? 48  PRO A CD  1 
ATOM   267  N N   . ALA A 1 37 ? -4.366  11.082  -14.691 1.00 45.29  ? 49  ALA A N   1 
ATOM   268  C CA  . ALA A 1 37 ? -4.016  11.149  -13.270 1.00 39.18  ? 49  ALA A CA  1 
ATOM   269  C C   . ALA A 1 37 ? -2.713  11.916  -12.990 1.00 44.64  ? 49  ALA A C   1 
ATOM   270  O O   . ALA A 1 37 ? -2.642  12.684  -12.034 1.00 46.82  ? 49  ALA A O   1 
ATOM   271  C CB  . ALA A 1 37 ? -3.938  9.752   -12.687 1.00 41.74  ? 49  ALA A CB  1 
ATOM   272  N N   . GLU A 1 38 ? -1.689  11.724  -13.817 1.00 42.55  ? 50  GLU A N   1 
ATOM   273  C CA  . GLU A 1 38 ? -0.415  12.397  -13.592 1.00 44.73  ? 50  GLU A CA  1 
ATOM   274  C C   . GLU A 1 38 ? -0.590  13.908  -13.645 1.00 43.61  ? 50  GLU A C   1 
ATOM   275  O O   . GLU A 1 38 ? -0.131  14.638  -12.769 1.00 42.29  ? 50  GLU A O   1 
ATOM   276  C CB  . GLU A 1 38 ? 0.626   11.996  -14.643 1.00 45.48  ? 50  GLU A CB  1 
ATOM   277  C CG  . GLU A 1 38 ? 2.056   12.446  -14.283 1.00 51.60  ? 50  GLU A CG  1 
ATOM   278  C CD  . GLU A 1 38 ? 2.992   12.489  -15.476 1.00 55.68  ? 50  GLU A CD  1 
ATOM   279  O OE1 . GLU A 1 38 ? 2.610   13.077  -16.513 1.00 69.47  ? 50  GLU A OE1 1 
ATOM   280  O OE2 . GLU A 1 38 ? 4.113   11.945  -15.382 1.00 69.52  ? 50  GLU A OE2 1 
ATOM   281  N N   . ARG A 1 39 ? -1.231  14.392  -14.697 1.00 45.96  ? 51  ARG A N   1 
ATOM   282  C CA  . ARG A 1 39 ? -1.308  15.831  -14.871 1.00 44.32  ? 51  ARG A CA  1 
ATOM   283  C C   . ARG A 1 39 ? -2.342  16.474  -13.945 1.00 42.66  ? 51  ARG A C   1 
ATOM   284  O O   . ARG A 1 39 ? -2.217  17.649  -13.613 1.00 44.12  ? 51  ARG A O   1 
ATOM   285  C CB  . ARG A 1 39 ? -1.475  16.210  -16.334 1.00 43.45  ? 51  ARG A CB  1 
ATOM   286  C CG  . ARG A 1 39 ? -2.718  15.738  -16.930 1.00 46.00  ? 51  ARG A CG  1 
ATOM   287  C CD  . ARG A 1 39 ? -2.801  16.140  -18.355 1.00 33.56  ? 51  ARG A CD  1 
ATOM   288  N NE  . ARG A 1 39 ? -4.057  15.623  -18.875 1.00 44.45  ? 51  ARG A NE  1 
ATOM   289  C CZ  . ARG A 1 39 ? -4.184  14.556  -19.654 1.00 38.87  ? 51  ARG A CZ  1 
ATOM   290  N NH1 . ARG A 1 39 ? -3.124  13.886  -20.100 1.00 46.12  ? 51  ARG A NH1 1 
ATOM   291  N NH2 . ARG A 1 39 ? -5.393  14.180  -20.017 1.00 44.07  ? 51  ARG A NH2 1 
ATOM   292  N N   . ALA A 1 40 ? -3.314  15.687  -13.490 1.00 41.71  ? 52  ALA A N   1 
ATOM   293  C CA  . ALA A 1 40 ? -4.182  16.068  -12.367 1.00 44.10  ? 52  ALA A CA  1 
ATOM   294  C C   . ALA A 1 40 ? -3.414  16.245  -11.045 1.00 48.13  ? 52  ALA A C   1 
ATOM   295  O O   . ALA A 1 40 ? -3.853  17.008  -10.175 1.00 51.76  ? 52  ALA A O   1 
ATOM   296  C CB  . ALA A 1 40 ? -5.317  15.031  -12.172 1.00 36.84  ? 52  ALA A CB  1 
ATOM   297  N N   . GLY A 1 41 ? -2.299  15.527  -10.883 1.00 45.79  ? 53  GLY A N   1 
ATOM   298  C CA  . GLY A 1 41 ? -1.481  15.609  -9.662  1.00 41.01  ? 53  GLY A CA  1 
ATOM   299  C C   . GLY A 1 41 ? -1.426  14.349  -8.786  1.00 41.71  ? 53  GLY A C   1 
ATOM   300  O O   . GLY A 1 41 ? -0.748  14.336  -7.768  1.00 40.76  ? 53  GLY A O   1 
ATOM   301  N N   . LEU A 1 42 ? -2.112  13.274  -9.167  1.00 41.77  ? 54  LEU A N   1 
ATOM   302  C CA  . LEU A 1 42 ? -1.975  12.005  -8.445  1.00 40.93  ? 54  LEU A CA  1 
ATOM   303  C C   . LEU A 1 42 ? -0.524  11.516  -8.519  1.00 42.34  ? 54  LEU A C   1 
ATOM   304  O O   . LEU A 1 42 ? 0.192   11.816  -9.465  1.00 43.65  ? 54  LEU A O   1 
ATOM   305  C CB  . LEU A 1 42 ? -2.907  10.956  -9.045  1.00 41.31  ? 54  LEU A CB  1 
ATOM   306  C CG  . LEU A 1 42 ? -3.350  9.779   -8.183  1.00 45.31  ? 54  LEU A CG  1 
ATOM   307  C CD1 . LEU A 1 42 ? -4.225  10.255  -7.048  1.00 40.24  ? 54  LEU A CD1 1 
ATOM   308  C CD2 . LEU A 1 42 ? -4.079  8.773   -9.044  1.00 40.06  ? 54  LEU A CD2 1 
ATOM   309  N N   . GLN A 1 43 ? -0.083  10.798  -7.502  1.00 44.69  ? 55  GLN A N   1 
ATOM   310  C CA  . GLN A 1 43 ? 1.251   10.236  -7.516  1.00 48.30  ? 55  GLN A CA  1 
ATOM   311  C C   . GLN A 1 43 ? 1.287   8.950   -6.721  1.00 46.60  ? 55  GLN A C   1 
ATOM   312  O O   . GLN A 1 43 ? 0.420   8.693   -5.892  1.00 40.08  ? 55  GLN A O   1 
ATOM   313  C CB  . GLN A 1 43 ? 2.282   11.240  -6.989  1.00 52.38  ? 55  GLN A CB  1 
ATOM   314  C CG  . GLN A 1 43 ? 2.133   11.595  -5.532  1.00 55.62  ? 55  GLN A CG  1 
ATOM   315  C CD  . GLN A 1 43 ? 3.109   12.665  -5.108  1.00 52.87  ? 55  GLN A CD  1 
ATOM   316  O OE1 . GLN A 1 43 ? 3.274   13.664  -5.799  1.00 49.39  ? 55  GLN A OE1 1 
ATOM   317  N NE2 . GLN A 1 43 ? 3.761   12.464  -3.964  1.00 48.52  ? 55  GLN A NE2 1 
ATOM   318  N N   . GLN A 1 44 ? 2.301   8.142   -7.002  1.00 47.93  ? 56  GLN A N   1 
ATOM   319  C CA  . GLN A 1 44 ? 2.455   6.857   -6.352  1.00 47.36  ? 56  GLN A CA  1 
ATOM   320  C C   . GLN A 1 44 ? 2.591   7.030   -4.840  1.00 46.53  ? 56  GLN A C   1 
ATOM   321  O O   . GLN A 1 44 ? 3.083   8.062   -4.378  1.00 43.07  ? 56  GLN A O   1 
ATOM   322  C CB  . GLN A 1 44 ? 3.656   6.114   -6.936  1.00 42.60  ? 56  GLN A CB  1 
ATOM   323  C CG  . GLN A 1 44 ? 4.985   6.743   -6.632  1.00 52.92  ? 56  GLN A CG  1 
ATOM   324  C CD  . GLN A 1 44 ? 6.098   6.178   -7.501  1.00 58.75  ? 56  GLN A CD  1 
ATOM   325  O OE1 . GLN A 1 44 ? 6.103   6.358   -8.724  1.00 66.73  ? 56  GLN A OE1 1 
ATOM   326  N NE2 . GLN A 1 44 ? 7.050   5.495   -6.871  1.00 47.05  ? 56  GLN A NE2 1 
ATOM   327  N N   . LEU A 1 45 ? 2.154   6.003   -4.098  1.00 47.35  ? 57  LEU A N   1 
ATOM   328  C CA  . LEU A 1 45 ? 2.102   5.988   -2.623  1.00 49.42  ? 57  LEU A CA  1 
ATOM   329  C C   . LEU A 1 45 ? 0.920   6.759   -2.045  1.00 47.03  ? 57  LEU A C   1 
ATOM   330  O O   . LEU A 1 45 ? 0.663   6.677   -0.837  1.00 51.51  ? 57  LEU A O   1 
ATOM   331  C CB  . LEU A 1 45 ? 3.405   6.473   -1.960  1.00 54.46  ? 57  LEU A CB  1 
ATOM   332  C CG  . LEU A 1 45 ? 4.508   5.462   -1.631  1.00 59.86  ? 57  LEU A CG  1 
ATOM   333  C CD1 . LEU A 1 45 ? 3.998   4.358   -0.723  1.00 52.90  ? 57  LEU A CD1 1 
ATOM   334  C CD2 . LEU A 1 45 ? 5.082   4.894   -2.909  1.00 58.28  ? 57  LEU A CD2 1 
ATOM   335  N N   . ASP A 1 46 ? 0.192   7.501   -2.875  1.00 46.69  ? 58  ASP A N   1 
ATOM   336  C CA  . ASP A 1 46 ? -1.017  8.162   -2.393  1.00 47.96  ? 58  ASP A CA  1 
ATOM   337  C C   . ASP A 1 46 ? -1.994  7.121   -1.837  1.00 44.64  ? 58  ASP A C   1 
ATOM   338  O O   . ASP A 1 46 ? -2.338  6.162   -2.523  1.00 47.61  ? 58  ASP A O   1 
ATOM   339  C CB  . ASP A 1 46 ? -1.703  8.933   -3.515  1.00 51.42  ? 58  ASP A CB  1 
ATOM   340  C CG  . ASP A 1 46 ? -1.003  10.230  -3.859  1.00 48.89  ? 58  ASP A CG  1 
ATOM   341  O OD1 . ASP A 1 46 ? -0.080  10.648  -3.126  1.00 48.71  ? 58  ASP A OD1 1 
ATOM   342  O OD2 . ASP A 1 46 ? -1.402  10.829  -4.877  1.00 50.64  ? 58  ASP A OD2 1 
ATOM   343  N N   . THR A 1 47 ? -2.439  7.310   -0.601  1.00 46.03  ? 59  THR A N   1 
ATOM   344  C CA  . THR A 1 47 ? -3.432  6.408   -0.005  1.00 47.34  ? 59  THR A CA  1 
ATOM   345  C C   . THR A 1 47 ? -4.801  7.043   -0.210  1.00 47.28  ? 59  THR A C   1 
ATOM   346  O O   . THR A 1 47 ? -4.969  8.231   0.015   1.00 50.81  ? 59  THR A O   1 
ATOM   347  C CB  . THR A 1 47 ? -3.136  6.121   1.496   1.00 46.61  ? 59  THR A CB  1 
ATOM   348  O OG1 . THR A 1 47 ? -1.829  5.546   1.620   1.00 49.79  ? 59  THR A OG1 1 
ATOM   349  C CG2 . THR A 1 47 ? -4.140  5.151   2.102   1.00 42.80  ? 59  THR A CG2 1 
ATOM   350  N N   . VAL A 1 48 ? -5.763  6.237   -0.650  1.00 47.94  ? 60  VAL A N   1 
ATOM   351  C CA  . VAL A 1 48 ? -7.067  6.718   -1.075  1.00 40.68  ? 60  VAL A CA  1 
ATOM   352  C C   . VAL A 1 48 ? -8.066  6.649   0.074   1.00 46.06  ? 60  VAL A C   1 
ATOM   353  O O   . VAL A 1 48 ? -8.346  5.579   0.626   1.00 47.52  ? 60  VAL A O   1 
ATOM   354  C CB  . VAL A 1 48 ? -7.604  5.913   -2.273  1.00 44.89  ? 60  VAL A CB  1 
ATOM   355  C CG1 . VAL A 1 48 ? -8.841  6.604   -2.855  1.00 46.68  ? 60  VAL A CG1 1 
ATOM   356  C CG2 . VAL A 1 48 ? -6.532  5.757   -3.349  1.00 39.63  ? 60  VAL A CG2 1 
ATOM   357  N N   . LEU A 1 49 ? -8.609  7.810   0.424   1.00 49.32  ? 61  LEU A N   1 
ATOM   358  C CA  . LEU A 1 49 ? -9.533  7.936   1.535   1.00 46.64  ? 61  LEU A CA  1 
ATOM   359  C C   . LEU A 1 49 ? -10.966 8.078   1.062   1.00 42.46  ? 61  LEU A C   1 
ATOM   360  O O   . LEU A 1 49 ? -11.881 7.591   1.717   1.00 48.58  ? 61  LEU A O   1 
ATOM   361  C CB  . LEU A 1 49 ? -9.131  9.130   2.401   1.00 48.30  ? 61  LEU A CB  1 
ATOM   362  C CG  . LEU A 1 49 ? -7.661  9.155   2.843   1.00 54.02  ? 61  LEU A CG  1 
ATOM   363  C CD1 . LEU A 1 49 ? -7.356  10.473  3.572   1.00 40.58  ? 61  LEU A CD1 1 
ATOM   364  C CD2 . LEU A 1 49 ? -7.299  7.917   3.702   1.00 39.74  ? 61  LEU A CD2 1 
ATOM   365  N N   . GLN A 1 50 ? -11.157 8.753   -0.066  1.00 43.86  ? 62  GLN A N   1 
ATOM   366  C CA  . GLN A 1 50 ? -12.483 9.071   -0.593  1.00 42.38  ? 62  GLN A CA  1 
ATOM   367  C C   . GLN A 1 50 ? -12.487 9.081   -2.118  1.00 46.59  ? 62  GLN A C   1 
ATOM   368  O O   . GLN A 1 50 ? -11.531 9.556   -2.758  1.00 44.13  ? 62  GLN A O   1 
ATOM   369  C CB  . GLN A 1 50 ? -12.954 10.441  -0.095  1.00 44.12  ? 62  GLN A CB  1 
ATOM   370  C CG  . GLN A 1 50 ? -14.456 10.662  -0.221  1.00 40.13  ? 62  GLN A CG  1 
ATOM   371  C CD  . GLN A 1 50 ? -14.953 11.827  0.608   1.00 44.76  ? 62  GLN A CD  1 
ATOM   372  O OE1 . GLN A 1 50 ? -14.940 12.965  0.153   1.00 48.19  ? 62  GLN A OE1 1 
ATOM   373  N NE2 . GLN A 1 50 ? -15.408 11.547  1.827   1.00 34.03  ? 62  GLN A NE2 1 
ATOM   374  N N   . LEU A 1 51 ? -13.572 8.545   -2.679  1.00 45.93  ? 63  LEU A N   1 
ATOM   375  C CA  . LEU A 1 51 ? -13.861 8.601   -4.101  1.00 49.28  ? 63  LEU A CA  1 
ATOM   376  C C   . LEU A 1 51 ? -15.214 9.309   -4.274  1.00 48.26  ? 63  LEU A C   1 
ATOM   377  O O   . LEU A 1 51 ? -16.250 8.808   -3.835  1.00 40.96  ? 63  LEU A O   1 
ATOM   378  C CB  . LEU A 1 51 ? -13.937 7.189   -4.676  1.00 51.06  ? 63  LEU A CB  1 
ATOM   379  C CG  . LEU A 1 51 ? -14.500 7.083   -6.086  1.00 47.47  ? 63  LEU A CG  1 
ATOM   380  C CD1 . LEU A 1 51 ? -13.477 7.620   -7.039  1.00 38.70  ? 63  LEU A CD1 1 
ATOM   381  C CD2 . LEU A 1 51 ? -14.861 5.645   -6.409  1.00 51.23  ? 63  LEU A CD2 1 
ATOM   382  N N   . ASN A 1 52 ? -15.192 10.467  -4.918  1.00 48.58  ? 64  ASN A N   1 
ATOM   383  C CA  . ASN A 1 52 ? -16.403 11.292  -5.072  1.00 50.20  ? 64  ASN A CA  1 
ATOM   384  C C   . ASN A 1 52 ? -17.043 11.540  -3.696  1.00 50.62  ? 64  ASN A C   1 
ATOM   385  O O   . ASN A 1 52 ? -16.353 12.014  -2.800  1.00 53.36  ? 64  ASN A O   1 
ATOM   386  C CB  . ASN A 1 52 ? -17.333 10.671  -6.138  1.00 42.39  ? 64  ASN A CB  1 
ATOM   387  C CG  . ASN A 1 52 ? -16.655 10.614  -7.525  1.00 55.54  ? 64  ASN A CG  1 
ATOM   388  O OD1 . ASN A 1 52 ? -15.729 11.383  -7.801  1.00 52.23  ? 64  ASN A OD1 1 
ATOM   389  N ND2 . ASN A 1 52 ? -17.092 9.692   -8.380  1.00 45.18  ? 64  ASN A ND2 1 
ATOM   390  N N   . GLU A 1 53 ? -18.315 11.215  -3.493  1.00 51.69  ? 65  GLU A N   1 
ATOM   391  C CA  . GLU A 1 53 ? -18.941 11.482  -2.189  1.00 58.48  ? 65  GLU A CA  1 
ATOM   392  C C   . GLU A 1 53 ? -18.629 10.416  -1.123  1.00 57.19  ? 65  GLU A C   1 
ATOM   393  O O   . GLU A 1 53 ? -18.829 10.654  0.070   1.00 57.89  ? 65  GLU A O   1 
ATOM   394  C CB  . GLU A 1 53 ? -20.467 11.618  -2.344  1.00 56.07  ? 65  GLU A CB  1 
ATOM   395  N N   . ARG A 1 54 ? -18.091 9.277   -1.556  1.00 56.74  ? 66  ARG A N   1 
ATOM   396  C CA  A ARG A 1 54 ? -18.026 8.085   -0.716  0.50 55.40  ? 66  ARG A CA  1 
ATOM   397  C CA  B ARG A 1 54 ? -18.027 8.060   -0.734  0.50 56.15  ? 66  ARG A CA  1 
ATOM   398  C C   . ARG A 1 54 ? -16.663 7.820   -0.080  1.00 49.80  ? 66  ARG A C   1 
ATOM   399  O O   . ARG A 1 54 ? -15.673 7.659   -0.779  1.00 47.35  ? 66  ARG A O   1 
ATOM   400  C CB  A ARG A 1 54 ? -18.454 6.871   -1.537  0.50 56.93  ? 66  ARG A CB  1 
ATOM   401  C CB  B ARG A 1 54 ? -18.379 6.839   -1.599  0.50 56.78  ? 66  ARG A CB  1 
ATOM   402  C CG  A ARG A 1 54 ? -19.887 6.998   -2.037  0.50 60.63  ? 66  ARG A CG  1 
ATOM   403  C CG  B ARG A 1 54 ? -19.819 6.848   -2.112  0.50 60.34  ? 66  ARG A CG  1 
ATOM   404  C CD  A ARG A 1 54 ? -20.496 5.654   -2.364  0.50 65.01  ? 66  ARG A CD  1 
ATOM   405  C CD  B ARG A 1 54 ? -20.141 5.665   -3.035  0.50 60.60  ? 66  ARG A CD  1 
ATOM   406  N NE  A ARG A 1 54 ? -20.129 5.185   -3.695  0.50 61.29  ? 66  ARG A NE  1 
ATOM   407  N NE  B ARG A 1 54 ? -20.054 4.358   -2.370  0.50 65.78  ? 66  ARG A NE  1 
ATOM   408  C CZ  A ARG A 1 54 ? -20.326 3.947   -4.138  0.50 56.26  ? 66  ARG A CZ  1 
ATOM   409  C CZ  B ARG A 1 54 ? -20.938 3.878   -1.490  0.50 60.10  ? 66  ARG A CZ  1 
ATOM   410  N NH1 A ARG A 1 54 ? -19.956 3.638   -5.366  0.50 44.66  ? 66  ARG A NH1 1 
ATOM   411  N NH1 B ARG A 1 54 ? -20.745 2.677   -0.962  0.50 47.73  ? 66  ARG A NH1 1 
ATOM   412  N NH2 A ARG A 1 54 ? -20.887 3.013   -3.363  0.50 54.17  ? 66  ARG A NH2 1 
ATOM   413  N NH2 B ARG A 1 54 ? -22.015 4.580   -1.131  0.50 55.67  ? 66  ARG A NH2 1 
ATOM   414  N N   . PRO A 1 55 ? -16.612 7.771   1.267   1.00 48.58  ? 67  PRO A N   1 
ATOM   415  C CA  . PRO A 1 55 ? -15.371 7.331   1.908   1.00 50.52  ? 67  PRO A CA  1 
ATOM   416  C C   . PRO A 1 55 ? -15.072 5.857   1.614   1.00 48.18  ? 67  PRO A C   1 
ATOM   417  O O   . PRO A 1 55 ? -15.969 5.011   1.672   1.00 53.27  ? 67  PRO A O   1 
ATOM   418  C CB  . PRO A 1 55 ? -15.650 7.535   3.397   1.00 47.95  ? 67  PRO A CB  1 
ATOM   419  C CG  . PRO A 1 55 ? -17.087 7.516   3.515   1.00 51.92  ? 67  PRO A CG  1 
ATOM   420  C CD  . PRO A 1 55 ? -17.634 8.109   2.271   1.00 50.85  ? 67  PRO A CD  1 
ATOM   421  N N   . VAL A 1 56 ? -13.821 5.554   1.305   1.00 47.01  ? 68  VAL A N   1 
ATOM   422  C CA  . VAL A 1 56 ? -13.453 4.231   0.836   1.00 46.08  ? 68  VAL A CA  1 
ATOM   423  C C   . VAL A 1 56 ? -12.241 3.669   1.602   1.00 48.32  ? 68  VAL A C   1 
ATOM   424  O O   . VAL A 1 56 ? -11.471 2.870   1.048   1.00 49.70  ? 68  VAL A O   1 
ATOM   425  C CB  . VAL A 1 56 ? -13.175 4.287   -0.693  1.00 50.49  ? 68  VAL A CB  1 
ATOM   426  C CG1 . VAL A 1 56 ? -14.407 4.812   -1.463  1.00 46.58  ? 68  VAL A CG1 1 
ATOM   427  C CG2 . VAL A 1 56 ? -11.968 5.157   -0.992  1.00 42.93  ? 68  VAL A CG2 1 
ATOM   428  N N   . GLU A 1 57 ? -12.113 4.028   2.886   1.00 48.55  ? 69  GLU A N   1 
ATOM   429  C CA  . GLU A 1 57 ? -10.919 3.697   3.704   1.00 52.08  ? 69  GLU A CA  1 
ATOM   430  C C   . GLU A 1 57 ? -10.513 2.221   3.693   1.00 52.76  ? 69  GLU A C   1 
ATOM   431  O O   . GLU A 1 57 ? -9.402  1.860   4.061   1.00 49.37  ? 69  GLU A O   1 
ATOM   432  C CB  . GLU A 1 57 ? -10.970 4.302   5.099   1.00 56.23  ? 69  GLU A CB  1 
ATOM   433  C CG  . GLU A 1 57 ? -10.790 5.833   5.086   1.00 56.42  ? 69  GLU A CG  1 
ATOM   434  C CD  . GLU A 1 57 ? -12.112 6.597   5.037   1.00 67.07  ? 69  GLU A CD  1 
ATOM   435  O OE1 . GLU A 1 57 ? -13.090 6.105   4.437   1.00 59.16  ? 69  GLU A OE1 1 
ATOM   436  O OE2 . GLU A 1 57 ? -12.171 7.700   5.614   1.00 68.41  ? 69  GLU A OE2 1 
ATOM   437  N N   . HIS A 1 58 ? -11.405 1.337   3.305   1.00 55.00  ? 70  HIS A N   1 
ATOM   438  C CA  . HIS A 1 58 ? -12.166 0.402   4.124   1.00 54.23  ? 70  HIS A CA  1 
ATOM   439  C C   . HIS A 1 58 ? -12.575 -0.614  3.021   1.00 48.00  ? 70  HIS A C   1 
ATOM   440  O O   . HIS A 1 58 ? -12.903 -1.742  3.301   1.00 50.07  ? 70  HIS A O   1 
ATOM   441  C CB  . HIS A 1 58 ? -13.282 0.983   5.019   1.00 58.35  ? 70  HIS A CB  1 
ATOM   442  C CG  . HIS A 1 58 ? -14.632 1.102   4.378   1.00 66.95  ? 70  HIS A CG  1 
ATOM   443  N ND1 . HIS A 1 58 ? -15.524 0.050   4.322   1.00 55.73  ? 70  HIS A ND1 1 
ATOM   444  C CD2 . HIS A 1 58 ? -15.283 2.175   3.869   1.00 64.25  ? 70  HIS A CD2 1 
ATOM   445  C CE1 . HIS A 1 58 ? -16.646 0.458   3.755   1.00 59.70  ? 70  HIS A CE1 1 
ATOM   446  N NE2 . HIS A 1 58 ? -16.528 1.744   3.477   1.00 68.98  ? 70  HIS A NE2 1 
ATOM   447  N N   . TRP A 1 59 ? -12.405 -0.198  1.759   1.00 45.74  ? 71  TRP A N   1 
ATOM   448  C CA  . TRP A 1 59 ? -12.708 -0.975  0.573   1.00 47.21  ? 71  TRP A CA  1 
ATOM   449  C C   . TRP A 1 59 ? -11.488 -1.762  0.106   1.00 48.54  ? 71  TRP A C   1 
ATOM   450  O O   . TRP A 1 59 ? -10.333 -1.367  0.330   1.00 44.42  ? 71  TRP A O   1 
ATOM   451  C CB  . TRP A 1 59 ? -13.077 -0.041  -0.574  1.00 47.75  ? 71  TRP A CB  1 
ATOM   452  C CG  . TRP A 1 59 ? -14.410 0.578   -0.479  1.00 49.14  ? 71  TRP A CG  1 
ATOM   453  C CD1 . TRP A 1 59 ? -15.161 0.766   0.639   1.00 48.24  ? 71  TRP A CD1 1 
ATOM   454  C CD2 . TRP A 1 59 ? -15.153 1.123   -1.561  1.00 49.86  ? 71  TRP A CD2 1 
ATOM   455  N NE1 . TRP A 1 59 ? -16.333 1.382   0.320   1.00 43.03  ? 71  TRP A NE1 1 
ATOM   456  C CE2 . TRP A 1 59 ? -16.360 1.610   -1.029  1.00 48.30  ? 71  TRP A CE2 1 
ATOM   457  C CE3 . TRP A 1 59 ? -14.912 1.251   -2.936  1.00 52.69  ? 71  TRP A CE3 1 
ATOM   458  C CZ2 . TRP A 1 59 ? -17.332 2.218   -1.818  1.00 49.40  ? 71  TRP A CZ2 1 
ATOM   459  C CZ3 . TRP A 1 59 ? -15.875 1.850   -3.721  1.00 57.32  ? 71  TRP A CZ3 1 
ATOM   460  C CH2 . TRP A 1 59 ? -17.078 2.324   -3.159  1.00 52.17  ? 71  TRP A CH2 1 
ATOM   461  N N   . LYS A 1 60 ? -11.775 -2.848  -0.595  1.00 46.94  ? 72  LYS A N   1 
ATOM   462  C CA  . LYS A 1 60 ? -10.755 -3.649  -1.247  1.00 46.81  ? 72  LYS A CA  1 
ATOM   463  C C   . LYS A 1 60 ? -10.345 -3.017  -2.565  1.00 46.34  ? 72  LYS A C   1 
ATOM   464  O O   . LYS A 1 60 ? -11.073 -2.216  -3.153  1.00 44.64  ? 72  LYS A O   1 
ATOM   465  C CB  . LYS A 1 60 ? -11.257 -5.076  -1.465  1.00 45.28  ? 72  LYS A CB  1 
ATOM   466  C CG  . LYS A 1 60 ? -11.681 -5.765  -0.162  1.00 42.99  ? 72  LYS A CG  1 
ATOM   467  C CD  . LYS A 1 60 ? -11.686 -7.283  -0.261  1.00 52.22  ? 72  LYS A CD  1 
ATOM   468  C CE  . LYS A 1 60 ? -12.974 -7.812  -0.874  1.00 52.97  ? 72  LYS A CE  1 
ATOM   469  N N   . CYS A 1 61 ? -9.151  -3.378  -3.001  1.00 48.58  ? 73  CYS A N   1 
ATOM   470  C CA  . CYS A 1 61 ? -8.615  -2.930  -4.278  1.00 49.51  ? 73  CYS A CA  1 
ATOM   471  C C   . CYS A 1 61 ? -9.574  -3.178  -5.433  1.00 46.23  ? 73  CYS A C   1 
ATOM   472  O O   . CYS A 1 61 ? -9.846  -2.287  -6.202  1.00 48.51  ? 73  CYS A O   1 
ATOM   473  C CB  . CYS A 1 61 ? -7.316  -3.670  -4.580  1.00 48.29  ? 73  CYS A CB  1 
ATOM   474  S SG  . CYS A 1 61 ? -6.379  -2.839  -5.811  1.00 57.41  ? 73  CYS A SG  1 
ATOM   475  N N   . VAL A 1 62 ? -10.059 -4.407  -5.553  1.00 52.17  ? 74  VAL A N   1 
ATOM   476  C CA  . VAL A 1 62 ? -10.941 -4.799  -6.657  1.00 51.28  ? 74  VAL A CA  1 
ATOM   477  C C   . VAL A 1 62 ? -12.304 -4.071  -6.617  1.00 50.47  ? 74  VAL A C   1 
ATOM   478  O O   . VAL A 1 62 ? -12.875 -3.766  -7.663  1.00 53.44  ? 74  VAL A O   1 
ATOM   479  C CB  . VAL A 1 62 ? -11.159 -6.334  -6.679  1.00 52.01  ? 74  VAL A CB  1 
ATOM   480  C CG1 . VAL A 1 62 ? -12.011 -6.739  -7.872  1.00 61.71  ? 74  VAL A CG1 1 
ATOM   481  C CG2 . VAL A 1 62 ? -9.819  -7.068  -6.729  1.00 46.09  ? 74  VAL A CG2 1 
ATOM   482  N N   . GLU A 1 63 ? -12.812 -3.790  -5.420  1.00 49.08  ? 75  GLU A N   1 
ATOM   483  C CA  . GLU A 1 63 ? -14.040 -2.999  -5.272  1.00 51.80  ? 75  GLU A CA  1 
ATOM   484  C C   . GLU A 1 63 ? -13.804 -1.597  -5.825  1.00 51.03  ? 75  GLU A C   1 
ATOM   485  O O   . GLU A 1 63 ? -14.581 -1.110  -6.639  1.00 50.06  ? 75  GLU A O   1 
ATOM   486  C CB  . GLU A 1 63 ? -14.501 -2.928  -3.799  1.00 48.19  ? 75  GLU A CB  1 
ATOM   487  C CG  . GLU A 1 63 ? -14.988 -4.277  -3.222  1.00 56.64  ? 75  GLU A CG  1 
ATOM   488  C CD  . GLU A 1 63 ? -15.227 -4.277  -1.689  1.00 58.02  ? 75  GLU A CD  1 
ATOM   489  O OE1 . GLU A 1 63 ? -14.635 -3.453  -0.954  1.00 55.41  ? 75  GLU A OE1 1 
ATOM   490  O OE2 . GLU A 1 63 ? -16.000 -5.138  -1.208  1.00 57.31  ? 75  GLU A OE2 1 
ATOM   491  N N   . LEU A 1 64 ? -12.713 -0.960  -5.407  1.00 52.59  ? 76  LEU A N   1 
ATOM   492  C CA  . LEU A 1 64 ? -12.449 0.418   -5.814  1.00 50.70  ? 76  LEU A CA  1 
ATOM   493  C C   . LEU A 1 64 ? -12.240 0.527   -7.310  1.00 46.11  ? 76  LEU A C   1 
ATOM   494  O O   . LEU A 1 64 ? -12.799 1.413   -7.937  1.00 47.13  ? 76  LEU A O   1 
ATOM   495  C CB  . LEU A 1 64 ? -11.243 0.999   -5.082  1.00 52.02  ? 76  LEU A CB  1 
ATOM   496  C CG  . LEU A 1 64 ? -11.037 2.517   -5.223  1.00 50.64  ? 76  LEU A CG  1 
ATOM   497  C CD1 . LEU A 1 64 ? -12.066 3.270   -4.404  1.00 47.73  ? 76  LEU A CD1 1 
ATOM   498  C CD2 . LEU A 1 64 ? -9.609  2.912   -4.798  1.00 49.37  ? 76  LEU A CD2 1 
ATOM   499  N N   . ALA A 1 65 ? -11.441 -0.369  -7.880  1.00 44.69  ? 77  ALA A N   1 
ATOM   500  C CA  . ALA A 1 65 ? -11.217 -0.396  -9.343  1.00 45.14  ? 77  ALA A CA  1 
ATOM   501  C C   . ALA A 1 65 ? -12.546 -0.464  -10.112 1.00 43.59  ? 77  ALA A C   1 
ATOM   502  O O   . ALA A 1 65 ? -12.754 0.254   -11.075 1.00 48.02  ? 77  ALA A O   1 
ATOM   503  C CB  . ALA A 1 65 ? -10.343 -1.578  -9.724  1.00 38.77  ? 77  ALA A CB  1 
ATOM   504  N N   . HIS A 1 66 ? -13.432 -1.342  -9.669  1.00 43.12  ? 78  HIS A N   1 
ATOM   505  C CA  . HIS A 1 66 ? -14.743 -1.490  -10.277 1.00 45.34  ? 78  HIS A CA  1 
ATOM   506  C C   . HIS A 1 66 ? -15.515 -0.178  -10.252 1.00 47.05  ? 78  HIS A C   1 
ATOM   507  O O   . HIS A 1 66 ? -16.171 0.176   -11.235 1.00 47.93  ? 78  HIS A O   1 
ATOM   508  C CB  . HIS A 1 66 ? -15.547 -2.572  -9.547  1.00 43.86  ? 78  HIS A CB  1 
ATOM   509  C CG  . HIS A 1 66 ? -16.932 -2.741  -10.075 1.00 48.91  ? 78  HIS A CG  1 
ATOM   510  N ND1 . HIS A 1 66 ? -17.260 -3.708  -11.002 1.00 57.56  ? 78  HIS A ND1 1 
ATOM   511  C CD2 . HIS A 1 66 ? -18.073 -2.054  -9.823  1.00 45.07  ? 78  HIS A CD2 1 
ATOM   512  C CE1 . HIS A 1 66 ? -18.546 -3.615  -11.295 1.00 55.95  ? 78  HIS A CE1 1 
ATOM   513  N NE2 . HIS A 1 66 ? -19.062 -2.617  -10.597 1.00 54.80  ? 78  HIS A NE2 1 
ATOM   514  N N   . GLU A 1 67 ? -15.438 0.530   -9.125  1.00 46.84  ? 79  GLU A N   1 
ATOM   515  C CA  . GLU A 1 67 ? -16.179 1.775   -8.948  1.00 48.51  ? 79  GLU A CA  1 
ATOM   516  C C   . GLU A 1 67 ? -15.573 2.916   -9.763  1.00 49.05  ? 79  GLU A C   1 
ATOM   517  O O   . GLU A 1 67 ? -16.292 3.718   -10.368 1.00 48.66  ? 79  GLU A O   1 
ATOM   518  C CB  . GLU A 1 67 ? -16.244 2.170   -7.476  1.00 47.98  ? 79  GLU A CB  1 
ATOM   519  C CG  . GLU A 1 67 ? -17.567 2.796   -7.092  1.00 61.72  ? 79  GLU A CG  1 
ATOM   520  C CD  . GLU A 1 67 ? -18.756 1.896   -7.448  1.00 69.98  ? 79  GLU A CD  1 
ATOM   521  O OE1 . GLU A 1 67 ? -18.745 0.701   -7.078  1.00 67.44  ? 79  GLU A OE1 1 
ATOM   522  O OE2 . GLU A 1 67 ? -19.698 2.387   -8.104  1.00 76.49  ? 79  GLU A OE2 1 
ATOM   523  N N   . ILE A 1 68 ? -14.250 2.977   -9.773  1.00 44.24  ? 80  ILE A N   1 
ATOM   524  C CA  . ILE A 1 68 ? -13.540 3.959   -10.567 1.00 46.37  ? 80  ILE A CA  1 
ATOM   525  C C   . ILE A 1 68 ? -13.929 3.809   -12.029 1.00 44.87  ? 80  ILE A C   1 
ATOM   526  O O   . ILE A 1 68 ? -14.298 4.785   -12.660 1.00 48.95  ? 80  ILE A O   1 
ATOM   527  C CB  . ILE A 1 68 ? -12.005 3.827   -10.411 1.00 45.16  ? 80  ILE A CB  1 
ATOM   528  C CG1 . ILE A 1 68 ? -11.590 4.362   -9.044  1.00 51.77  ? 80  ILE A CG1 1 
ATOM   529  C CG2 . ILE A 1 68 ? -11.268 4.602   -11.515 1.00 39.33  ? 80  ILE A CG2 1 
ATOM   530  C CD1 . ILE A 1 68 ? -10.110 4.166   -8.694  1.00 45.66  ? 80  ILE A CD1 1 
ATOM   531  N N   . ARG A 1 69 ? -13.883 2.586   -12.552 1.00 45.18  ? 81  ARG A N   1 
ATOM   532  C CA  . ARG A 1 69 ? -14.192 2.351   -13.957 1.00 45.32  ? 81  ARG A CA  1 
ATOM   533  C C   . ARG A 1 69 ? -15.634 2.655   -14.330 0.50 42.86  ? 81  ARG A C   1 
ATOM   534  O O   . ARG A 1 69 ? -15.940 2.796   -15.502 1.00 47.08  ? 81  ARG A O   1 
ATOM   535  C CB  . ARG A 1 69 ? -13.853 0.923   -14.350 1.00 43.80  ? 81  ARG A CB  1 
ATOM   536  C CG  . ARG A 1 69 ? -12.367 0.655   -14.369 1.00 52.45  ? 81  ARG A CG  1 
ATOM   537  C CD  . ARG A 1 69 ? -12.092 -0.793  -14.672 1.00 50.99  ? 81  ARG A CD  1 
ATOM   538  N NE  . ARG A 1 69 ? -12.571 -1.156  -16.004 1.00 62.14  ? 81  ARG A NE  1 
ATOM   539  C CZ  . ARG A 1 69 ? -12.681 -2.402  -16.455 1.00 63.24  ? 81  ARG A CZ  1 
ATOM   540  N NH1 . ARG A 1 69 ? -13.136 -2.610  -17.674 1.00 56.52  ? 81  ARG A NH1 1 
ATOM   541  N NH2 . ARG A 1 69 ? -12.334 -3.441  -15.699 1.00 74.44  ? 81  ARG A NH2 1 
ATOM   542  N N   . SER A 1 70 ? -16.508 2.757   -13.333 1.00 43.72  ? 82  SER A N   1 
ATOM   543  C CA  . SER A 1 70 ? -17.932 3.029   -13.541 1.00 43.55  ? 82  SER A CA  1 
ATOM   544  C C   . SER A 1 70 ? -18.312 4.493   -13.422 1.00 43.98  ? 82  SER A C   1 
ATOM   545  O O   . SER A 1 70 ? -19.485 4.814   -13.551 1.00 49.93  ? 82  SER A O   1 
ATOM   546  C CB  . SER A 1 70 ? -18.759 2.249   -12.514 1.00 44.24  ? 82  SER A CB  1 
ATOM   547  O OG  . SER A 1 70 ? -18.445 0.871   -12.559 1.00 52.08  ? 82  SER A OG  1 
ATOM   548  N N   . CYS A 1 71 ? -17.358 5.381   -13.153 1.00 44.88  ? 83  CYS A N   1 
ATOM   549  C CA  . CYS A 1 71 ? -17.665 6.812   -13.101 1.00 49.69  ? 83  CYS A CA  1 
ATOM   550  C C   . CYS A 1 71 ? -17.679 7.408   -14.508 1.00 50.87  ? 83  CYS A C   1 
ATOM   551  O O   . CYS A 1 71 ? -16.754 7.192   -15.261 1.00 52.65  ? 83  CYS A O   1 
ATOM   552  C CB  . CYS A 1 71 ? -16.656 7.559   -12.231 1.00 54.70  ? 83  CYS A CB  1 
ATOM   553  S SG  . CYS A 1 71 ? -16.735 7.051   -10.517 1.00 57.79  ? 83  CYS A SG  1 
ATOM   554  N N   . PRO A 1 72 ? -18.735 8.156   -14.858 1.00 51.26  ? 84  PRO A N   1 
ATOM   555  C CA  . PRO A 1 72 ? -18.863 8.631   -16.231 1.00 50.89  ? 84  PRO A CA  1 
ATOM   556  C C   . PRO A 1 72 ? -17.838 9.655   -16.719 1.00 52.77  ? 84  PRO A C   1 
ATOM   557  O O   . PRO A 1 72 ? -17.306 9.505   -17.823 1.00 56.99  ? 84  PRO A O   1 
ATOM   558  C CB  . PRO A 1 72 ? -20.264 9.256   -16.266 1.00 51.32  ? 84  PRO A CB  1 
ATOM   559  C CG  . PRO A 1 72 ? -20.945 8.831   -15.009 1.00 51.51  ? 84  PRO A CG  1 
ATOM   560  C CD  . PRO A 1 72 ? -19.886 8.550   -14.020 1.00 49.34  ? 84  PRO A CD  1 
ATOM   561  N N   . SER A 1 73 ? -17.579 10.694  -15.936 1.00 49.76  ? 85  SER A N   1 
ATOM   562  C CA  . SER A 1 73 ? -16.948 11.893  -16.481 1.00 49.98  ? 85  SER A CA  1 
ATOM   563  C C   . SER A 1 73 ? -15.644 12.248  -15.790 1.00 50.32  ? 85  SER A C   1 
ATOM   564  O O   . SER A 1 73 ? -14.652 12.595  -16.441 0.50 42.78  ? 85  SER A O   1 
ATOM   565  C CB  . SER A 1 73 ? -17.938 13.060  -16.390 1.00 53.93  ? 85  SER A CB  1 
ATOM   566  O OG  . SER A 1 73 ? -19.173 12.727  -17.019 1.00 57.64  ? 85  SER A OG  1 
ATOM   567  N N   . GLU A 1 74 ? -15.659 12.170  -14.466 1.00 55.29  ? 86  GLU A N   1 
ATOM   568  C CA  . GLU A 1 74 ? -14.471 12.421  -13.670 1.00 58.36  ? 86  GLU A CA  1 
ATOM   569  C C   . GLU A 1 74 ? -14.599 11.834  -12.279 1.00 57.09  ? 86  GLU A C   1 
ATOM   570  O O   . GLU A 1 74 ? -15.709 11.670  -11.755 1.00 55.51  ? 86  GLU A O   1 
ATOM   571  C CB  . GLU A 1 74 ? -14.217 13.927  -13.543 1.00 58.94  ? 86  GLU A CB  1 
ATOM   572  C CG  . GLU A 1 74 ? -15.137 14.649  -12.577 1.00 60.90  ? 86  GLU A CG  1 
ATOM   573  C CD  . GLU A 1 74 ? -14.838 16.138  -12.493 1.00 59.80  ? 86  GLU A CD  1 
ATOM   574  O OE1 . GLU A 1 74 ? -14.082 16.638  -13.349 1.00 67.45  ? 86  GLU A OE1 1 
ATOM   575  O OE2 . GLU A 1 74 ? -15.364 16.805  -11.573 1.00 69.19  ? 86  GLU A OE2 1 
ATOM   576  N N   . ILE A 1 75 ? -13.445 11.541  -11.685 1.00 52.71  ? 87  ILE A N   1 
ATOM   577  C CA  . ILE A 1 75 ? -13.380 11.143  -10.300 1.00 50.09  ? 87  ILE A CA  1 
ATOM   578  C C   . ILE A 1 75 ? -12.724 12.275  -9.523  1.00 54.23  ? 87  ILE A C   1 
ATOM   579  O O   . ILE A 1 75 ? -11.875 12.995  -10.041 1.00 50.45  ? 87  ILE A O   1 
ATOM   580  C CB  . ILE A 1 75 ? -12.591 9.820   -10.084 1.00 52.92  ? 87  ILE A CB  1 
ATOM   581  C CG1 . ILE A 1 75 ? -11.175 9.904   -10.666 1.00 48.27  ? 87  ILE A CG1 1 
ATOM   582  C CG2 . ILE A 1 75 ? -13.353 8.637   -10.678 1.00 48.38  ? 87  ILE A CG2 1 
ATOM   583  C CD1 . ILE A 1 75 ? -10.270 8.702   -10.284 1.00 45.41  ? 87  ILE A CD1 1 
ATOM   584  N N   . ILE A 1 76 ? -13.162 12.448  -8.283  1.00 57.46  ? 88  ILE A N   1 
ATOM   585  C CA  . ILE A 1 76 ? -12.500 13.334  -7.343  1.00 53.54  ? 88  ILE A CA  1 
ATOM   586  C C   . ILE A 1 76 ? -12.054 12.429  -6.218  1.00 50.79  ? 88  ILE A C   1 
ATOM   587  O O   . ILE A 1 76 ? -12.889 11.827  -5.543  1.00 50.78  ? 88  ILE A O   1 
ATOM   588  C CB  . ILE A 1 76 ? -13.437 14.406  -6.791  1.00 53.39  ? 88  ILE A CB  1 
ATOM   589  C CG1 . ILE A 1 76 ? -14.125 15.145  -7.933  1.00 53.36  ? 88  ILE A CG1 1 
ATOM   590  C CG2 . ILE A 1 76 ? -12.650 15.380  -5.907  1.00 55.34  ? 88  ILE A CG2 1 
ATOM   591  C CD1 . ILE A 1 76 ? -15.385 15.889  -7.497  1.00 62.02  ? 88  ILE A CD1 1 
ATOM   592  N N   . LEU A 1 77 ? -10.742 12.293  -6.052  1.00 50.12  ? 89  LEU A N   1 
ATOM   593  C CA  . LEU A 1 77 ? -10.187 11.455  -5.000  1.00 48.60  ? 89  LEU A CA  1 
ATOM   594  C C   . LEU A 1 77 ? -9.618  12.344  -3.933  1.00 49.75  ? 89  LEU A C   1 
ATOM   595  O O   . LEU A 1 77 ? -8.925  13.304  -4.240  1.00 54.50  ? 89  LEU A O   1 
ATOM   596  C CB  . LEU A 1 77 ? -9.043  10.604  -5.522  1.00 47.89  ? 89  LEU A CB  1 
ATOM   597  C CG  . LEU A 1 77 ? -9.297  9.612   -6.638  1.00 56.10  ? 89  LEU A CG  1 
ATOM   598  C CD1 . LEU A 1 77 ? -7.939  8.946   -6.986  1.00 49.66  ? 89  LEU A CD1 1 
ATOM   599  C CD2 . LEU A 1 77 ? -10.354 8.581   -6.210  1.00 48.96  ? 89  LEU A CD2 1 
ATOM   600  N N   . LEU A 1 78 ? -9.914  12.030  -2.679  1.00 48.48  ? 90  LEU A N   1 
ATOM   601  C CA  . LEU A 1 78 ? -9.188  12.618  -1.587  1.00 46.69  ? 90  LEU A CA  1 
ATOM   602  C C   . LEU A 1 78 ? -8.109  11.614  -1.173  1.00 47.64  ? 90  LEU A C   1 
ATOM   603  O O   . LEU A 1 78 ? -8.407  10.477  -0.828  1.00 45.40  ? 90  LEU A O   1 
ATOM   604  C CB  . LEU A 1 78 ? -10.111 12.936  -0.424  1.00 49.57  ? 90  LEU A CB  1 
ATOM   605  C CG  . LEU A 1 78 ? -9.384  13.710  0.667   1.00 53.47  ? 90  LEU A CG  1 
ATOM   606  C CD1 . LEU A 1 78 ? -9.237  15.164  0.250   1.00 41.69  ? 90  LEU A CD1 1 
ATOM   607  C CD2 . LEU A 1 78 ? -10.125 13.567  1.961   1.00 52.97  ? 90  LEU A CD2 1 
ATOM   608  N N   . VAL A 1 79 ? -6.855  12.045  -1.220  1.00 48.01  ? 91  VAL A N   1 
ATOM   609  C CA  . VAL A 1 79 ? -5.743  11.190  -0.852  1.00 46.07  ? 91  VAL A CA  1 
ATOM   610  C C   . VAL A 1 79 ? -4.940  11.740  0.309   1.00 46.62  ? 91  VAL A C   1 
ATOM   611  O O   . VAL A 1 79 ? -4.952  12.928  0.600   1.00 43.73  ? 91  VAL A O   1 
ATOM   612  C CB  . VAL A 1 79 ? -4.795  10.935  -2.035  1.00 44.42  ? 91  VAL A CB  1 
ATOM   613  C CG1 . VAL A 1 79 ? -5.580  10.305  -3.182  1.00 41.23  ? 91  VAL A CG1 1 
ATOM   614  C CG2 . VAL A 1 79 ? -4.110  12.211  -2.466  1.00 41.99  ? 91  VAL A CG2 1 
ATOM   615  N N   . TRP A 1 80 ? -4.238  10.817  0.950   1.00 49.33  ? 92  TRP A N   1 
ATOM   616  C CA  . TRP A 1 80 ? -3.337  11.081  2.046   1.00 48.96  ? 92  TRP A CA  1 
ATOM   617  C C   . TRP A 1 80 ? -1.947  10.752  1.523   1.00 46.14  ? 92  TRP A C   1 
ATOM   618  O O   . TRP A 1 80 ? -1.723  9.635   1.036   1.00 46.42  ? 92  TRP A O   1 
ATOM   619  C CB  . TRP A 1 80 ? -3.726  10.143  3.192   1.00 50.78  ? 92  TRP A CB  1 
ATOM   620  C CG  . TRP A 1 80 ? -3.284  10.530  4.551   1.00 54.69  ? 92  TRP A CG  1 
ATOM   621  C CD1 . TRP A 1 80 ? -3.393  11.759  5.144   1.00 53.94  ? 92  TRP A CD1 1 
ATOM   622  C CD2 . TRP A 1 80 ? -2.694  9.661   5.526   1.00 55.99  ? 92  TRP A CD2 1 
ATOM   623  N NE1 . TRP A 1 80 ? -2.885  11.708  6.424   1.00 53.63  ? 92  TRP A NE1 1 
ATOM   624  C CE2 . TRP A 1 80 ? -2.456  10.432  6.685   1.00 56.87  ? 92  TRP A CE2 1 
ATOM   625  C CE3 . TRP A 1 80 ? -2.335  8.303   5.527   1.00 55.09  ? 92  TRP A CE3 1 
ATOM   626  C CZ2 . TRP A 1 80 ? -1.882  9.888   7.844   1.00 61.50  ? 92  TRP A CZ2 1 
ATOM   627  C CZ3 . TRP A 1 80 ? -1.768  7.759   6.673   1.00 53.93  ? 92  TRP A CZ3 1 
ATOM   628  C CH2 . TRP A 1 80 ? -1.538  8.553   7.815   1.00 60.62  ? 92  TRP A CH2 1 
ATOM   629  N N   . ARG A 1 81 ? -1.027  11.710  1.587   1.00 43.72  ? 93  ARG A N   1 
ATOM   630  C CA  . ARG A 1 81 ? 0.348   11.477  1.110   1.00 46.13  ? 93  ARG A CA  1 
ATOM   631  C C   . ARG A 1 81 ? 1.420   12.050  2.019   1.00 48.05  ? 93  ARG A C   1 
ATOM   632  O O   . ARG A 1 81 ? 1.185   12.996  2.764   1.00 50.45  ? 93  ARG A O   1 
ATOM   633  C CB  . ARG A 1 81 ? 0.553   12.031  -0.316  1.00 44.76  ? 93  ARG A CB  1 
ATOM   634  C CG  . ARG A 1 81 ? 0.717   13.538  -0.429  1.00 44.70  ? 93  ARG A CG  1 
ATOM   635  C CD  . ARG A 1 81 ? 1.076   14.041  -1.857  1.00 44.75  ? 93  ARG A CD  1 
ATOM   636  N NE  . ARG A 1 81 ? 0.129   13.606  -2.893  1.00 54.30  ? 93  ARG A NE  1 
ATOM   637  C CZ  . ARG A 1 81 ? -0.174  14.279  -4.011  1.00 43.10  ? 93  ARG A CZ  1 
ATOM   638  N NH1 . ARG A 1 81 ? 0.347   15.470  -4.293  1.00 42.30  ? 93  ARG A NH1 1 
ATOM   639  N NH2 . ARG A 1 81 ? -1.036  13.746  -4.862  1.00 44.92  ? 93  ARG A NH2 1 
ATOM   640  N N   . MET A 1 82 ? 2.612   11.476  1.919   1.00 50.23  ? 94  MET A N   1 
ATOM   641  C CA  . MET A 1 82 ? 3.786   12.005  2.584   1.00 50.38  ? 94  MET A CA  1 
ATOM   642  C C   . MET A 1 82 ? 4.375   13.141  1.755   1.00 52.07  ? 94  MET A C   1 
ATOM   643  O O   . MET A 1 82 ? 4.767   12.928  0.616   1.00 52.04  ? 94  MET A O   1 
ATOM   644  C CB  . MET A 1 82 ? 4.821   10.900  2.737   1.00 52.07  ? 94  MET A CB  1 
ATOM   645  C CG  . MET A 1 82 ? 6.117   11.342  3.403   1.00 60.12  ? 94  MET A CG  1 
ATOM   646  S SD  . MET A 1 82 ? 5.812   11.883  5.091   1.00 80.10  ? 94  MET A SD  1 
ATOM   647  N N   . VAL A 1 83 ? 4.438   14.336  2.335   1.00 54.57  ? 95  VAL A N   1 
ATOM   648  C CA  . VAL A 1 83 ? 5.015   15.513  1.680   1.00 56.98  ? 95  VAL A CA  1 
ATOM   649  C C   . VAL A 1 83 ? 6.022   16.203  2.599   1.00 57.05  ? 95  VAL A C   1 
ATOM   650  O O   . VAL A 1 83 ? 6.996   15.595  3.050   1.00 58.79  ? 95  VAL A O   1 
ATOM   651  C CB  . VAL A 1 83 ? 3.921   16.541  1.302   1.00 57.21  ? 95  VAL A CB  1 
ATOM   652  C CG1 . VAL A 1 83 ? 4.542   17.811  0.764   1.00 54.04  ? 95  VAL A CG1 1 
ATOM   653  C CG2 . VAL A 1 83 ? 2.979   15.959  0.288   1.00 57.44  ? 95  VAL A CG2 1 
ATOM   654  N N   . MET B 1 2  ? 5.218   8.634   9.582   1.00 56.43  ? 14  MET B N   1 
ATOM   655  C CA  . MET B 1 2  ? 5.620   9.487   10.738  1.00 59.99  ? 14  MET B CA  1 
ATOM   656  C C   . MET B 1 2  ? 6.916   8.992   11.365  1.00 60.73  ? 14  MET B C   1 
ATOM   657  O O   . MET B 1 2  ? 7.872   9.756   11.531  1.00 65.49  ? 14  MET B O   1 
ATOM   658  C CB  . MET B 1 2  ? 4.516   9.499   11.801  1.00 59.18  ? 14  MET B CB  1 
ATOM   659  C CG  . MET B 1 2  ? 3.686   10.759  11.832  1.00 57.88  ? 14  MET B CG  1 
ATOM   660  S SD  . MET B 1 2  ? 4.583   12.196  12.465  1.00 70.17  ? 14  MET B SD  1 
ATOM   661  C CE  . MET B 1 2  ? 5.447   11.531  13.893  1.00 56.16  ? 14  MET B CE  1 
ATOM   662  N N   . ARG B 1 3  ? 6.936   7.705   11.704  1.00 57.43  ? 15  ARG B N   1 
ATOM   663  C CA  . ARG B 1 3  ? 8.012   7.125   12.489  1.00 54.46  ? 15  ARG B CA  1 
ATOM   664  C C   . ARG B 1 3  ? 8.589   5.861   11.849  1.00 47.46  ? 15  ARG B C   1 
ATOM   665  O O   . ARG B 1 3  ? 7.933   5.183   11.061  1.00 47.00  ? 15  ARG B O   1 
ATOM   666  C CB  . ARG B 1 3  ? 7.503   6.822   13.907  1.00 53.71  ? 15  ARG B CB  1 
ATOM   667  C CG  . ARG B 1 3  ? 8.337   5.816   14.691  1.00 60.99  ? 15  ARG B CG  1 
ATOM   668  C CD  . ARG B 1 3  ? 7.930   5.708   16.139  1.00 66.83  ? 15  ARG B CD  1 
ATOM   669  N NE  . ARG B 1 3  ? 7.270   4.440   16.421  1.00 77.49  ? 15  ARG B NE  1 
ATOM   670  C CZ  . ARG B 1 3  ? 6.946   4.027   17.643  1.00 86.90  ? 15  ARG B CZ  1 
ATOM   671  N NH1 . ARG B 1 3  ? 6.354   2.850   17.795  1.00 86.41  ? 15  ARG B NH1 1 
ATOM   672  N NH2 . ARG B 1 3  ? 7.202   4.782   18.710  1.00 84.75  ? 15  ARG B NH2 1 
ATOM   673  N N   . TYR B 1 4  ? 9.835   5.572   12.206  1.00 40.71  ? 16  TYR B N   1 
ATOM   674  C CA  . TYR B 1 4  ? 10.465  4.307   11.896  1.00 40.08  ? 16  TYR B CA  1 
ATOM   675  C C   . TYR B 1 4  ? 10.361  3.365   13.084  1.00 39.12  ? 16  TYR B C   1 
ATOM   676  O O   . TYR B 1 4  ? 10.533  3.783   14.227  1.00 40.81  ? 16  TYR B O   1 
ATOM   677  C CB  . TYR B 1 4  ? 11.935  4.517   11.597  1.00 36.69  ? 16  TYR B CB  1 
ATOM   678  C CG  . TYR B 1 4  ? 12.225  5.444   10.449  1.00 36.92  ? 16  TYR B CG  1 
ATOM   679  C CD1 . TYR B 1 4  ? 12.510  6.787   10.669  1.00 41.51  ? 16  TYR B CD1 1 
ATOM   680  C CD2 . TYR B 1 4  ? 12.257  4.972   9.145   1.00 39.58  ? 16  TYR B CD2 1 
ATOM   681  C CE1 . TYR B 1 4  ? 12.806  7.642   9.617   1.00 40.26  ? 16  TYR B CE1 1 
ATOM   682  C CE2 . TYR B 1 4  ? 12.555  5.823   8.078   1.00 41.71  ? 16  TYR B CE2 1 
ATOM   683  C CZ  . TYR B 1 4  ? 12.828  7.151   8.324   1.00 44.06  ? 16  TYR B CZ  1 
ATOM   684  O OH  . TYR B 1 4  ? 13.120  7.987   7.272   1.00 43.89  ? 16  TYR B OH  1 
ATOM   685  N N   . ARG B 1 5  ? 10.085  2.096   12.808  1.00 40.75  ? 17  ARG B N   1 
ATOM   686  C CA  . ARG B 1 5  ? 10.180  1.043   13.815  1.00 42.84  ? 17  ARG B CA  1 
ATOM   687  C C   . ARG B 1 5  ? 10.964  -0.147  13.267  1.00 41.39  ? 17  ARG B C   1 
ATOM   688  O O   . ARG B 1 5  ? 10.771  -0.575  12.117  1.00 41.63  ? 17  ARG B O   1 
ATOM   689  C CB  . ARG B 1 5  ? 8.789   0.567   14.269  1.00 45.03  ? 17  ARG B CB  1 
ATOM   690  C CG  . ARG B 1 5  ? 8.123   1.447   15.277  1.00 49.61  ? 17  ARG B CG  1 
ATOM   691  C CD  . ARG B 1 5  ? 8.814   1.360   16.637  1.00 65.09  ? 17  ARG B CD  1 
ATOM   692  N N   . GLN B 1 6  ? 11.835  -0.680  14.107  1.00 34.49  ? 18  GLN B N   1 
ATOM   693  C CA  . GLN B 1 6  ? 12.489  -1.931  13.832  1.00 35.62  ? 18  GLN B CA  1 
ATOM   694  C C   . GLN B 1 6  ? 11.757  -3.069  14.529  1.00 38.92  ? 18  GLN B C   1 
ATOM   695  O O   . GLN B 1 6  ? 11.600  -3.054  15.755  1.00 40.45  ? 18  GLN B O   1 
ATOM   696  C CB  . GLN B 1 6  ? 13.923  -1.900  14.320  1.00 34.12  ? 18  GLN B CB  1 
ATOM   697  C CG  . GLN B 1 6  ? 14.716  -3.109  13.835  1.00 38.89  ? 18  GLN B CG  1 
ATOM   698  C CD  . GLN B 1 6  ? 16.056  -3.209  14.500  1.00 42.79  ? 18  GLN B CD  1 
ATOM   699  O OE1 . GLN B 1 6  ? 16.147  -3.382  15.712  1.00 46.35  ? 18  GLN B OE1 1 
ATOM   700  N NE2 . GLN B 1 6  ? 17.104  -3.108  13.713  1.00 34.52  ? 18  GLN B NE2 1 
ATOM   701  N N   . ILE B 1 7  ? 11.359  -4.068  13.745  1.00 40.26  ? 19  ILE B N   1 
ATOM   702  C CA  . ILE B 1 7  ? 10.640  -5.235  14.243  1.00 43.13  ? 19  ILE B CA  1 
ATOM   703  C C   . ILE B 1 7  ? 11.430  -6.501  13.909  1.00 44.99  ? 19  ILE B C   1 
ATOM   704  O O   . ILE B 1 7  ? 11.700  -6.775  12.744  1.00 41.70  ? 19  ILE B O   1 
ATOM   705  C CB  . ILE B 1 7  ? 9.227   -5.364  13.606  1.00 44.53  ? 19  ILE B CB  1 
ATOM   706  C CG1 . ILE B 1 7  ? 8.468   -4.036  13.643  1.00 41.24  ? 19  ILE B CG1 1 
ATOM   707  C CG2 . ILE B 1 7  ? 8.409   -6.445  14.323  1.00 50.65  ? 19  ILE B CG2 1 
ATOM   708  C CD1 . ILE B 1 7  ? 8.217   -3.500  15.025  1.00 37.48  ? 19  ILE B CD1 1 
ATOM   709  N N   . THR B 1 8  ? 11.798  -7.260  14.935  1.00 44.91  ? 20  THR B N   1 
ATOM   710  C CA  . THR B 1 8  ? 12.472  -8.542  14.765  1.00 48.29  ? 20  THR B CA  1 
ATOM   711  C C   . THR B 1 8  ? 11.445  -9.652  14.930  1.00 47.72  ? 20  THR B C   1 
ATOM   712  O O   . THR B 1 8  ? 10.752  -9.688  15.940  1.00 50.43  ? 20  THR B O   1 
ATOM   713  C CB  . THR B 1 8  ? 13.573  -8.716  15.804  1.00 47.98  ? 20  THR B CB  1 
ATOM   714  O OG1 . THR B 1 8  ? 14.473  -7.604  15.728  1.00 53.90  ? 20  THR B OG1 1 
ATOM   715  C CG2 . THR B 1 8  ? 14.337  -10.010 15.564  1.00 52.61  ? 20  THR B CG2 1 
ATOM   716  N N   . ILE B 1 9  ? 11.330  -10.543 13.942  1.00 44.79  ? 21  ILE B N   1 
ATOM   717  C CA  . ILE B 1 9  ? 10.299  -11.584 13.980  1.00 45.90  ? 21  ILE B CA  1 
ATOM   718  C C   . ILE B 1 9  ? 10.866  -13.001 13.876  1.00 44.97  ? 21  ILE B C   1 
ATOM   719  O O   . ILE B 1 9  ? 11.421  -13.367 12.849  1.00 48.08  ? 21  ILE B O   1 
ATOM   720  C CB  . ILE B 1 9  ? 9.269   -11.420 12.835  1.00 45.08  ? 21  ILE B CB  1 
ATOM   721  C CG1 . ILE B 1 9  ? 8.878   -9.951  12.637  1.00 46.28  ? 21  ILE B CG1 1 
ATOM   722  C CG2 . ILE B 1 9  ? 8.058   -12.291 13.106  1.00 46.19  ? 21  ILE B CG2 1 
ATOM   723  C CD1 . ILE B 1 9  ? 7.658   -9.735  11.708  1.00 46.18  ? 21  ILE B CD1 1 
ATOM   724  N N   . PRO B 1 10 ? 10.667  -13.830 14.910  1.00 48.25  ? 22  PRO B N   1 
ATOM   725  C CA  . PRO B 1 10 ? 11.125  -15.227 14.834  1.00 47.24  ? 22  PRO B CA  1 
ATOM   726  C C   . PRO B 1 10 ? 10.135  -16.048 14.020  1.00 50.39  ? 22  PRO B C   1 
ATOM   727  O O   . PRO B 1 10 ? 8.929   -15.785 14.074  1.00 57.17  ? 22  PRO B O   1 
ATOM   728  C CB  . PRO B 1 10 ? 11.110  -15.676 16.290  1.00 46.54  ? 22  PRO B CB  1 
ATOM   729  C CG  . PRO B 1 10 ? 9.988   -14.860 16.915  1.00 46.03  ? 22  PRO B CG  1 
ATOM   730  C CD  . PRO B 1 10 ? 9.962   -13.542 16.179  1.00 48.61  ? 22  PRO B CD  1 
ATOM   731  N N   . ARG B 1 11 ? 10.624  -17.011 13.249  1.00 47.84  ? 23  ARG B N   1 
ATOM   732  C CA  . ARG B 1 11 ? 9.733   -17.827 12.426  1.00 45.87  ? 23  ARG B CA  1 
ATOM   733  C C   . ARG B 1 11 ? 8.934   -18.799 13.307  1.00 45.17  ? 23  ARG B C   1 
ATOM   734  O O   . ARG B 1 11 ? 9.497   -19.494 14.170  1.00 41.38  ? 23  ARG B O   1 
ATOM   735  C CB  . ARG B 1 11 ? 10.523  -18.578 11.349  1.00 47.09  ? 23  ARG B CB  1 
ATOM   736  C CG  . ARG B 1 11 ? 9.809   -19.778 10.752  1.00 48.32  ? 23  ARG B CG  1 
ATOM   737  C CD  . ARG B 1 11 ? 10.512  -20.278 9.502   1.00 52.21  ? 23  ARG B CD  1 
ATOM   738  N NE  . ARG B 1 11 ? 10.034  -19.557 8.332   1.00 60.92  ? 23  ARG B NE  1 
ATOM   739  C CZ  . ARG B 1 11 ? 10.624  -19.551 7.141   1.00 61.43  ? 23  ARG B CZ  1 
ATOM   740  N NH1 . ARG B 1 11 ? 10.093  -18.836 6.156   1.00 56.63  ? 23  ARG B NH1 1 
ATOM   741  N NH2 . ARG B 1 11 ? 11.744  -20.236 6.928   1.00 76.80  ? 23  ARG B NH2 1 
ATOM   742  N N   . GLY B 1 12 ? 7.619   -18.818 13.095  1.00 40.65  ? 24  GLY B N   1 
ATOM   743  C CA  . GLY B 1 12 ? 6.746   -19.793 13.736  1.00 41.50  ? 24  GLY B CA  1 
ATOM   744  C C   . GLY B 1 12 ? 6.740   -21.105 12.980  1.00 41.57  ? 24  GLY B C   1 
ATOM   745  O O   . GLY B 1 12 ? 7.530   -21.309 12.065  1.00 43.15  ? 24  GLY B O   1 
ATOM   746  N N   . LYS B 1 13 ? 5.838   -21.995 13.373  1.00 43.79  ? 25  LYS B N   1 
ATOM   747  C CA  . LYS B 1 13 ? 5.648   -23.266 12.689  1.00 45.30  ? 25  LYS B CA  1 
ATOM   748  C C   . LYS B 1 13 ? 5.114   -23.002 11.285  1.00 50.40  ? 25  LYS B C   1 
ATOM   749  O O   . LYS B 1 13 ? 5.600   -23.579 10.315  1.00 56.00  ? 25  LYS B O   1 
ATOM   750  C CB  . LYS B 1 13 ? 4.691   -24.167 13.486  1.00 43.06  ? 25  LYS B CB  1 
ATOM   751  N N   . ASP B 1 14 ? 4.153   -22.087 11.177  1.00 51.12  ? 26  ASP B N   1 
ATOM   752  C CA  . ASP B 1 14 ? 3.527   -21.749 9.901   1.00 53.23  ? 26  ASP B CA  1 
ATOM   753  C C   . ASP B 1 14 ? 4.038   -20.420 9.293   1.00 54.98  ? 26  ASP B C   1 
ATOM   754  O O   . ASP B 1 14 ? 3.266   -19.672 8.682   1.00 54.12  ? 26  ASP B O   1 
ATOM   755  C CB  . ASP B 1 14 ? 2.010   -21.681 10.100  1.00 54.86  ? 26  ASP B CB  1 
ATOM   756  N N   . GLY B 1 15 ? 5.332   -20.130 9.454   1.00 52.25  ? 27  GLY B N   1 
ATOM   757  C CA  . GLY B 1 15 ? 5.927   -18.895 8.916   1.00 46.77  ? 27  GLY B CA  1 
ATOM   758  C C   . GLY B 1 15 ? 5.921   -17.755 9.921   1.00 44.11  ? 27  GLY B C   1 
ATOM   759  O O   . GLY B 1 15 ? 6.005   -17.994 11.130  1.00 46.32  ? 27  GLY B O   1 
ATOM   760  N N   . PHE B 1 16 ? 5.805   -16.522 9.426   1.00 43.05  ? 28  PHE B N   1 
ATOM   761  C CA  . PHE B 1 16 ? 5.933   -15.304 10.253  1.00 47.56  ? 28  PHE B CA  1 
ATOM   762  C C   . PHE B 1 16 ? 4.609   -14.631 10.676  1.00 49.06  ? 28  PHE B C   1 
ATOM   763  O O   . PHE B 1 16 ? 4.618   -13.730 11.521  1.00 49.53  ? 28  PHE B O   1 
ATOM   764  C CB  . PHE B 1 16 ? 6.801   -14.272 9.544   1.00 45.44  ? 28  PHE B CB  1 
ATOM   765  C CG  . PHE B 1 16 ? 8.202   -14.730 9.314   1.00 46.74  ? 28  PHE B CG  1 
ATOM   766  C CD1 . PHE B 1 16 ? 8.577   -15.281 8.094   1.00 49.02  ? 28  PHE B CD1 1 
ATOM   767  C CD2 . PHE B 1 16 ? 9.143   -14.638 10.318  1.00 47.33  ? 28  PHE B CD2 1 
ATOM   768  C CE1 . PHE B 1 16 ? 9.878   -15.715 7.886   1.00 44.50  ? 28  PHE B CE1 1 
ATOM   769  C CE2 . PHE B 1 16 ? 10.443  -15.074 10.112  1.00 49.92  ? 28  PHE B CE2 1 
ATOM   770  C CZ  . PHE B 1 16 ? 10.812  -15.608 8.904   1.00 45.08  ? 28  PHE B CZ  1 
ATOM   771  N N   . GLY B 1 17 ? 3.497   -15.055 10.084  1.00 44.18  ? 29  GLY B N   1 
ATOM   772  C CA  . GLY B 1 17 ? 2.192   -14.580 10.480  1.00 43.27  ? 29  GLY B CA  1 
ATOM   773  C C   . GLY B 1 17 ? 1.848   -13.176 10.035  1.00 42.74  ? 29  GLY B C   1 
ATOM   774  O O   . GLY B 1 17 ? 1.401   -12.345 10.834  1.00 43.14  ? 29  GLY B O   1 
ATOM   775  N N   . PHE B 1 18 ? 2.032   -12.901 8.754   1.00 48.64  ? 30  PHE B N   1 
ATOM   776  C CA  . PHE B 1 18 ? 1.563   -11.641 8.185   1.00 48.70  ? 30  PHE B CA  1 
ATOM   777  C C   . PHE B 1 18 ? 1.508   -11.703 6.660   1.00 49.20  ? 30  PHE B C   1 
ATOM   778  O O   . PHE B 1 18 ? 2.117   -12.557 6.032   1.00 46.89  ? 30  PHE B O   1 
ATOM   779  C CB  . PHE B 1 18 ? 2.410   -10.448 8.669   1.00 46.90  ? 30  PHE B CB  1 
ATOM   780  C CG  . PHE B 1 18 ? 3.779   -10.383 8.072   1.00 46.30  ? 30  PHE B CG  1 
ATOM   781  C CD1 . PHE B 1 18 ? 4.818   -11.139 8.599   1.00 50.85  ? 30  PHE B CD1 1 
ATOM   782  C CD2 . PHE B 1 18 ? 4.040   -9.549  6.989   1.00 45.33  ? 30  PHE B CD2 1 
ATOM   783  C CE1 . PHE B 1 18 ? 6.101   -11.074 8.048   1.00 49.08  ? 30  PHE B CE1 1 
ATOM   784  C CE2 . PHE B 1 18 ? 5.311   -9.480  6.432   1.00 51.82  ? 30  PHE B CE2 1 
ATOM   785  C CZ  . PHE B 1 18 ? 6.347   -10.231 6.969   1.00 49.28  ? 30  PHE B CZ  1 
ATOM   786  N N   . THR B 1 19 ? 0.753   -10.772 6.101   1.00 48.75  ? 31  THR B N   1 
ATOM   787  C CA  . THR B 1 19 ? 0.460   -10.699 4.686   1.00 48.61  ? 31  THR B CA  1 
ATOM   788  C C   . THR B 1 19 ? 0.972   -9.358  4.200   1.00 45.58  ? 31  THR B C   1 
ATOM   789  O O   . THR B 1 19 ? 1.080   -8.409  4.987   1.00 46.08  ? 31  THR B O   1 
ATOM   790  C CB  . THR B 1 19 ? -1.077  -10.880 4.471   1.00 45.54  ? 31  THR B CB  1 
ATOM   791  O OG1 . THR B 1 19 ? -1.378  -12.278 4.571   1.00 46.47  ? 31  THR B OG1 1 
ATOM   792  C CG2 . THR B 1 19 ? -1.530  -10.386 3.125   1.00 64.91  ? 31  THR B CG2 1 
ATOM   793  N N   . ILE B 1 20 ? 1.318   -9.305  2.918   1.00 46.48  ? 32  ILE B N   1 
ATOM   794  C CA  . ILE B 1 20 ? 1.859   -8.096  2.277   1.00 50.22  ? 32  ILE B CA  1 
ATOM   795  C C   . ILE B 1 20 ? 1.117   -7.787  0.979   1.00 48.82  ? 32  ILE B C   1 
ATOM   796  O O   . ILE B 1 20 ? 0.517   -8.668  0.382   1.00 51.32  ? 32  ILE B O   1 
ATOM   797  C CB  . ILE B 1 20 ? 3.375   -8.199  1.994   1.00 48.29  ? 32  ILE B CB  1 
ATOM   798  C CG1 . ILE B 1 20 ? 3.739   -9.578  1.417   1.00 59.77  ? 32  ILE B CG1 1 
ATOM   799  C CG2 . ILE B 1 20 ? 4.162   -7.975  3.274   1.00 48.11  ? 32  ILE B CG2 1 
ATOM   800  C CD1 . ILE B 1 20 ? 5.240   -9.771  1.079   1.00 49.52  ? 32  ILE B CD1 1 
ATOM   801  N N   . CYS B 1 21 ? 1.155   -6.519  0.573   1.00 50.96  ? 33  CYS B N   1 
ATOM   802  C CA  . CYS B 1 21 ? 0.526   -6.051  -0.659  1.00 51.59  ? 33  CYS B CA  1 
ATOM   803  C C   . CYS B 1 21 ? 1.284   -4.819  -1.157  1.00 48.52  ? 33  CYS B C   1 
ATOM   804  O O   . CYS B 1 21 ? 1.904   -4.115  -0.360  1.00 48.27  ? 33  CYS B O   1 
ATOM   805  C CB  . CYS B 1 21 ? -0.956  -5.710  -0.424  1.00 50.21  ? 33  CYS B CB  1 
ATOM   806  S SG  . CYS B 1 21 ? -1.257  -4.412  0.842   1.00 59.60  ? 33  CYS B SG  1 
ATOM   807  N N   . CYS B 1 22 ? 1.210   -4.574  -2.467  1.00 48.96  ? 34  CYS B N   1 
ATOM   808  C CA  . CYS B 1 22 ? 1.852   -3.435  -3.149  1.00 46.08  ? 34  CYS B CA  1 
ATOM   809  C C   . CYS B 1 22 ? 3.315   -3.640  -3.450  1.00 43.97  ? 34  CYS B C   1 
ATOM   810  O O   . CYS B 1 22 ? 3.988   -4.457  -2.830  1.00 47.45  ? 34  CYS B O   1 
ATOM   811  C CB  . CYS B 1 22 ? 1.720   -2.128  -2.360  1.00 49.98  ? 34  CYS B CB  1 
ATOM   812  S SG  . CYS B 1 22 ? 0.084   -1.462  -2.287  1.00 59.16  ? 34  CYS B SG  1 
ATOM   813  N N   . ASP B 1 23 ? 3.819   -2.834  -4.376  1.00 44.48  ? 35  ASP B N   1 
ATOM   814  C CA  . ASP B 1 23 ? 5.223   -2.906  -4.801  1.00 46.53  ? 35  ASP B CA  1 
ATOM   815  C C   . ASP B 1 23 ? 5.900   -1.575  -4.578  1.00 43.94  ? 35  ASP B C   1 
ATOM   816  O O   . ASP B 1 23 ? 5.295   -0.511  -4.768  1.00 42.96  ? 35  ASP B O   1 
ATOM   817  C CB  . ASP B 1 23 ? 5.323   -3.223  -6.301  1.00 46.51  ? 35  ASP B CB  1 
ATOM   818  C CG  . ASP B 1 23 ? 4.648   -4.531  -6.671  1.00 54.27  ? 35  ASP B CG  1 
ATOM   819  O OD1 . ASP B 1 23 ? 4.622   -5.443  -5.827  1.00 61.32  ? 35  ASP B OD1 1 
ATOM   820  O OD2 . ASP B 1 23 ? 4.175   -4.659  -7.821  1.00 53.67  ? 35  ASP B OD2 1 
ATOM   821  N N   . SER B 1 24 ? 7.165   -1.639  -4.199  1.00 44.88  ? 36  SER B N   1 
ATOM   822  C CA  . SER B 1 24 ? 8.060   -0.493  -4.296  1.00 47.71  ? 36  SER B CA  1 
ATOM   823  C C   . SER B 1 24 ? 7.502   0.794   -3.679  1.00 44.10  ? 36  SER B C   1 
ATOM   824  O O   . SER B 1 24 ? 7.203   1.743   -4.402  1.00 46.98  ? 36  SER B O   1 
ATOM   825  C CB  . SER B 1 24 ? 8.397   -0.252  -5.772  1.00 46.87  ? 36  SER B CB  1 
ATOM   826  O OG  . SER B 1 24 ? 8.588   -1.482  -6.438  1.00 53.85  ? 36  SER B OG  1 
ATOM   827  N N   . PRO B 1 25 ? 7.345   0.835   -2.346  1.00 46.01  ? 37  PRO B N   1 
ATOM   828  C CA  . PRO B 1 25 ? 7.598   -0.183  -1.338  1.00 43.46  ? 37  PRO B CA  1 
ATOM   829  C C   . PRO B 1 25 ? 6.407   -1.097  -1.029  1.00 43.26  ? 37  PRO B C   1 
ATOM   830  O O   . PRO B 1 25 ? 5.259   -0.788  -1.337  1.00 46.22  ? 37  PRO B O   1 
ATOM   831  C CB  . PRO B 1 25 ? 7.937   0.660   -0.103  1.00 47.22  ? 37  PRO B CB  1 
ATOM   832  C CG  . PRO B 1 25 ? 7.053   1.853   -0.232  1.00 46.60  ? 37  PRO B CG  1 
ATOM   833  C CD  . PRO B 1 25 ? 6.860   2.084   -1.724  1.00 50.71  ? 37  PRO B CD  1 
ATOM   834  N N   . VAL B 1 26 ? 6.709   -2.219  -0.398  1.00 43.76  ? 38  VAL B N   1 
ATOM   835  C CA  . VAL B 1 26 ? 5.719   -3.217  -0.032  1.00 42.99  ? 38  VAL B CA  1 
ATOM   836  C C   . VAL B 1 26 ? 5.117   -2.824  1.303   1.00 44.52  ? 38  VAL B C   1 
ATOM   837  O O   . VAL B 1 26 ? 5.825   -2.294  2.152   1.00 48.04  ? 38  VAL B O   1 
ATOM   838  C CB  . VAL B 1 26 ? 6.399   -4.590  0.112   1.00 48.07  ? 38  VAL B CB  1 
ATOM   839  C CG1 . VAL B 1 26 ? 5.414   -5.637  0.629   1.00 41.10  ? 38  VAL B CG1 1 
ATOM   840  C CG2 . VAL B 1 26 ? 7.055   -5.012  -1.231  1.00 35.95  ? 38  VAL B CG2 1 
ATOM   841  N N   . ARG B 1 27 ? 3.819   -3.088  1.480   1.00 44.12  ? 39  ARG B N   1 
ATOM   842  C CA  . ARG B 1 27 ? 3.067   -2.712  2.678   1.00 47.42  ? 39  ARG B CA  1 
ATOM   843  C C   . ARG B 1 27 ? 2.559   -3.953  3.428   1.00 45.98  ? 39  ARG B C   1 
ATOM   844  O O   . ARG B 1 27 ? 2.264   -4.994  2.813   1.00 45.17  ? 39  ARG B O   1 
ATOM   845  C CB  . ARG B 1 27 ? 1.865   -1.832  2.284   1.00 47.54  ? 39  ARG B CB  1 
ATOM   846  C CG  . ARG B 1 27 ? 1.246   -1.060  3.452   1.00 51.62  ? 39  ARG B CG  1 
ATOM   847  C CD  . ARG B 1 27 ? 0.013   -0.256  3.022   1.00 49.15  ? 39  ARG B CD  1 
ATOM   848  N NE  . ARG B 1 27 ? -1.223  -1.017  3.163   1.00 47.31  ? 39  ARG B NE  1 
ATOM   849  C CZ  . ARG B 1 27 ? -2.415  -0.617  2.735   1.00 53.09  ? 39  ARG B CZ  1 
ATOM   850  N NH1 . ARG B 1 27 ? -2.546  0.554   2.126   1.00 42.91  ? 39  ARG B NH1 1 
ATOM   851  N NH2 . ARG B 1 27 ? -3.484  -1.395  2.915   1.00 49.44  ? 39  ARG B NH2 1 
ATOM   852  N N   . VAL B 1 28 ? 2.463   -3.852  4.753   1.00 46.16  ? 40  VAL B N   1 
ATOM   853  C CA  . VAL B 1 28 ? 1.850   -4.913  5.547   1.00 45.95  ? 40  VAL B CA  1 
ATOM   854  C C   . VAL B 1 28 ? 0.353   -4.817  5.375   1.00 45.25  ? 40  VAL B C   1 
ATOM   855  O O   . VAL B 1 28 ? -0.238  -3.791  5.697   1.00 45.46  ? 40  VAL B O   1 
ATOM   856  C CB  . VAL B 1 28 ? 2.221   -4.841  7.044   1.00 49.71  ? 40  VAL B CB  1 
ATOM   857  C CG1 . VAL B 1 28 ? 1.449   -5.880  7.858   1.00 40.18  ? 40  VAL B CG1 1 
ATOM   858  C CG2 . VAL B 1 28 ? 3.719   -5.060  7.222   1.00 42.36  ? 40  VAL B CG2 1 
ATOM   859  N N   . GLN B 1 29 ? -0.245  -5.885  4.842   1.00 45.52  ? 41  GLN B N   1 
ATOM   860  C CA  . GLN B 1 29 ? -1.688  -5.947  4.621   1.00 47.76  ? 41  GLN B CA  1 
ATOM   861  C C   . GLN B 1 29 ? -2.432  -6.343  5.898   1.00 45.43  ? 41  GLN B C   1 
ATOM   862  O O   . GLN B 1 29 ? -3.455  -5.758  6.244   1.00 46.53  ? 41  GLN B O   1 
ATOM   863  C CB  . GLN B 1 29 ? -1.996  -6.950  3.500   1.00 48.09  ? 41  GLN B CB  1 
ATOM   864  C CG  . GLN B 1 29 ? -3.475  -7.154  3.174   1.00 55.05  ? 41  GLN B CG  1 
ATOM   865  C CD  . GLN B 1 29 ? -4.149  -5.917  2.581   1.00 60.20  ? 41  GLN B CD  1 
ATOM   866  O OE1 . GLN B 1 29 ? -4.286  -5.804  1.361   1.00 53.64  ? 41  GLN B OE1 1 
ATOM   867  N NE2 . GLN B 1 29 ? -4.582  -4.994  3.443   1.00 49.42  ? 41  GLN B NE2 1 
ATOM   868  N N   . ALA B 1 30 ? -1.928  -7.365  6.572   1.00 44.90  ? 42  ALA B N   1 
ATOM   869  C CA  . ALA B 1 30 ? -2.571  -7.895  7.766   1.00 43.67  ? 42  ALA B CA  1 
ATOM   870  C C   . ALA B 1 30 ? -1.564  -8.704  8.561   1.00 42.27  ? 42  ALA B C   1 
ATOM   871  O O   . ALA B 1 30 ? -0.528  -9.113  8.048   1.00 41.14  ? 42  ALA B O   1 
ATOM   872  C CB  . ALA B 1 30 ? -3.821  -8.770  7.400   1.00 35.91  ? 42  ALA B CB  1 
ATOM   873  N N   . VAL B 1 31 ? -1.901  -8.929  9.822   1.00 46.26  ? 43  VAL B N   1 
ATOM   874  C CA  . VAL B 1 31 ? -1.071  -9.652  10.760  1.00 47.71  ? 43  VAL B CA  1 
ATOM   875  C C   . VAL B 1 31 ? -1.975  -10.682 11.430  1.00 47.87  ? 43  VAL B C   1 
ATOM   876  O O   . VAL B 1 31 ? -3.131  -10.390 11.727  1.00 42.13  ? 43  VAL B O   1 
ATOM   877  C CB  . VAL B 1 31 ? -0.487  -8.671  11.787  1.00 50.83  ? 43  VAL B CB  1 
ATOM   878  C CG1 . VAL B 1 31 ? 0.194   -9.409  12.922  1.00 58.46  ? 43  VAL B CG1 1 
ATOM   879  C CG2 . VAL B 1 31 ? 0.497   -7.705  11.082  1.00 46.34  ? 43  VAL B CG2 1 
ATOM   880  N N   . ASP B 1 32 ? -1.467  -11.894 11.635  1.00 48.83  ? 44  ASP B N   1 
ATOM   881  C CA  . ASP B 1 32 ? -2.293  -12.979 12.184  1.00 49.78  ? 44  ASP B CA  1 
ATOM   882  C C   . ASP B 1 32 ? -2.367  -12.879 13.699  1.00 48.44  ? 44  ASP B C   1 
ATOM   883  O O   . ASP B 1 32 ? -1.334  -12.811 14.361  1.00 50.85  ? 44  ASP B O   1 
ATOM   884  C CB  . ASP B 1 32 ? -1.731  -14.346 11.778  1.00 52.25  ? 44  ASP B CB  1 
ATOM   885  C CG  . ASP B 1 32 ? -1.811  -14.589 10.287  1.00 58.50  ? 44  ASP B CG  1 
ATOM   886  O OD1 . ASP B 1 32 ? -2.930  -14.812 9.779   1.00 74.18  ? 44  ASP B OD1 1 
ATOM   887  O OD2 . ASP B 1 32 ? -0.764  -14.552 9.612   1.00 70.45  ? 44  ASP B OD2 1 
ATOM   888  N N   . SER B 1 33 ? -3.588  -12.862 14.238  1.00 47.76  ? 45  SER B N   1 
ATOM   889  C CA  . SER B 1 33 ? -3.796  -12.848 15.688  1.00 51.17  ? 45  SER B CA  1 
ATOM   890  C C   . SER B 1 33 ? -3.091  -14.040 16.331  1.00 48.84  ? 45  SER B C   1 
ATOM   891  O O   . SER B 1 33 ? -3.272  -15.185 15.911  1.00 45.55  ? 45  SER B O   1 
ATOM   892  C CB  . SER B 1 33 ? -5.294  -12.872 16.041  1.00 51.38  ? 45  SER B CB  1 
ATOM   893  O OG  . SER B 1 33 ? -5.972  -11.756 15.478  1.00 58.37  ? 45  SER B OG  1 
ATOM   894  N N   . GLY B 1 34 ? -2.263  -13.757 17.329  1.00 50.00  ? 46  GLY B N   1 
ATOM   895  C CA  . GLY B 1 34 ? -1.458  -14.778 17.980  1.00 50.37  ? 46  GLY B CA  1 
ATOM   896  C C   . GLY B 1 34 ? -0.125  -15.052 17.301  1.00 50.33  ? 46  GLY B C   1 
ATOM   897  O O   . GLY B 1 34 ? 0.808   -15.537 17.947  1.00 49.94  ? 46  GLY B O   1 
ATOM   898  N N   . GLY B 1 35 ? -0.016  -14.724 16.013  1.00 47.97  ? 47  GLY B N   1 
ATOM   899  C CA  . GLY B 1 35 ? 1.166   -15.070 15.238  1.00 45.59  ? 47  GLY B CA  1 
ATOM   900  C C   . GLY B 1 35 ? 2.425   -14.333 15.665  1.00 44.07  ? 47  GLY B C   1 
ATOM   901  O O   . GLY B 1 35 ? 2.373   -13.462 16.526  1.00 36.19  ? 47  GLY B O   1 
ATOM   902  N N   . PRO B 1 36 ? 3.579   -14.711 15.086  1.00 48.19  ? 48  PRO B N   1 
ATOM   903  C CA  . PRO B 1 36 ? 4.854   -14.049 15.397  1.00 45.87  ? 48  PRO B CA  1 
ATOM   904  C C   . PRO B 1 36 ? 4.859   -12.543 15.130  1.00 42.87  ? 48  PRO B C   1 
ATOM   905  O O   . PRO B 1 36 ? 5.244   -11.768 15.997  1.00 47.42  ? 48  PRO B O   1 
ATOM   906  C CB  . PRO B 1 36 ? 5.861   -14.766 14.484  1.00 48.01  ? 48  PRO B CB  1 
ATOM   907  C CG  . PRO B 1 36 ? 5.229   -16.094 14.174  1.00 48.82  ? 48  PRO B CG  1 
ATOM   908  C CD  . PRO B 1 36 ? 3.750   -15.841 14.149  1.00 48.35  ? 48  PRO B CD  1 
ATOM   909  N N   . ALA B 1 37 ? 4.421   -12.139 13.946  1.00 46.46  ? 49  ALA B N   1 
ATOM   910  C CA  . ALA B 1 37 ? 4.455   -10.732 13.540  1.00 42.86  ? 49  ALA B CA  1 
ATOM   911  C C   . ALA B 1 37 ? 3.655   -9.850  14.495  1.00 46.66  ? 49  ALA B C   1 
ATOM   912  O O   . ALA B 1 37 ? 4.086   -8.738  14.821  1.00 47.30  ? 49  ALA B O   1 
ATOM   913  C CB  . ALA B 1 37 ? 3.945   -10.580 12.118  1.00 40.06  ? 49  ALA B CB  1 
ATOM   914  N N   . GLU B 1 38 ? 2.507   -10.353 14.959  1.00 44.99  ? 50  GLU B N   1 
ATOM   915  C CA  . GLU B 1 38 ? 1.667   -9.602  15.878  1.00 44.89  ? 50  GLU B CA  1 
ATOM   916  C C   . GLU B 1 38 ? 2.413   -9.332  17.160  1.00 43.38  ? 50  GLU B C   1 
ATOM   917  O O   . GLU B 1 38 ? 2.356   -8.236  17.694  1.00 43.94  ? 50  GLU B O   1 
ATOM   918  C CB  . GLU B 1 38 ? 0.363   -10.345 16.218  1.00 45.81  ? 50  GLU B CB  1 
ATOM   919  C CG  . GLU B 1 38 ? -0.685  -9.432  16.905  1.00 48.02  ? 50  GLU B CG  1 
ATOM   920  C CD  . GLU B 1 38 ? -1.819  -10.189 17.586  1.00 55.47  ? 50  GLU B CD  1 
ATOM   921  O OE1 . GLU B 1 38 ? -1.551  -11.180 18.303  1.00 66.33  ? 50  GLU B OE1 1 
ATOM   922  O OE2 . GLU B 1 38 ? -2.987  -9.772  17.426  1.00 68.34  ? 50  GLU B OE2 1 
ATOM   923  N N   . ARG B 1 39 ? 3.097   -10.346 17.668  1.00 45.63  ? 51  ARG B N   1 
ATOM   924  C CA  . ARG B 1 39 ? 3.703   -10.250 18.988  1.00 44.17  ? 51  ARG B CA  1 
ATOM   925  C C   . ARG B 1 39 ? 5.006   -9.458  18.934  1.00 42.88  ? 51  ARG B C   1 
ATOM   926  O O   . ARG B 1 39 ? 5.376   -8.786  19.902  1.00 44.49  ? 51  ARG B O   1 
ATOM   927  C CB  . ARG B 1 39 ? 3.938   -11.636 19.568  1.00 43.10  ? 51  ARG B CB  1 
ATOM   928  C CG  . ARG B 1 39 ? 4.352   -11.600 21.011  1.00 47.55  ? 51  ARG B CG  1 
ATOM   929  C CD  . ARG B 1 39 ? 4.645   -12.970 21.520  1.00 40.25  ? 51  ARG B CD  1 
ATOM   930  N NE  . ARG B 1 39 ? 3.456   -13.813 21.562  1.00 46.29  ? 51  ARG B NE  1 
ATOM   931  C CZ  . ARG B 1 39 ? 2.586   -13.855 22.571  1.00 39.75  ? 51  ARG B CZ  1 
ATOM   932  N NH1 . ARG B 1 39 ? 1.544   -14.681 22.516  1.00 45.26  ? 51  ARG B NH1 1 
ATOM   933  N NH2 . ARG B 1 39 ? 2.753   -13.081 23.636  1.00 46.25  ? 51  ARG B NH2 1 
ATOM   934  N N   . ALA B 1 40 ? 5.694   -9.548  17.801  1.00 42.38  ? 52  ALA B N   1 
ATOM   935  C CA  . ALA B 1 40 ? 6.868   -8.723  17.527  1.00 43.63  ? 52  ALA B CA  1 
ATOM   936  C C   . ALA B 1 40 ? 6.492   -7.241  17.390  1.00 46.59  ? 52  ALA B C   1 
ATOM   937  O O   . ALA B 1 40 ? 7.357   -6.379  17.509  1.00 50.42  ? 52  ALA B O   1 
ATOM   938  C CB  . ALA B 1 40 ? 7.572   -9.210  16.252  1.00 40.08  ? 52  ALA B CB  1 
ATOM   939  N N   . GLY B 1 41 ? 5.215   -6.955  17.110  1.00 46.94  ? 53  GLY B N   1 
ATOM   940  C CA  . GLY B 1 41 ? 4.704   -5.582  17.056  1.00 41.45  ? 53  GLY B CA  1 
ATOM   941  C C   . GLY B 1 41 ? 4.422   -5.054  15.657  1.00 40.99  ? 53  GLY B C   1 
ATOM   942  O O   . GLY B 1 41 ? 4.138   -3.879  15.483  1.00 40.32  ? 53  GLY B O   1 
ATOM   943  N N   . LEU B 1 42 ? 4.486   -5.911  14.647  1.00 43.25  ? 54  LEU B N   1 
ATOM   944  C CA  . LEU B 1 42 ? 4.146   -5.494  13.285  1.00 41.76  ? 54  LEU B CA  1 
ATOM   945  C C   . LEU B 1 42 ? 2.644   -5.198  13.240  1.00 41.79  ? 54  LEU B C   1 
ATOM   946  O O   . LEU B 1 42 ? 1.875   -5.785  13.984  1.00 43.01  ? 54  LEU B O   1 
ATOM   947  C CB  . LEU B 1 42 ? 4.460   -6.605  12.281  1.00 37.96  ? 54  LEU B CB  1 
ATOM   948  C CG  . LEU B 1 42 ? 5.226   -6.308  10.999  1.00 44.00  ? 54  LEU B CG  1 
ATOM   949  C CD1 . LEU B 1 42 ? 4.778   -7.277  9.911   1.00 41.46  ? 54  LEU B CD1 1 
ATOM   950  C CD2 . LEU B 1 42 ? 5.110   -4.879  10.540  1.00 46.69  ? 54  LEU B CD2 1 
ATOM   951  N N   . GLN B 1 43 ? 2.231   -4.302  12.353  1.00 44.89  ? 55  GLN B N   1 
ATOM   952  C CA  . GLN B 1 43 ? 0.823   -3.977  12.225  1.00 48.58  ? 55  GLN B CA  1 
ATOM   953  C C   . GLN B 1 43 ? 0.470   -3.550  10.815  1.00 47.75  ? 55  GLN B C   1 
ATOM   954  O O   . GLN B 1 43 ? 1.353   -3.223  10.005  1.00 41.56  ? 55  GLN B O   1 
ATOM   955  C CB  . GLN B 1 43 ? 0.431   -2.902  13.239  1.00 51.79  ? 55  GLN B CB  1 
ATOM   956  C CG  . GLN B 1 43 ? 1.325   -1.691  13.232  1.00 54.11  ? 55  GLN B CG  1 
ATOM   957  C CD  . GLN B 1 43 ? 0.866   -0.644  14.227  1.00 53.81  ? 55  GLN B CD  1 
ATOM   958  O OE1 . GLN B 1 43 ? 1.096   -0.768  15.434  1.00 49.60  ? 55  GLN B OE1 1 
ATOM   959  N NE2 . GLN B 1 43 ? 0.207   0.393   13.726  1.00 49.10  ? 55  GLN B NE2 1 
ATOM   960  N N   . GLN B 1 44 ? -0.827  -3.591  10.520  1.00 45.46  ? 56  GLN B N   1 
ATOM   961  C CA  . GLN B 1 44 ? -1.330  -3.169  9.218   1.00 46.97  ? 56  GLN B CA  1 
ATOM   962  C C   . GLN B 1 44 ? -0.846  -1.749  8.886   1.00 46.98  ? 56  GLN B C   1 
ATOM   963  O O   . GLN B 1 44 ? -0.647  -0.923  9.782   1.00 46.08  ? 56  GLN B O   1 
ATOM   964  C CB  . GLN B 1 44 ? -2.868  -3.287  9.142   1.00 41.65  ? 56  GLN B CB  1 
ATOM   965  C CG  . GLN B 1 44 ? -3.674  -2.398  10.070  1.00 54.66  ? 56  GLN B CG  1 
ATOM   966  C CD  . GLN B 1 44 ? -5.188  -2.614  9.936   1.00 52.94  ? 56  GLN B CD  1 
ATOM   967  N N   . LEU B 1 45 ? -0.622  -1.507  7.594   1.00 47.64  ? 57  LEU B N   1 
ATOM   968  C CA  . LEU B 1 45 ? -0.140  -0.220  7.052   1.00 52.07  ? 57  LEU B CA  1 
ATOM   969  C C   . LEU B 1 45 ? 1.348   0.073   7.278   1.00 49.01  ? 57  LEU B C   1 
ATOM   970  O O   . LEU B 1 45 ? 1.854   1.089   6.786   1.00 50.03  ? 57  LEU B O   1 
ATOM   971  C CB  . LEU B 1 45 ? -1.007  0.969   7.510   1.00 53.95  ? 57  LEU B CB  1 
ATOM   972  C CG  . LEU B 1 45 ? -2.417  1.081   6.911   1.00 57.50  ? 57  LEU B CG  1 
ATOM   973  C CD1 . LEU B 1 45 ? -3.276  2.016   7.745   1.00 57.67  ? 57  LEU B CD1 1 
ATOM   974  C CD2 . LEU B 1 45 ? -2.379  1.574   5.483   1.00 54.27  ? 57  LEU B CD2 1 
ATOM   975  N N   . ASP B 1 46 ? 2.054   -0.807  7.990   1.00 46.43  ? 58  ASP B N   1 
ATOM   976  C CA  . ASP B 1 46 ? 3.489   -0.669  8.135   1.00 43.41  ? 58  ASP B CA  1 
ATOM   977  C C   . ASP B 1 46 ? 4.082   -0.855  6.764   1.00 43.69  ? 58  ASP B C   1 
ATOM   978  O O   . ASP B 1 46 ? 3.773   -1.836  6.099   1.00 45.19  ? 58  ASP B O   1 
ATOM   979  C CB  . ASP B 1 46 ? 4.058   -1.721  9.086   1.00 49.49  ? 58  ASP B CB  1 
ATOM   980  C CG  . ASP B 1 46 ? 3.842   -1.380  10.548  1.00 48.58  ? 58  ASP B CG  1 
ATOM   981  O OD1 . ASP B 1 46 ? 3.302   -0.295  10.865  1.00 44.72  ? 58  ASP B OD1 1 
ATOM   982  O OD2 . ASP B 1 46 ? 4.230   -2.215  11.387  1.00 45.94  ? 58  ASP B OD2 1 
ATOM   983  N N   . THR B 1 47 ? 4.907   0.094   6.329   1.00 44.88  ? 59  THR B N   1 
ATOM   984  C CA  . THR B 1 47 ? 5.518   0.045   5.004   1.00 44.76  ? 59  THR B CA  1 
ATOM   985  C C   . THR B 1 47 ? 6.953   -0.433  5.204   1.00 45.34  ? 59  THR B C   1 
ATOM   986  O O   . THR B 1 47 ? 7.670   0.111   6.037   1.00 49.18  ? 59  THR B O   1 
ATOM   987  C CB  . THR B 1 47 ? 5.477   1.425   4.284   1.00 45.71  ? 59  THR B CB  1 
ATOM   988  O OG1 . THR B 1 47 ? 4.119   1.844   4.071   1.00 46.19  ? 59  THR B OG1 1 
ATOM   989  C CG2 . THR B 1 47 ? 6.171   1.365   2.943   1.00 46.38  ? 59  THR B CG2 1 
ATOM   990  N N   . VAL B 1 48 ? 7.352   -1.465  4.460   1.00 43.54  ? 60  VAL B N   1 
ATOM   991  C CA  . VAL B 1 48 ? 8.630   -2.135  4.668   1.00 41.99  ? 60  VAL B CA  1 
ATOM   992  C C   . VAL B 1 48 ? 9.712   -1.416  3.880   1.00 46.33  ? 60  VAL B C   1 
ATOM   993  O O   . VAL B 1 48 ? 9.614   -1.290  2.663   1.00 50.09  ? 60  VAL B O   1 
ATOM   994  C CB  . VAL B 1 48 ? 8.580   -3.609  4.212   1.00 48.82  ? 60  VAL B CB  1 
ATOM   995  C CG1 . VAL B 1 48 ? 9.946   -4.328  4.490   1.00 38.98  ? 60  VAL B CG1 1 
ATOM   996  C CG2 . VAL B 1 48 ? 7.394   -4.343  4.881   1.00 40.83  ? 60  VAL B CG2 1 
ATOM   997  N N   . LEU B 1 49 ? 10.727  -0.926  4.586   1.00 48.01  ? 61  LEU B N   1 
ATOM   998  C CA  . LEU B 1 49 ? 11.841  -0.230  3.961   1.00 48.02  ? 61  LEU B CA  1 
ATOM   999  C C   . LEU B 1 49 ? 13.093  -1.113  3.879   1.00 45.74  ? 61  LEU B C   1 
ATOM   1000 O O   . LEU B 1 49 ? 13.929  -0.931  2.992   1.00 48.70  ? 61  LEU B O   1 
ATOM   1001 C CB  . LEU B 1 49 ? 12.186  1.033   4.753   1.00 48.95  ? 61  LEU B CB  1 
ATOM   1002 C CG  . LEU B 1 49 ? 11.069  2.007   5.144   1.00 55.14  ? 61  LEU B CG  1 
ATOM   1003 C CD1 . LEU B 1 49 ? 11.658  3.103   6.055   1.00 38.97  ? 61  LEU B CD1 1 
ATOM   1004 C CD2 . LEU B 1 49 ? 10.384  2.620   3.926   1.00 41.85  ? 61  LEU B CD2 1 
ATOM   1005 N N   . GLN B 1 50 ? 13.229  -2.055  4.809   1.00 45.55  ? 62  GLN B N   1 
ATOM   1006 C CA  . GLN B 1 50 ? 14.486  -2.797  4.983   1.00 43.36  ? 62  GLN B CA  1 
ATOM   1007 C C   . GLN B 1 50 ? 14.221  -4.211  5.524   1.00 47.72  ? 62  GLN B C   1 
ATOM   1008 O O   . GLN B 1 50 ? 13.373  -4.391  6.412   1.00 41.62  ? 62  GLN B O   1 
ATOM   1009 C CB  . GLN B 1 50 ? 15.413  -2.017  5.921   1.00 41.12  ? 62  GLN B CB  1 
ATOM   1010 C CG  . GLN B 1 50 ? 16.819  -1.899  5.404   1.00 45.07  ? 62  GLN B CG  1 
ATOM   1011 C CD  . GLN B 1 50 ? 17.734  -1.104  6.297   1.00 46.75  ? 62  GLN B CD  1 
ATOM   1012 O OE1 . GLN B 1 50 ? 18.373  -0.150  5.845   1.00 48.42  ? 62  GLN B OE1 1 
ATOM   1013 N NE2 . GLN B 1 50 ? 17.846  -1.515  7.562   1.00 36.50  ? 62  GLN B NE2 1 
ATOM   1014 N N   . LEU B 1 51 ? 14.915  -5.204  4.951   1.00 49.03  ? 63  LEU B N   1 
ATOM   1015 C CA  . LEU B 1 51 ? 14.843  -6.608  5.394   1.00 49.03  ? 63  LEU B CA  1 
ATOM   1016 C C   . LEU B 1 51 ? 16.240  -7.099  5.700   1.00 48.42  ? 63  LEU B C   1 
ATOM   1017 O O   . LEU B 1 51 ? 17.115  -7.057  4.828   1.00 47.91  ? 63  LEU B O   1 
ATOM   1018 C CB  . LEU B 1 51 ? 14.228  -7.522  4.330   1.00 50.56  ? 63  LEU B CB  1 
ATOM   1019 C CG  . LEU B 1 51 ? 14.158  -9.023  4.698   1.00 49.51  ? 63  LEU B CG  1 
ATOM   1020 C CD1 . LEU B 1 51 ? 13.115  -9.294  5.810   1.00 37.61  ? 63  LEU B CD1 1 
ATOM   1021 C CD2 . LEU B 1 51 ? 13.823  -9.848  3.480   1.00 52.10  ? 63  LEU B CD2 1 
ATOM   1022 N N   . ASN B 1 52 ? 16.449  -7.564  6.931   1.00 48.58  ? 64  ASN B N   1 
ATOM   1023 C CA  . ASN B 1 52 ? 17.765  -8.021  7.393   1.00 48.92  ? 64  ASN B CA  1 
ATOM   1024 C C   . ASN B 1 52 ? 18.877  -7.062  6.978   1.00 51.58  ? 64  ASN B C   1 
ATOM   1025 O O   . ASN B 1 52 ? 19.902  -7.463  6.397   1.00 53.16  ? 64  ASN B O   1 
ATOM   1026 C CB  . ASN B 1 52 ? 18.054  -9.433  6.889   1.00 42.82  ? 64  ASN B CB  1 
ATOM   1027 C CG  . ASN B 1 52 ? 16.978  -10.414 7.275   1.00 54.84  ? 64  ASN B CG  1 
ATOM   1028 O OD1 . ASN B 1 52 ? 16.320  -10.286 8.326   1.00 49.21  ? 64  ASN B OD1 1 
ATOM   1029 N ND2 . ASN B 1 52 ? 16.777  -11.404 6.421   1.00 46.68  ? 64  ASN B ND2 1 
ATOM   1030 N N   . GLU B 1 53 ? 18.648  -5.787  7.285   1.00 53.22  ? 65  GLU B N   1 
ATOM   1031 C CA  . GLU B 1 53 ? 19.611  -4.726  7.032   1.00 58.11  ? 65  GLU B CA  1 
ATOM   1032 C C   . GLU B 1 53 ? 19.851  -4.518  5.539   1.00 57.80  ? 65  GLU B C   1 
ATOM   1033 O O   . GLU B 1 53 ? 20.896  -4.016  5.146   1.00 58.75  ? 65  GLU B O   1 
ATOM   1034 C CB  . GLU B 1 53 ? 20.936  -5.011  7.761   1.00 54.65  ? 65  GLU B CB  1 
ATOM   1035 N N   . ARG B 1 54 ? 18.878  -4.885  4.713   1.00 58.04  ? 66  ARG B N   1 
ATOM   1036 C CA  . ARG B 1 54 ? 18.980  -4.663  3.272   1.00 61.48  ? 66  ARG B CA  1 
ATOM   1037 C C   . ARG B 1 54 ? 17.794  -3.835  2.804   1.00 50.40  ? 66  ARG B C   1 
ATOM   1038 O O   . ARG B 1 54 ? 16.662  -4.197  3.067   1.00 51.44  ? 66  ARG B O   1 
ATOM   1039 C CB  . ARG B 1 54 ? 19.024  -5.984  2.514   1.00 60.95  ? 66  ARG B CB  1 
ATOM   1040 C CG  . ARG B 1 54 ? 20.084  -6.938  3.026   1.00 69.79  ? 66  ARG B CG  1 
ATOM   1041 C CD  . ARG B 1 54 ? 20.038  -8.265  2.267   1.00 76.26  ? 66  ARG B CD  1 
ATOM   1042 N NE  . ARG B 1 54 ? 20.838  -9.310  2.915   1.00 82.75  ? 66  ARG B NE  1 
ATOM   1043 C CZ  . ARG B 1 54 ? 22.168  -9.348  2.940   1.00 78.33  ? 66  ARG B CZ  1 
ATOM   1044 N NH1 . ARG B 1 54 ? 22.892  -8.386  2.369   1.00 76.92  ? 66  ARG B NH1 1 
ATOM   1045 N NH2 . ARG B 1 54 ? 22.785  -10.350 3.556   1.00 85.39  ? 66  ARG B NH2 1 
ATOM   1046 N N   . PRO B 1 55 ? 18.056  -2.705  2.122   1.00 50.02  ? 67  PRO B N   1 
ATOM   1047 C CA  . PRO B 1 55 ? 16.987  -1.871  1.595   1.00 49.52  ? 67  PRO B CA  1 
ATOM   1048 C C   . PRO B 1 55 ? 16.135  -2.591  0.562   1.00 48.41  ? 67  PRO B C   1 
ATOM   1049 O O   . PRO B 1 55 ? 16.662  -3.154  -0.382  1.00 53.44  ? 67  PRO B O   1 
ATOM   1050 C CB  . PRO B 1 55 ? 17.734  -0.692  0.955   1.00 48.82  ? 67  PRO B CB  1 
ATOM   1051 C CG  . PRO B 1 55 ? 19.119  -1.128  0.787   1.00 52.61  ? 67  PRO B CG  1 
ATOM   1052 C CD  . PRO B 1 55 ? 19.389  -2.142  1.828   1.00 52.46  ? 67  PRO B CD  1 
ATOM   1053 N N   . VAL B 1 56 ? 14.824  -2.553  0.756   1.00 47.39  ? 68  VAL B N   1 
ATOM   1054 C CA  . VAL B 1 56 ? 13.887  -3.248  -0.097  1.00 46.76  ? 68  VAL B CA  1 
ATOM   1055 C C   . VAL B 1 56 ? 12.804  -2.283  -0.539  1.00 48.94  ? 68  VAL B C   1 
ATOM   1056 O O   . VAL B 1 56 ? 11.716  -2.706  -0.909  1.00 52.53  ? 68  VAL B O   1 
ATOM   1057 C CB  . VAL B 1 56 ? 13.241  -4.464  0.643   1.00 48.53  ? 68  VAL B CB  1 
ATOM   1058 C CG1 . VAL B 1 56 ? 14.290  -5.554  0.925   1.00 48.04  ? 68  VAL B CG1 1 
ATOM   1059 C CG2 . VAL B 1 56 ? 12.592  -4.023  1.942   1.00 44.79  ? 68  VAL B CG2 1 
ATOM   1060 N N   . GLU B 1 57 ? 13.109  -0.987  -0.516  1.00 48.05  ? 69  GLU B N   1 
ATOM   1061 C CA  . GLU B 1 57 ? 12.127  0.054   -0.829  1.00 52.35  ? 69  GLU B CA  1 
ATOM   1062 C C   . GLU B 1 57 ? 11.614  -0.069  -2.269  1.00 53.65  ? 69  GLU B C   1 
ATOM   1063 O O   . GLU B 1 57 ? 10.451  0.231   -2.554  1.00 48.18  ? 69  GLU B O   1 
ATOM   1064 C CB  . GLU B 1 57 ? 12.729  1.457   -0.629  1.00 54.40  ? 69  GLU B CB  1 
ATOM   1065 C CG  . GLU B 1 57 ? 13.100  1.813   0.830   1.00 56.59  ? 69  GLU B CG  1 
ATOM   1066 C CD  . GLU B 1 57 ? 14.553  1.486   1.186   1.00 68.87  ? 69  GLU B CD  1 
ATOM   1067 O OE1 . GLU B 1 57 ? 15.005  1.860   2.296   1.00 63.56  ? 69  GLU B OE1 1 
ATOM   1068 O OE2 . GLU B 1 57 ? 15.248  0.865   0.350   1.00 69.38  ? 69  GLU B OE2 1 
ATOM   1069 N N   . HIS B 1 58 ? 12.500  -0.518  -3.152  1.00 49.16  ? 70  HIS B N   1 
ATOM   1070 C CA  . HIS B 1 58 ? 12.231  -0.635  -4.582  1.00 51.50  ? 70  HIS B CA  1 
ATOM   1071 C C   . HIS B 1 58 ? 11.711  -2.017  -4.997  1.00 48.39  ? 70  HIS B C   1 
ATOM   1072 O O   . HIS B 1 58 ? 11.483  -2.259  -6.175  1.00 48.95  ? 70  HIS B O   1 
ATOM   1073 C CB  . HIS B 1 58 ? 13.510  -0.308  -5.366  1.00 53.35  ? 70  HIS B CB  1 
ATOM   1074 C CG  . HIS B 1 58 ? 14.678  -1.189  -5.021  1.00 67.00  ? 70  HIS B CG  1 
ATOM   1075 N ND1 . HIS B 1 58 ? 15.205  -1.272  -3.747  1.00 58.49  ? 70  HIS B ND1 1 
ATOM   1076 C CD2 . HIS B 1 58 ? 15.433  -2.009  -5.794  1.00 67.03  ? 70  HIS B CD2 1 
ATOM   1077 C CE1 . HIS B 1 58 ? 16.228  -2.107  -3.750  1.00 63.56  ? 70  HIS B CE1 1 
ATOM   1078 N NE2 . HIS B 1 58 ? 16.387  -2.569  -4.979  1.00 69.97  ? 70  HIS B NE2 1 
ATOM   1079 N N   . TRP B 1 59 ? 11.508  -2.911  -4.031  1.00 46.51  ? 71  TRP B N   1 
ATOM   1080 C CA  . TRP B 1 59 ? 11.138  -4.284  -4.313  1.00 46.01  ? 71  TRP B CA  1 
ATOM   1081 C C   . TRP B 1 59 ? 9.644   -4.467  -4.512  1.00 49.97  ? 71  TRP B C   1 
ATOM   1082 O O   . TRP B 1 59 ? 8.824   -3.779  -3.895  1.00 47.13  ? 71  TRP B O   1 
ATOM   1083 C CB  . TRP B 1 59 ? 11.571  -5.211  -3.186  1.00 46.74  ? 71  TRP B CB  1 
ATOM   1084 C CG  . TRP B 1 59 ? 13.029  -5.488  -3.105  1.00 47.66  ? 71  TRP B CG  1 
ATOM   1085 C CD1 . TRP B 1 59 ? 14.048  -4.657  -3.459  1.00 49.16  ? 71  TRP B CD1 1 
ATOM   1086 C CD2 . TRP B 1 59 ? 13.642  -6.681  -2.596  1.00 47.83  ? 71  TRP B CD2 1 
ATOM   1087 N NE1 . TRP B 1 59 ? 15.257  -5.266  -3.227  1.00 42.18  ? 71  TRP B NE1 1 
ATOM   1088 C CE2 . TRP B 1 59 ? 15.040  -6.506  -2.691  1.00 45.90  ? 71  TRP B CE2 1 
ATOM   1089 C CE3 . TRP B 1 59 ? 13.143  -7.888  -2.088  1.00 50.63  ? 71  TRP B CE3 1 
ATOM   1090 C CZ2 . TRP B 1 59 ? 15.948  -7.487  -2.293  1.00 50.51  ? 71  TRP B CZ2 1 
ATOM   1091 C CZ3 . TRP B 1 59 ? 14.044  -8.865  -1.685  1.00 55.43  ? 71  TRP B CZ3 1 
ATOM   1092 C CH2 . TRP B 1 59 ? 15.430  -8.661  -1.788  1.00 53.74  ? 71  TRP B CH2 1 
ATOM   1093 N N   . LYS B 1 60 ? 9.321   -5.427  -5.376  1.00 48.07  ? 72  LYS B N   1 
ATOM   1094 C CA  . LYS B 1 60 ? 7.969   -5.886  -5.570  1.00 46.76  ? 72  LYS B CA  1 
ATOM   1095 C C   . LYS B 1 60 ? 7.545   -6.774  -4.402  1.00 47.51  ? 72  LYS B C   1 
ATOM   1096 O O   . LYS B 1 60 ? 8.356   -7.403  -3.747  1.00 49.34  ? 72  LYS B O   1 
ATOM   1097 C CB  . LYS B 1 60 ? 7.859   -6.686  -6.861  1.00 45.45  ? 72  LYS B CB  1 
ATOM   1098 C CG  . LYS B 1 60 ? 8.311   -5.932  -8.094  1.00 46.65  ? 72  LYS B CG  1 
ATOM   1099 C CD  . LYS B 1 60 ? 7.169   -5.384  -8.899  1.00 50.68  ? 72  LYS B CD  1 
ATOM   1100 C CE  . LYS B 1 60 ? 7.704   -4.622  -10.106 1.00 51.24  ? 72  LYS B CE  1 
ATOM   1101 N NZ  . LYS B 1 60 ? 6.655   -4.436  -11.121 1.00 51.10  ? 72  LYS B NZ  1 
ATOM   1102 N N   . CYS B 1 61 ? 6.248   -6.807  -4.166  1.00 49.01  ? 73  CYS B N   1 
ATOM   1103 C CA  . CYS B 1 61 ? 5.653   -7.675  -3.178  1.00 51.11  ? 73  CYS B CA  1 
ATOM   1104 C C   . CYS B 1 61 ? 6.192   -9.115  -3.252  1.00 49.59  ? 73  CYS B C   1 
ATOM   1105 O O   . CYS B 1 61 ? 6.680   -9.692  -2.269  1.00 49.09  ? 73  CYS B O   1 
ATOM   1106 C CB  . CYS B 1 61 ? 4.144   -7.701  -3.397  1.00 48.72  ? 73  CYS B CB  1 
ATOM   1107 S SG  . CYS B 1 61 ? 3.324   -8.394  -2.030  1.00 57.47  ? 73  CYS B SG  1 
ATOM   1108 N N   . VAL B 1 62 ? 6.085   -9.664  -4.450  1.00 53.94  ? 74  VAL B N   1 
ATOM   1109 C CA  . VAL B 1 62 ? 6.443   -11.039 -4.767  1.00 50.00  ? 74  VAL B CA  1 
ATOM   1110 C C   . VAL B 1 62 ? 7.949   -11.333 -4.624  1.00 48.85  ? 74  VAL B C   1 
ATOM   1111 O O   . VAL B 1 62 ? 8.333   -12.468 -4.329  1.00 53.72  ? 74  VAL B O   1 
ATOM   1112 C CB  . VAL B 1 62 ? 5.906   -11.364 -6.190  1.00 50.62  ? 74  VAL B CB  1 
ATOM   1113 C CG1 . VAL B 1 62 ? 6.840   -12.264 -6.947  1.00 61.34  ? 74  VAL B CG1 1 
ATOM   1114 C CG2 . VAL B 1 62 ? 4.491   -11.949 -6.092  1.00 41.68  ? 74  VAL B CG2 1 
ATOM   1115 N N   . GLU B 1 63 ? 8.790   -10.316 -4.807  1.00 47.93  ? 75  GLU B N   1 
ATOM   1116 C CA  . GLU B 1 63 ? 10.233  -10.437 -4.560  1.00 51.00  ? 75  GLU B CA  1 
ATOM   1117 C C   . GLU B 1 63 ? 10.535  -10.472 -3.057  1.00 51.29  ? 75  GLU B C   1 
ATOM   1118 O O   . GLU B 1 63 ? 11.382  -11.243 -2.607  1.00 47.11  ? 75  GLU B O   1 
ATOM   1119 C CB  . GLU B 1 63 ? 10.999  -9.295  -5.241  1.00 46.29  ? 75  GLU B CB  1 
ATOM   1120 C CG  . GLU B 1 63 ? 10.954  -9.375  -6.765  1.00 58.50  ? 75  GLU B CG  1 
ATOM   1121 C CD  . GLU B 1 63 ? 11.344  -8.077  -7.517  1.00 55.93  ? 75  GLU B CD  1 
ATOM   1122 O OE1 . GLU B 1 63 ? 11.490  -7.005  -6.902  1.00 51.84  ? 75  GLU B OE1 1 
ATOM   1123 O OE2 . GLU B 1 63 ? 11.500  -8.150  -8.755  1.00 51.85  ? 75  GLU B OE2 1 
ATOM   1124 N N   . LEU B 1 64 ? 9.833   -9.648  -2.277  1.00 51.96  ? 76  LEU B N   1 
ATOM   1125 C CA  . LEU B 1 64 ? 10.038  -9.622  -0.816  1.00 50.78  ? 76  LEU B CA  1 
ATOM   1126 C C   . LEU B 1 64 ? 9.596   -10.941 -0.193  1.00 47.39  ? 76  LEU B C   1 
ATOM   1127 O O   . LEU B 1 64 ? 10.292  -11.517 0.661   1.00 46.73  ? 76  LEU B O   1 
ATOM   1128 C CB  . LEU B 1 64 ? 9.234   -8.479  -0.196  1.00 53.14  ? 76  LEU B CB  1 
ATOM   1129 C CG  . LEU B 1 64 ? 9.565   -8.152  1.257   1.00 51.06  ? 76  LEU B CG  1 
ATOM   1130 C CD1 . LEU B 1 64 ? 10.999  -7.670  1.383   1.00 47.94  ? 76  LEU B CD1 1 
ATOM   1131 C CD2 . LEU B 1 64 ? 8.596   -7.112  1.787   1.00 45.61  ? 76  LEU B CD2 1 
ATOM   1132 N N   . ALA B 1 65 ? 8.426   -11.399 -0.637  1.00 42.85  ? 77  ALA B N   1 
ATOM   1133 C CA  . ALA B 1 65 ? 7.865   -12.687 -0.248  1.00 46.13  ? 77  ALA B CA  1 
ATOM   1134 C C   . ALA B 1 65 ? 8.822   -13.849 -0.511  1.00 45.26  ? 77  ALA B C   1 
ATOM   1135 O O   . ALA B 1 65 ? 8.940   -14.737 0.322   1.00 54.35  ? 77  ALA B O   1 
ATOM   1136 C CB  . ALA B 1 65 ? 6.550   -12.924 -0.978  1.00 40.94  ? 77  ALA B CB  1 
ATOM   1137 N N   . HIS B 1 66 ? 9.494   -13.850 -1.663  1.00 44.55  ? 78  HIS B N   1 
ATOM   1138 C CA  . HIS B 1 66 ? 10.398  -14.952 -2.010  1.00 45.62  ? 78  HIS B CA  1 
ATOM   1139 C C   . HIS B 1 66 ? 11.609  -14.981 -1.059  1.00 46.33  ? 78  HIS B C   1 
ATOM   1140 O O   . HIS B 1 66 ? 12.041  -16.044 -0.607  1.00 50.61  ? 78  HIS B O   1 
ATOM   1141 C CB  . HIS B 1 66 ? 10.860  -14.833 -3.476  1.00 42.14  ? 78  HIS B CB  1 
ATOM   1142 C CG  . HIS B 1 66 ? 11.703  -15.979 -3.941  1.00 43.04  ? 78  HIS B CG  1 
ATOM   1143 N ND1 . HIS B 1 66 ? 11.165  -17.182 -4.347  1.00 57.40  ? 78  HIS B ND1 1 
ATOM   1144 C CD2 . HIS B 1 66 ? 13.046  -16.109 -4.061  1.00 42.03  ? 78  HIS B CD2 1 
ATOM   1145 C CE1 . HIS B 1 66 ? 12.140  -18.000 -4.701  1.00 52.46  ? 78  HIS B CE1 1 
ATOM   1146 N NE2 . HIS B 1 66 ? 13.290  -17.371 -4.544  1.00 50.33  ? 78  HIS B NE2 1 
ATOM   1147 N N   . GLU B 1 67 ? 12.144  -13.802 -0.773  1.00 46.21  ? 79  GLU B N   1 
ATOM   1148 C CA  . GLU B 1 67 ? 13.300  -13.655 0.087   1.00 48.49  ? 79  GLU B CA  1 
ATOM   1149 C C   . GLU B 1 67 ? 12.951  -14.025 1.531   1.00 48.98  ? 79  GLU B C   1 
ATOM   1150 O O   . GLU B 1 67 ? 13.735  -14.694 2.224   1.00 48.26  ? 79  GLU B O   1 
ATOM   1151 C CB  . GLU B 1 67 ? 13.802  -12.207 0.031   1.00 47.22  ? 79  GLU B CB  1 
ATOM   1152 C CG  . GLU B 1 67 ? 15.091  -11.947 0.817   1.00 57.76  ? 79  GLU B CG  1 
ATOM   1153 C CD  . GLU B 1 67 ? 16.290  -12.714 0.276   1.00 70.13  ? 79  GLU B CD  1 
ATOM   1154 O OE1 . GLU B 1 67 ? 16.310  -13.025 -0.937  1.00 72.06  ? 79  GLU B OE1 1 
ATOM   1155 O OE2 . GLU B 1 67 ? 17.219  -13.002 1.062   1.00 74.50  ? 79  GLU B OE2 1 
ATOM   1156 N N   . ILE B 1 68 ? 11.785  -13.572 1.984   1.00 47.43  ? 80  ILE B N   1 
ATOM   1157 C CA  . ILE B 1 68 ? 11.331  -13.880 3.346   1.00 47.70  ? 80  ILE B CA  1 
ATOM   1158 C C   . ILE B 1 68 ? 11.157  -15.394 3.566   1.00 46.31  ? 80  ILE B C   1 
ATOM   1159 O O   . ILE B 1 68 ? 11.455  -15.899 4.645   1.00 47.66  ? 80  ILE B O   1 
ATOM   1160 C CB  . ILE B 1 68 ? 10.013  -13.140 3.673   1.00 48.25  ? 80  ILE B CB  1 
ATOM   1161 C CG1 . ILE B 1 68 ? 10.307  -11.676 3.987   1.00 51.22  ? 80  ILE B CG1 1 
ATOM   1162 C CG2 . ILE B 1 68 ? 9.257   -13.822 4.854   1.00 44.63  ? 80  ILE B CG2 1 
ATOM   1163 C CD1 . ILE B 1 68 ? 9.045   -10.768 3.943   1.00 41.97  ? 80  ILE B CD1 1 
ATOM   1164 N N   . ARG B 1 69 ? 10.682  -16.109 2.543   1.00 47.12  ? 81  ARG B N   1 
ATOM   1165 C CA  . ARG B 1 69 ? 10.425  -17.551 2.671   1.00 46.61  ? 81  ARG B CA  1 
ATOM   1166 C C   . ARG B 1 69 ? 11.698  -18.352 2.849   0.50 42.77  ? 81  ARG B C   1 
ATOM   1167 O O   . ARG B 1 69 ? 11.670  -19.441 3.389   1.00 48.08  ? 81  ARG B O   1 
ATOM   1168 C CB  . ARG B 1 69 ? 9.678   -18.092 1.448   1.00 44.11  ? 81  ARG B CB  1 
ATOM   1169 C CG  . ARG B 1 69 ? 8.218   -17.661 1.387   1.00 56.73  ? 81  ARG B CG  1 
ATOM   1170 C CD  . ARG B 1 69 ? 7.425   -18.516 0.405   1.00 53.37  ? 81  ARG B CD  1 
ATOM   1171 N NE  . ARG B 1 69 ? 6.159   -17.873 0.064   1.00 63.46  ? 81  ARG B NE  1 
ATOM   1172 C CZ  . ARG B 1 69 ? 5.966   -17.060 -0.975  1.00 65.84  ? 81  ARG B CZ  1 
ATOM   1173 N NH1 . ARG B 1 69 ? 6.957   -16.771 -1.825  1.00 61.96  ? 81  ARG B NH1 1 
ATOM   1174 N NH2 . ARG B 1 69 ? 4.764   -16.533 -1.172  1.00 74.44  ? 81  ARG B NH2 1 
ATOM   1175 N N   . SER B 1 70 ? 12.805  -17.818 2.366   1.00 41.98  ? 82  SER B N   1 
ATOM   1176 C CA  . SER B 1 70 ? 14.103  -18.496 2.461   1.00 45.73  ? 82  SER B CA  1 
ATOM   1177 C C   . SER B 1 70 ? 14.851  -18.221 3.777   1.00 45.90  ? 82  SER B C   1 
ATOM   1178 O O   . SER B 1 70 ? 15.879  -18.838 4.025   1.00 46.74  ? 82  SER B O   1 
ATOM   1179 C CB  . SER B 1 70 ? 14.999  -18.097 1.273   1.00 42.67  ? 82  SER B CB  1 
ATOM   1180 O OG  . SER B 1 70 ? 15.229  -16.694 1.266   1.00 50.78  ? 82  SER B OG  1 
ATOM   1181 N N   . CYS B 1 71 ? 14.357  -17.289 4.599   1.00 47.77  ? 83  CYS B N   1 
ATOM   1182 C CA  . CYS B 1 71 ? 14.987  -17.009 5.890   1.00 50.11  ? 83  CYS B CA  1 
ATOM   1183 C C   . CYS B 1 71 ? 14.525  -18.051 6.897   1.00 51.66  ? 83  CYS B C   1 
ATOM   1184 O O   . CYS B 1 71 ? 13.335  -18.129 7.202   1.00 52.45  ? 83  CYS B O   1 
ATOM   1185 C CB  . CYS B 1 71 ? 14.651  -15.613 6.388   1.00 52.05  ? 83  CYS B CB  1 
ATOM   1186 S SG  . CYS B 1 71 ? 15.337  -14.319 5.344   1.00 56.26  ? 83  CYS B SG  1 
ATOM   1187 N N   . PRO B 1 72 ? 15.463  -18.869 7.401   1.00 50.77  ? 84  PRO B N   1 
ATOM   1188 C CA  . PRO B 1 72 ? 15.085  -20.021 8.209   1.00 51.96  ? 84  PRO B CA  1 
ATOM   1189 C C   . PRO B 1 72 ? 14.740  -19.748 9.685   1.00 50.88  ? 84  PRO B C   1 
ATOM   1190 O O   . PRO B 1 72 ? 13.911  -20.462 10.246  1.00 54.36  ? 84  PRO B O   1 
ATOM   1191 C CB  . PRO B 1 72 ? 16.307  -20.942 8.084   1.00 51.11  ? 84  PRO B CB  1 
ATOM   1192 C CG  . PRO B 1 72 ? 17.457  -20.015 7.876   1.00 52.42  ? 84  PRO B CG  1 
ATOM   1193 C CD  . PRO B 1 72 ? 16.923  -18.788 7.196   1.00 49.78  ? 84  PRO B CD  1 
ATOM   1194 N N   . SER B 1 73 ? 15.369  -18.758 10.311  1.00 49.80  ? 85  SER B N   1 
ATOM   1195 C CA  . SER B 1 73 ? 15.197  -18.543 11.755  1.00 52.57  ? 85  SER B CA  1 
ATOM   1196 C C   . SER B 1 73 ? 14.369  -17.308 12.081  1.00 51.82  ? 85  SER B C   1 
ATOM   1197 O O   . SER B 1 73 ? 13.317  -17.404 12.722  0.50 44.46  ? 85  SER B O   1 
ATOM   1198 C CB  . SER B 1 73 ? 16.558  -18.454 12.458  1.00 54.20  ? 85  SER B CB  1 
ATOM   1199 O OG  . SER B 1 73 ? 17.101  -19.744 12.660  1.00 55.47  ? 85  SER B OG  1 
ATOM   1200 N N   . GLU B 1 74 ? 14.865  -16.150 11.667  1.00 55.60  ? 86  GLU B N   1 
ATOM   1201 C CA  . GLU B 1 74 ? 14.149  -14.900 11.899  1.00 58.28  ? 86  GLU B CA  1 
ATOM   1202 C C   . GLU B 1 74 ? 14.432  -13.877 10.806  1.00 56.88  ? 86  GLU B C   1 
ATOM   1203 O O   . GLU B 1 74 ? 15.364  -14.023 10.009  1.00 56.77  ? 86  GLU B O   1 
ATOM   1204 C CB  . GLU B 1 74 ? 14.476  -14.319 13.290  1.00 57.86  ? 86  GLU B CB  1 
ATOM   1205 C CG  . GLU B 1 74 ? 15.747  -13.474 13.381  1.00 59.21  ? 86  GLU B CG  1 
ATOM   1206 C CD  . GLU B 1 74 ? 15.973  -12.907 14.775  1.00 56.38  ? 86  GLU B CD  1 
ATOM   1207 N N   . ILE B 1 75 ? 13.593  -12.852 10.784  1.00 52.64  ? 87  ILE B N   1 
ATOM   1208 C CA  . ILE B 1 75 ? 13.799  -11.696 9.951   1.00 50.42  ? 87  ILE B CA  1 
ATOM   1209 C C   . ILE B 1 75 ? 13.663  -10.457 10.830  1.00 53.91  ? 87  ILE B C   1 
ATOM   1210 O O   . ILE B 1 75 ? 12.959  -10.473 11.845  1.00 51.74  ? 87  ILE B O   1 
ATOM   1211 C CB  . ILE B 1 75 ? 12.779  -11.620 8.781   1.00 54.19  ? 87  ILE B CB  1 
ATOM   1212 C CG1 . ILE B 1 75 ? 11.340  -11.608 9.293   1.00 46.92  ? 87  ILE B CG1 1 
ATOM   1213 C CG2 . ILE B 1 75 ? 12.984  -12.780 7.796   1.00 51.01  ? 87  ILE B CG2 1 
ATOM   1214 C CD1 . ILE B 1 75 ? 10.322  -11.303 8.223   1.00 45.49  ? 87  ILE B CD1 1 
ATOM   1215 N N   . ILE B 1 76 ? 14.352  -9.394  10.429  1.00 55.47  ? 88  ILE B N   1 
ATOM   1216 C CA  . ILE B 1 76 ? 14.223  -8.088  11.047  1.00 52.17  ? 88  ILE B CA  1 
ATOM   1217 C C   . ILE B 1 76 ? 13.756  -7.127  9.961   1.00 50.57  ? 88  ILE B C   1 
ATOM   1218 O O   . ILE B 1 76 ? 14.430  -6.955  8.949   1.00 53.34  ? 88  ILE B O   1 
ATOM   1219 C CB  . ILE B 1 76 ? 15.567  -7.595  11.626  1.00 54.02  ? 88  ILE B CB  1 
ATOM   1220 C CG1 . ILE B 1 76 ? 16.150  -8.613  12.615  1.00 54.25  ? 88  ILE B CG1 1 
ATOM   1221 C CG2 . ILE B 1 76 ? 15.382  -6.251  12.314  1.00 55.71  ? 88  ILE B CG2 1 
ATOM   1222 C CD1 . ILE B 1 76 ? 17.645  -8.491  12.793  1.00 57.55  ? 88  ILE B CD1 1 
ATOM   1223 N N   . LEU B 1 77 ? 12.590  -6.526  10.167  1.00 49.84  ? 89  LEU B N   1 
ATOM   1224 C CA  . LEU B 1 77 ? 12.050  -5.519  9.262   1.00 47.51  ? 89  LEU B CA  1 
ATOM   1225 C C   . LEU B 1 77 ? 12.245  -4.120  9.830   1.00 50.57  ? 89  LEU B C   1 
ATOM   1226 O O   . LEU B 1 77 ? 11.996  -3.899  11.018  1.00 56.09  ? 89  LEU B O   1 
ATOM   1227 C CB  . LEU B 1 77 ? 10.563  -5.763  9.062   1.00 51.19  ? 89  LEU B CB  1 
ATOM   1228 C CG  . LEU B 1 77 ? 10.175  -7.175  8.617   1.00 54.64  ? 89  LEU B CG  1 
ATOM   1229 C CD1 . LEU B 1 77 ? 8.671   -7.285  8.538   1.00 45.48  ? 89  LEU B CD1 1 
ATOM   1230 C CD2 . LEU B 1 77 ? 10.802  -7.508  7.278   1.00 50.33  ? 89  LEU B CD2 1 
ATOM   1231 N N   . LEU B 1 78 ? 12.720  -3.185  9.005   1.00 49.43  ? 90  LEU B N   1 
ATOM   1232 C CA  . LEU B 1 78 ? 12.581  -1.763  9.325   1.00 48.19  ? 90  LEU B CA  1 
ATOM   1233 C C   . LEU B 1 78 ? 11.374  -1.217  8.578   1.00 46.49  ? 90  LEU B C   1 
ATOM   1234 O O   . LEU B 1 78 ? 11.290  -1.345  7.362   1.00 45.99  ? 90  LEU B O   1 
ATOM   1235 C CB  . LEU B 1 78 ? 13.807  -0.953  8.936   1.00 48.53  ? 90  LEU B CB  1 
ATOM   1236 C CG  . LEU B 1 78 ? 13.748  0.442   9.573   1.00 51.56  ? 90  LEU B CG  1 
ATOM   1237 C CD1 . LEU B 1 78 ? 14.317  0.420   11.004  1.00 39.14  ? 90  LEU B CD1 1 
ATOM   1238 C CD2 . LEU B 1 78 ? 14.454  1.452   8.704   1.00 50.77  ? 90  LEU B CD2 1 
ATOM   1239 N N   . VAL B 1 79 ? 10.451  -0.604  9.312   1.00 46.18  ? 91  VAL B N   1 
ATOM   1240 C CA  . VAL B 1 79 ? 9.186   -0.146  8.745   1.00 42.83  ? 91  VAL B CA  1 
ATOM   1241 C C   . VAL B 1 79 ? 8.917   1.353   8.982   1.00 44.37  ? 91  VAL B C   1 
ATOM   1242 O O   . VAL B 1 79 ? 9.297   1.915   10.008  1.00 43.26  ? 91  VAL B O   1 
ATOM   1243 C CB  . VAL B 1 79 ? 8.004   -1.002  9.285   1.00 43.83  ? 91  VAL B CB  1 
ATOM   1244 C CG1 . VAL B 1 79 ? 8.299   -2.502  9.090   1.00 38.03  ? 91  VAL B CG1 1 
ATOM   1245 C CG2 . VAL B 1 79 ? 7.678   -0.676  10.763  1.00 38.89  ? 91  VAL B CG2 1 
ATOM   1246 N N   . TRP B 1 80 ? 8.286   1.995   8.001   1.00 48.61  ? 92  TRP B N   1 
ATOM   1247 C CA  . TRP B 1 80 ? 7.754   3.343   8.161   1.00 47.63  ? 92  TRP B CA  1 
ATOM   1248 C C   . TRP B 1 80 ? 6.316   3.190   8.626   1.00 48.44  ? 92  TRP B C   1 
ATOM   1249 O O   . TRP B 1 80 ? 5.519   2.481   7.988   1.00 47.69  ? 92  TRP B O   1 
ATOM   1250 C CB  . TRP B 1 80 ? 7.800   4.115   6.841   1.00 46.93  ? 92  TRP B CB  1 
ATOM   1251 N N   . ARG B 1 81 ? 5.982   3.852   9.733   1.00 45.14  ? 93  ARG B N   1 
ATOM   1252 C CA  . ARG B 1 81 ? 4.687   3.667   10.373  1.00 45.23  ? 93  ARG B CA  1 
ATOM   1253 C C   . ARG B 1 81 ? 3.941   4.959   10.698  1.00 47.51  ? 93  ARG B C   1 
ATOM   1254 O O   . ARG B 1 81 ? 4.514   5.927   11.196  1.00 48.81  ? 93  ARG B O   1 
ATOM   1255 C CB  . ARG B 1 81 ? 4.871   2.874   11.670  1.00 43.31  ? 93  ARG B CB  1 
ATOM   1256 C CG  . ARG B 1 81 ? 3.606   2.752   12.512  1.00 43.89  ? 93  ARG B CG  1 
ATOM   1257 C CD  . ARG B 1 81 ? 3.800   1.963   13.778  1.00 42.43  ? 93  ARG B CD  1 
ATOM   1258 N NE  . ARG B 1 81 ? 4.174   0.581   13.518  1.00 52.99  ? 93  ARG B NE  1 
ATOM   1259 C CZ  . ARG B 1 81 ? 4.395   -0.317  14.468  1.00 42.35  ? 93  ARG B CZ  1 
ATOM   1260 N NH1 . ARG B 1 81 ? 4.305   0.010   15.754  1.00 43.10  ? 93  ARG B NH1 1 
ATOM   1261 N NH2 . ARG B 1 81 ? 4.722   -1.547  14.124  1.00 44.05  ? 93  ARG B NH2 1 
ATOM   1262 N N   . MET B 1 82 ? 2.644   4.947   10.423  1.00 50.01  ? 94  MET B N   1 
ATOM   1263 C CA  . MET B 1 82 ? 1.699   5.800   11.163  1.00 55.30  ? 94  MET B CA  1 
ATOM   1264 C C   . MET B 1 82 ? 0.739   5.210   12.236  1.00 54.64  ? 94  MET B C   1 
ATOM   1265 O O   . MET B 1 82 ? -0.067  4.334   11.891  1.00 56.27  ? 94  MET B O   1 
ATOM   1266 C CB  . MET B 1 82 ? 1.334   7.135   10.487  1.00 51.78  ? 94  MET B CB  1 
ATOM   1267 C CG  . MET B 1 82 ? 0.128   7.840   11.070  1.00 57.87  ? 94  MET B CG  1 
ATOM   1268 S SD  . MET B 1 82 ? 0.228   9.601   10.745  1.00 76.69  ? 94  MET B SD  1 
ATOM   1269 N N   . VAL B 1 83 ? 0.803   5.612   13.512  1.00 55.41  ? 95  VAL B N   1 
ATOM   1270 C CA  . VAL B 1 83 ? 1.781   6.537   14.138  1.00 57.14  ? 95  VAL B CA  1 
ATOM   1271 C C   . VAL B 1 83 ? 1.707   8.066   14.123  1.00 57.48  ? 95  VAL B C   1 
ATOM   1272 O O   . VAL B 1 83 ? 1.014   8.667   14.959  1.00 58.45  ? 95  VAL B O   1 
ATOM   1273 C CB  . VAL B 1 83 ? 3.077   5.895   14.722  1.00 58.26  ? 95  VAL B CB  1 
ATOM   1274 C CG1 . VAL B 1 83 ? 4.278   6.260   13.887  1.00 56.00  ? 95  VAL B CG1 1 
ATOM   1275 C CG2 . VAL B 1 83 ? 3.278   6.322   16.177  1.00 57.81  ? 95  VAL B CG2 1 
HETATM 1276 S S   . SO4 C 2 .  ? -5.730  11.023  -22.224 1.00 61.64  ? 1   SO4 A S   1 
HETATM 1277 O O1  . SO4 C 2 .  ? -6.423  9.769   -21.924 1.00 65.44  ? 1   SO4 A O1  1 
HETATM 1278 O O2  . SO4 C 2 .  ? -4.478  11.016  -21.471 1.00 56.85  ? 1   SO4 A O2  1 
HETATM 1279 O O3  . SO4 C 2 .  ? -5.474  11.096  -23.659 1.00 78.14  ? 1   SO4 A O3  1 
HETATM 1280 O O4  . SO4 C 2 .  ? -6.516  12.204  -21.877 1.00 53.06  ? 1   SO4 A O4  1 
HETATM 1281 S S   . SO4 D 2 .  ? -13.481 -4.301  -12.094 1.00 111.71 ? 2   SO4 A S   1 
HETATM 1282 O O1  . SO4 D 2 .  ? -13.088 -5.321  -13.063 1.00 107.95 ? 2   SO4 A O1  1 
HETATM 1283 O O2  . SO4 D 2 .  ? -13.275 -4.811  -10.734 1.00 104.11 ? 2   SO4 A O2  1 
HETATM 1284 O O3  . SO4 D 2 .  ? -12.643 -3.123  -12.298 1.00 104.52 ? 2   SO4 A O3  1 
HETATM 1285 O O4  . SO4 D 2 .  ? -14.889 -3.957  -12.295 1.00 83.91  ? 2   SO4 A O4  1 
HETATM 1286 O O   . HOH E 3 .  ? -1.705  9.106   -15.556 1.00 27.14  ? 104 HOH A O   1 
HETATM 1287 O O   . HOH E 3 .  ? -9.049  3.009   -0.032  1.00 36.91  ? 105 HOH A O   1 
HETATM 1288 O O   . HOH E 3 .  ? -4.780  -1.057  -10.823 1.00 36.63  ? 106 HOH A O   1 
HETATM 1289 O O   . HOH E 3 .  ? 2.511   9.999   -2.468  1.00 35.36  ? 107 HOH A O   1 
HETATM 1290 O O   . HOH E 3 .  ? 4.278   9.317   -9.087  1.00 31.77  ? 108 HOH A O   1 
HETATM 1291 O O   . HOH E 3 .  ? 4.394   6.398   -10.802 1.00 42.22  ? 109 HOH A O   1 
HETATM 1292 O O   . HOH E 3 .  ? 3.187   3.061   -4.821  1.00 35.95  ? 110 HOH A O   1 
HETATM 1293 O O   . HOH E 3 .  ? -0.020  7.689   1.641   1.00 46.46  ? 111 HOH A O   1 
HETATM 1294 O O   . HOH E 3 .  ? -9.427  3.312   -15.883 1.00 37.80  ? 112 HOH A O   1 
HETATM 1295 O O   . HOH E 3 .  ? -2.429  -5.424  -4.348  1.00 40.21  ? 113 HOH A O   1 
HETATM 1296 O O   . HOH E 3 .  ? -11.421 1.642   -22.313 1.00 57.35  ? 114 HOH A O   1 
HETATM 1297 O O   . HOH E 3 .  ? -10.672 -0.562  -20.943 1.00 62.57  ? 115 HOH A O   1 
HETATM 1298 O O   . HOH E 3 .  ? -8.794  -6.458  -3.504  1.00 39.93  ? 116 HOH A O   1 
HETATM 1299 O O   . HOH E 3 .  ? 1.497   17.608  -2.328  1.00 57.48  ? 117 HOH A O   1 
HETATM 1300 O O   . HOH E 3 .  ? -9.087  0.890   -16.943 1.00 44.85  ? 118 HOH A O   1 
HETATM 1301 O O   . HOH E 3 .  ? 2.663   9.286   0.108   1.00 41.83  ? 119 HOH A O   1 
HETATM 1302 O O   . HOH E 3 .  ? -13.805 12.854  -3.265  1.00 36.59  ? 120 HOH A O   1 
HETATM 1303 O O   . HOH E 3 .  ? 2.558   2.107   1.631   1.00 42.94  ? 121 HOH A O   1 
HETATM 1304 O O   . HOH E 3 .  ? -9.812  -2.717  -13.464 1.00 47.95  ? 122 HOH A O   1 
HETATM 1305 O O   . HOH E 3 .  ? -6.306  17.803  -9.344  1.00 38.10  ? 123 HOH A O   1 
HETATM 1306 O O   . HOH E 3 .  ? -7.627  3.945   -14.680 1.00 46.74  ? 124 HOH A O   1 
HETATM 1307 O O   . HOH F 3 .  ? 9.313   -2.665  0.330   1.00 28.00  ? 104 HOH B O   1 
HETATM 1308 O O   . HOH F 3 .  ? 1.087   -12.464 13.498  1.00 43.35  ? 105 HOH B O   1 
HETATM 1309 O O   . HOH F 3 .  ? -4.221  -6.865  10.989  1.00 42.47  ? 106 HOH B O   1 
HETATM 1310 O O   . HOH F 3 .  ? -0.135  -6.374  -4.201  1.00 44.12  ? 107 HOH B O   1 
HETATM 1311 O O   . HOH F 3 .  ? 4.389   -8.193  -6.777  1.00 31.13  ? 108 HOH B O   1 
HETATM 1312 O O   . HOH F 3 .  ? 16.638  -16.728 9.511   1.00 38.80  ? 109 HOH B O   1 
HETATM 1313 O O   . HOH F 3 .  ? 5.300   -15.874 6.229   1.00 34.33  ? 110 HOH B O   1 
HETATM 1314 O O   . HOH F 3 .  ? 1.022   -12.008 1.572   1.00 30.37  ? 111 HOH B O   1 
HETATM 1315 O O   . HOH F 3 .  ? 3.539   -14.885 3.892   1.00 52.10  ? 112 HOH B O   1 
HETATM 1316 O O   . HOH F 3 .  ? 5.880   -14.422 2.911   1.00 43.45  ? 113 HOH B O   1 
HETATM 1317 O O   . HOH F 3 .  ? -2.411  -4.424  12.940  1.00 32.96  ? 114 HOH B O   1 
HETATM 1318 O O   . HOH F 3 .  ? 2.720   -12.910 0.340   1.00 43.60  ? 115 HOH B O   1 
HETATM 1319 O O   . HOH F 3 .  ? 0.918   0.865   10.853  1.00 41.06  ? 116 HOH B O   1 
HETATM 1320 O O   . HOH F 3 .  ? 7.234   -14.856 -4.637  1.00 40.33  ? 117 HOH B O   1 
HETATM 1321 O O   . HOH F 3 .  ? 5.455   3.395   -5.311  1.00 51.80  ? 118 HOH B O   1 
HETATM 1322 O O   . HOH F 3 .  ? 3.865   2.747   17.780  1.00 45.79  ? 119 HOH B O   1 
HETATM 1323 O O   . HOH F 3 .  ? 0.869   -15.983 3.278   1.00 69.05  ? 120 HOH B O   1 
HETATM 1324 O O   . HOH F 3 .  ? 1.500   -22.528 7.533   1.00 61.36  ? 121 HOH B O   1 
HETATM 1325 O O   . HOH F 3 .  ? 7.998   -22.065 8.999   1.00 50.63  ? 122 HOH B O   1 
HETATM 1326 O O   . HOH F 3 .  ? -2.711  -2.675  5.413   1.00 44.13  ? 123 HOH B O   1 
HETATM 1327 O O   . HOH F 3 .  ? 17.623  -15.188 7.662   1.00 61.72  ? 124 HOH B O   1 
# 
